data_2VZV
#
_entry.id   2VZV
#
_cell.length_a   86.860
_cell.length_b   121.410
_cell.length_c   184.710
_cell.angle_alpha   90.00
_cell.angle_beta   90.00
_cell.angle_gamma   90.00
#
_symmetry.space_group_name_H-M   'P 21 21 21'
#
loop_
_entity.id
_entity.type
_entity.pdbx_description
1 polymer EXO-BETA-D-GLUCOSAMINIDASE
2 branched 2-amino-2-deoxy-beta-D-glucopyranose-(1-4)-2-amino-2-deoxy-beta-D-glucopyranose
3 water water
#
_entity_poly.entity_id   1
_entity_poly.type   'polypeptide(L)'
_entity_poly.pdbx_seq_one_letter_code
;VSFRQKRTRIPLLAMTVTALAAAVCGVTTAPAATGAEVAVPLSVGAAAGNATPIPGYVIQSSAQVSDDSAVSKPGFPTSG
WYPVSSRSTVYAGLLQNGKYADPFYSTNMQNVPAAQFSVPWWYRTDLNVDDTSSRTYLDFSGVLSKADVWVNGTKVATKD
QVNGAYTRHDLDITAQVHTGVNSVAFKVYPNDPNRDLSMGWIDWAQTPPDQNMGIVRDVLVRRSGAVALRSAHVIQKLNS
ALDHADLTVKADVRNDSANAVQTTVAGTVAGKPISQTVSLAAKERKTVTFPLVGLDRPNVWWPAGMGGQHRYDLDLTASV
GGTPSDAAKSKFGVRDVKATLNSSGGRQYSVNGKPLLIRGGGYTPDLFLRWNETAAADKLKYVLNLGLNTVRLEGHIEPD
EFFDIADDLGVLTMPGWECCDKWEGQVNGEEKGEPWVESDYPIAKASMFSEAERLRDHPSVISFHIGSDFAPDRRIEQGY
LDAMKAADFLLPVIPAASARPSPITGASGMKMNGPYDYVPPVYWYDKSQKDRGGAWSFNSATSAGVDIPTMDTLKRMMSA
SELDTMWKNPSAKQYHRSSSDTFGNLKLFGDALTKRYGASANLNDFVRKAQLSQYENVRAEFESHSRNYTDSTNPSTGLI
YWMLNSPWTSLHWQLFDAYMDQNGAYYGAKKANEPLHIQYSHDNRSVVVINQTSNAVSGLTATTKLYNLDGTEKYSNTKT
GLSVGALGAKATAVTVPAVSGLSTTYLAKNVLTDSSGKEVSRNVYWLSTKADTLNWGGSDWYYTPQSAFADLSGLNNLGQ
SAVGATANSVAGADGTTTTTVTLKNTSGGRLPAFYVDSKVVDSAGKPVLPVEWNDNAVSLWPGETTTLTAKYRTADLKGS
KPSVRISGWNTGTQTVPADGSGPGPSDPVDYQAEDATIVQGAVESNHAGYTGTGFVNYDNVAGSSVEWTVTVPSAGTYDV
VVRYANGTTTSRPLDFSVNGSISASGVAFGSTGTWPAWTTKTVRVTLAAGVNKIKAVATTANGGPNVDKITL
;
_entity_poly.pdbx_strand_id   A,B
#
# COMPACT_ATOMS: atom_id res chain seq x y z
N LEU A 42 32.11 -1.25 3.73
CA LEU A 42 31.36 -1.02 5.00
C LEU A 42 31.59 -2.13 6.05
N SER A 43 32.09 -1.71 7.22
CA SER A 43 32.36 -2.62 8.34
C SER A 43 31.46 -2.33 9.54
N VAL A 44 31.68 -3.10 10.61
CA VAL A 44 31.15 -2.81 11.95
C VAL A 44 32.14 -3.21 13.05
N GLY A 45 32.12 -2.43 14.13
CA GLY A 45 32.87 -2.75 15.35
C GLY A 45 31.97 -3.43 16.36
N ALA A 46 32.43 -4.58 16.87
CA ALA A 46 31.69 -5.40 17.83
C ALA A 46 31.29 -4.66 19.13
N ALA A 47 31.97 -3.55 19.43
CA ALA A 47 31.59 -2.70 20.56
C ALA A 47 30.07 -2.51 20.57
N ALA A 48 29.41 -3.02 21.61
CA ALA A 48 27.97 -2.97 21.71
C ALA A 48 27.48 -1.54 21.96
N GLY A 49 26.62 -1.05 21.07
CA GLY A 49 26.16 0.34 21.08
C GLY A 49 26.09 0.91 19.67
N ASN A 50 27.12 0.59 18.88
CA ASN A 50 27.27 0.94 17.45
C ASN A 50 25.95 1.01 16.66
N ALA A 51 25.82 2.09 15.89
CA ALA A 51 24.73 2.27 14.95
C ALA A 51 25.25 2.97 13.70
N THR A 52 26.09 2.26 12.94
CA THR A 52 26.69 2.80 11.71
C THR A 52 25.73 2.77 10.52
N PRO A 53 25.50 3.92 9.88
CA PRO A 53 24.73 3.90 8.63
C PRO A 53 25.50 3.34 7.42
N ILE A 54 24.80 2.57 6.58
CA ILE A 54 25.32 2.13 5.28
C ILE A 54 25.60 3.36 4.40
N PRO A 55 26.89 3.59 4.06
CA PRO A 55 27.31 4.79 3.30
C PRO A 55 26.94 4.80 1.81
N GLY A 56 26.65 3.63 1.23
CA GLY A 56 26.28 3.56 -0.18
C GLY A 56 25.74 2.21 -0.62
N TYR A 57 25.29 2.14 -1.87
CA TYR A 57 24.80 0.90 -2.46
C TYR A 57 25.22 0.83 -3.91
N VAL A 58 25.14 -0.36 -4.50
CA VAL A 58 25.06 -0.48 -5.96
C VAL A 58 23.60 -0.84 -6.29
N ILE A 59 23.00 -0.12 -7.24
CA ILE A 59 21.58 -0.37 -7.59
C ILE A 59 21.39 -0.85 -9.02
N GLN A 60 20.31 -1.59 -9.26
CA GLN A 60 19.95 -2.07 -10.58
C GLN A 60 18.49 -2.49 -10.62
N SER A 61 17.89 -2.38 -11.79
CA SER A 61 16.55 -2.92 -12.04
C SER A 61 16.47 -4.44 -11.76
N SER A 62 15.29 -4.88 -11.30
CA SER A 62 15.00 -6.29 -11.12
C SER A 62 14.92 -7.02 -12.47
N ALA A 63 14.80 -6.27 -13.56
CA ALA A 63 14.87 -6.81 -14.90
C ALA A 63 16.14 -7.62 -15.16
N GLN A 64 17.23 -7.24 -14.48
CA GLN A 64 18.54 -7.85 -14.64
C GLN A 64 18.74 -9.06 -13.72
N VAL A 65 17.75 -9.35 -12.86
CA VAL A 65 17.91 -10.39 -11.84
C VAL A 65 16.87 -11.51 -11.98
N SER A 66 17.37 -12.71 -12.28
CA SER A 66 16.52 -13.87 -12.48
C SER A 66 16.34 -14.63 -11.17
N ASP A 67 17.34 -14.53 -10.31
CA ASP A 67 17.34 -15.27 -9.04
C ASP A 67 17.49 -14.31 -7.87
N ASP A 68 16.35 -13.79 -7.40
CA ASP A 68 16.30 -12.86 -6.27
C ASP A 68 17.31 -13.20 -5.19
N SER A 69 17.31 -14.46 -4.73
CA SER A 69 18.15 -14.90 -3.60
C SER A 69 19.66 -14.74 -3.79
N ALA A 70 20.11 -14.60 -5.04
CA ALA A 70 21.54 -14.51 -5.35
C ALA A 70 22.15 -13.17 -4.92
N VAL A 71 21.35 -12.10 -5.05
CA VAL A 71 21.81 -10.72 -4.91
C VAL A 71 22.50 -10.48 -3.56
N SER A 72 22.00 -11.12 -2.51
CA SER A 72 22.53 -10.91 -1.18
C SER A 72 23.64 -11.89 -0.76
N LYS A 73 23.91 -12.89 -1.60
CA LYS A 73 25.05 -13.78 -1.38
C LYS A 73 26.34 -13.04 -1.68
N PRO A 74 27.26 -12.98 -0.71
CA PRO A 74 28.62 -12.44 -0.92
C PRO A 74 29.26 -12.90 -2.23
N GLY A 75 29.93 -11.97 -2.94
CA GLY A 75 30.57 -12.27 -4.22
C GLY A 75 29.66 -12.35 -5.45
N PHE A 76 28.36 -12.10 -5.27
CA PHE A 76 27.43 -11.89 -6.38
C PHE A 76 27.99 -10.81 -7.31
N PRO A 77 28.06 -11.10 -8.63
CA PRO A 77 28.65 -10.12 -9.57
C PRO A 77 27.74 -8.91 -9.79
N THR A 78 28.29 -7.69 -9.67
CA THR A 78 27.50 -6.46 -9.77
C THR A 78 27.97 -5.58 -10.91
N SER A 79 28.48 -6.21 -11.96
CA SER A 79 28.92 -5.49 -13.15
C SER A 79 27.76 -4.69 -13.76
N GLY A 80 28.05 -3.49 -14.24
CA GLY A 80 27.02 -2.65 -14.86
C GLY A 80 25.98 -2.11 -13.88
N TRP A 81 26.24 -2.24 -12.58
CA TRP A 81 25.36 -1.69 -11.56
C TRP A 81 25.76 -0.25 -11.22
N TYR A 82 24.80 0.55 -10.80
CA TYR A 82 25.07 1.96 -10.55
C TYR A 82 25.37 2.17 -9.08
N PRO A 83 26.58 2.70 -8.78
CA PRO A 83 26.85 3.05 -7.38
C PRO A 83 26.14 4.34 -7.01
N VAL A 84 25.45 4.32 -5.87
CA VAL A 84 24.70 5.49 -5.39
C VAL A 84 25.06 5.78 -3.94
N SER A 85 25.01 7.04 -3.56
CA SER A 85 25.28 7.38 -2.18
C SER A 85 24.05 7.01 -1.32
N SER A 86 24.18 7.17 -0.01
CA SER A 86 23.08 6.90 0.91
C SER A 86 21.93 7.91 0.73
N ARG A 87 20.70 7.48 0.99
CA ARG A 87 19.48 8.32 0.88
C ARG A 87 19.13 8.68 -0.56
N SER A 88 19.19 7.69 -1.43
CA SER A 88 18.93 7.88 -2.86
C SER A 88 17.63 7.30 -3.36
N THR A 89 16.87 8.11 -4.07
CA THR A 89 15.87 7.59 -4.99
C THR A 89 16.63 6.95 -6.16
N VAL A 90 15.99 6.00 -6.83
CA VAL A 90 16.57 5.36 -8.02
C VAL A 90 17.00 6.41 -9.02
N TYR A 91 16.10 7.35 -9.32
CA TYR A 91 16.37 8.37 -10.31
C TYR A 91 17.49 9.33 -9.88
N ALA A 92 17.48 9.76 -8.62
CA ALA A 92 18.61 10.51 -8.07
C ALA A 92 19.92 9.72 -8.19
N GLY A 93 19.83 8.40 -8.02
CA GLY A 93 20.98 7.51 -8.13
C GLY A 93 21.56 7.44 -9.55
N LEU A 94 20.65 7.35 -10.52
CA LEU A 94 21.04 7.39 -11.94
C LEU A 94 21.67 8.73 -12.33
N LEU A 95 21.12 9.84 -11.83
CA LEU A 95 21.65 11.17 -12.16
C LEU A 95 23.05 11.34 -11.59
N GLN A 96 23.24 10.86 -10.37
CA GLN A 96 24.53 10.80 -9.72
C GLN A 96 25.58 10.13 -10.63
N ASN A 97 25.12 9.26 -11.51
CA ASN A 97 25.97 8.56 -12.47
C ASN A 97 25.96 9.20 -13.86
N GLY A 98 25.40 10.40 -13.98
CA GLY A 98 25.34 11.14 -15.24
C GLY A 98 24.65 10.40 -16.37
N LYS A 99 23.70 9.52 -16.02
CA LYS A 99 23.00 8.73 -17.02
C LYS A 99 21.87 9.51 -17.72
N TYR A 100 21.37 10.57 -17.11
CA TYR A 100 20.44 11.47 -17.82
C TYR A 100 20.83 12.92 -17.64
N ALA A 101 20.31 13.78 -18.51
CA ALA A 101 20.60 15.21 -18.48
C ALA A 101 19.91 15.86 -17.28
N ASP A 102 20.37 17.04 -16.92
CA ASP A 102 19.87 17.81 -15.78
C ASP A 102 18.36 18.08 -15.88
N PRO A 103 17.56 17.48 -14.98
CA PRO A 103 16.12 17.70 -15.02
C PRO A 103 15.66 19.10 -14.60
N PHE A 104 16.56 19.92 -14.07
CA PHE A 104 16.19 21.29 -13.71
C PHE A 104 16.09 22.15 -14.95
N TYR A 105 16.63 21.65 -16.05
CA TYR A 105 16.66 22.42 -17.29
C TYR A 105 15.63 21.97 -18.29
N SER A 106 14.72 22.88 -18.64
CA SER A 106 13.77 22.68 -19.74
C SER A 106 12.99 21.37 -19.59
N THR A 107 12.82 20.66 -20.70
CA THR A 107 12.02 19.43 -20.71
C THR A 107 12.86 18.14 -20.60
N ASN A 108 14.06 18.25 -20.02
CA ASN A 108 14.95 17.10 -19.79
C ASN A 108 14.29 15.93 -19.04
N MET A 109 13.56 16.25 -17.98
CA MET A 109 12.91 15.22 -17.20
C MET A 109 11.88 14.43 -18.04
N GLN A 110 11.36 15.02 -19.10
CA GLN A 110 10.38 14.36 -19.96
C GLN A 110 10.94 13.30 -20.89
N ASN A 111 12.26 13.33 -21.12
CA ASN A 111 12.88 12.36 -22.02
C ASN A 111 13.30 11.10 -21.27
N VAL A 112 12.82 10.95 -20.04
CA VAL A 112 13.19 9.78 -19.24
C VAL A 112 12.08 8.75 -19.32
N PRO A 113 12.37 7.60 -19.93
CA PRO A 113 11.38 6.55 -20.01
C PRO A 113 10.95 6.13 -18.59
N ALA A 114 9.64 6.23 -18.34
CA ALA A 114 9.08 5.91 -17.04
C ALA A 114 8.93 4.40 -16.77
N ALA A 115 8.70 3.62 -17.83
CA ALA A 115 8.42 2.17 -17.71
C ALA A 115 9.42 1.38 -16.85
N GLN A 116 10.71 1.74 -16.96
CA GLN A 116 11.78 1.05 -16.23
C GLN A 116 11.60 1.11 -14.71
N PHE A 117 10.72 1.99 -14.26
CA PHE A 117 10.43 2.17 -12.84
C PHE A 117 9.06 1.59 -12.42
N SER A 118 8.50 0.73 -13.28
CA SER A 118 7.27 0.03 -12.97
C SER A 118 7.56 -1.35 -12.39
N VAL A 119 8.83 -1.73 -12.37
CA VAL A 119 9.27 -2.97 -11.71
C VAL A 119 10.20 -2.59 -10.56
N PRO A 120 10.39 -3.51 -9.59
CA PRO A 120 11.29 -3.24 -8.46
C PRO A 120 12.75 -3.03 -8.88
N TRP A 121 13.49 -2.28 -8.06
CA TRP A 121 14.91 -2.14 -8.24
C TRP A 121 15.61 -2.66 -7.00
N TRP A 122 16.84 -3.13 -7.18
CA TRP A 122 17.66 -3.67 -6.12
C TRP A 122 18.67 -2.67 -5.57
N TYR A 123 18.72 -2.59 -4.24
CA TYR A 123 19.72 -1.83 -3.50
C TYR A 123 20.59 -2.84 -2.75
N ARG A 124 21.90 -2.75 -2.98
CA ARG A 124 22.77 -3.83 -2.53
C ARG A 124 24.11 -3.30 -2.03
N THR A 125 24.55 -3.83 -0.89
CA THR A 125 25.86 -3.53 -0.32
C THR A 125 26.47 -4.69 0.42
N ASP A 126 27.80 -4.68 0.48
CA ASP A 126 28.57 -5.61 1.31
C ASP A 126 28.65 -5.05 2.70
N LEU A 127 28.90 -5.94 3.65
CA LEU A 127 28.95 -5.58 5.06
C LEU A 127 29.94 -6.47 5.79
N ASN A 128 31.11 -5.91 6.08
CA ASN A 128 32.12 -6.60 6.89
C ASN A 128 31.70 -6.68 8.36
N VAL A 129 31.86 -7.87 8.94
CA VAL A 129 31.55 -8.12 10.34
C VAL A 129 32.79 -8.75 11.00
N ASP A 130 33.45 -7.97 11.84
CA ASP A 130 34.72 -8.40 12.43
C ASP A 130 34.61 -9.48 13.49
N ASP A 131 33.41 -9.64 14.06
CA ASP A 131 33.22 -10.46 15.25
C ASP A 131 31.73 -10.56 15.59
N THR A 132 31.16 -11.74 15.36
CA THR A 132 29.74 -11.93 15.55
C THR A 132 29.45 -12.28 17.01
N SER A 133 30.18 -11.64 17.91
CA SER A 133 29.91 -11.82 19.34
C SER A 133 28.61 -11.11 19.69
N SER A 134 28.53 -9.82 19.34
CA SER A 134 27.31 -9.04 19.47
C SER A 134 26.31 -9.43 18.37
N ARG A 135 25.03 -9.26 18.66
CA ARG A 135 23.95 -9.41 17.70
C ARG A 135 24.04 -8.30 16.65
N THR A 136 23.34 -8.47 15.54
CA THR A 136 23.36 -7.49 14.46
C THR A 136 21.95 -7.12 14.03
N TYR A 137 21.70 -5.82 13.86
CA TYR A 137 20.38 -5.34 13.45
C TYR A 137 20.49 -4.42 12.25
N LEU A 138 19.46 -4.47 11.41
CA LEU A 138 19.17 -3.44 10.42
C LEU A 138 17.98 -2.66 10.93
N ASP A 139 18.16 -1.35 11.12
CA ASP A 139 17.11 -0.46 11.63
C ASP A 139 16.97 0.66 10.62
N PHE A 140 15.76 0.88 10.13
CA PHE A 140 15.56 1.86 9.04
C PHE A 140 14.12 2.35 8.82
N SER A 141 14.02 3.39 7.99
CA SER A 141 12.76 3.83 7.42
C SER A 141 13.09 4.56 6.12
N GLY A 142 12.09 5.08 5.42
CA GLY A 142 12.30 5.82 4.18
C GLY A 142 12.34 4.95 2.93
N VAL A 143 11.69 3.79 3.00
CA VAL A 143 11.55 2.91 1.84
C VAL A 143 10.27 3.23 1.05
N LEU A 144 10.44 3.62 -0.23
CA LEU A 144 9.30 3.87 -1.12
C LEU A 144 9.36 2.83 -2.21
N SER A 145 8.33 1.99 -2.31
CA SER A 145 7.11 2.08 -1.50
C SER A 145 7.06 0.97 -0.47
N LYS A 146 7.73 -0.14 -0.79
CA LYS A 146 7.83 -1.33 0.06
C LYS A 146 9.00 -2.14 -0.45
N ALA A 147 9.48 -3.11 0.34
CA ALA A 147 10.72 -3.81 0.03
C ALA A 147 10.80 -5.21 0.62
N ASP A 148 11.52 -6.09 -0.09
CA ASP A 148 12.02 -7.34 0.49
C ASP A 148 13.43 -7.11 1.02
N VAL A 149 13.76 -7.74 2.14
CA VAL A 149 15.09 -7.57 2.71
C VAL A 149 15.79 -8.91 2.77
N TRP A 150 16.98 -8.98 2.21
CA TRP A 150 17.71 -10.22 2.06
C TRP A 150 19.05 -10.10 2.74
N VAL A 151 19.44 -11.12 3.50
CA VAL A 151 20.80 -11.18 4.03
C VAL A 151 21.38 -12.56 3.77
N ASN A 152 22.52 -12.58 3.08
CA ASN A 152 23.26 -13.79 2.79
C ASN A 152 22.34 -14.91 2.31
N GLY A 153 21.63 -14.60 1.23
CA GLY A 153 20.73 -15.54 0.54
C GLY A 153 19.40 -15.81 1.24
N THR A 154 19.20 -15.17 2.40
CA THR A 154 17.98 -15.34 3.18
C THR A 154 17.10 -14.10 3.17
N LYS A 155 15.85 -14.28 2.76
CA LYS A 155 14.86 -13.21 2.77
C LYS A 155 14.40 -13.08 4.22
N VAL A 156 14.82 -11.99 4.88
CA VAL A 156 14.55 -11.80 6.31
C VAL A 156 13.28 -10.99 6.62
N ALA A 157 12.73 -10.32 5.60
CA ALA A 157 11.48 -9.57 5.71
C ALA A 157 10.81 -9.43 4.34
N THR A 158 9.48 -9.40 4.32
CA THR A 158 8.78 -9.26 3.04
C THR A 158 8.23 -7.85 2.84
N LYS A 159 7.80 -7.56 1.61
CA LYS A 159 7.20 -6.27 1.29
C LYS A 159 5.92 -6.01 2.06
N ASP A 160 5.35 -7.09 2.57
CA ASP A 160 4.18 -7.01 3.45
C ASP A 160 4.58 -6.56 4.85
N GLN A 161 5.76 -6.99 5.31
CA GLN A 161 6.27 -6.61 6.63
C GLN A 161 6.95 -5.25 6.60
N VAL A 162 7.58 -4.90 5.46
CA VAL A 162 8.27 -3.61 5.25
C VAL A 162 7.55 -2.77 4.19
N ASN A 163 6.60 -1.95 4.63
CA ASN A 163 5.72 -1.21 3.71
C ASN A 163 5.41 0.20 4.23
N GLY A 164 5.69 1.21 3.41
CA GLY A 164 5.40 2.61 3.79
C GLY A 164 6.63 3.44 4.18
N ALA A 165 6.78 4.58 3.52
CA ALA A 165 7.96 5.43 3.68
C ALA A 165 8.30 5.73 5.12
N TYR A 166 7.27 5.88 5.96
CA TYR A 166 7.47 6.33 7.32
C TYR A 166 7.57 5.21 8.35
N THR A 167 7.35 3.97 7.94
CA THR A 167 7.37 2.87 8.90
C THR A 167 8.79 2.49 9.26
N ARG A 168 9.06 2.41 10.56
CA ARG A 168 10.37 2.00 11.03
C ARG A 168 10.47 0.48 11.13
N HIS A 169 11.67 -0.04 10.98
CA HIS A 169 11.89 -1.47 11.07
C HIS A 169 13.20 -1.80 11.77
N ASP A 170 13.11 -2.73 12.71
CA ASP A 170 14.23 -3.14 13.56
C ASP A 170 14.49 -4.64 13.38
N LEU A 171 15.20 -5.01 12.33
CA LEU A 171 15.35 -6.42 11.96
C LEU A 171 16.56 -7.08 12.64
N ASP A 172 16.23 -8.02 13.52
CA ASP A 172 17.17 -8.93 14.14
C ASP A 172 17.68 -9.90 13.06
N ILE A 173 18.93 -9.72 12.65
CA ILE A 173 19.53 -10.53 11.57
C ILE A 173 20.76 -11.31 12.05
N THR A 174 20.84 -11.51 13.37
CA THR A 174 21.93 -12.26 13.99
C THR A 174 22.02 -13.64 13.34
N ALA A 175 20.87 -14.28 13.20
CA ALA A 175 20.81 -15.63 12.66
C ALA A 175 21.48 -15.78 11.27
N GLN A 176 21.54 -14.71 10.48
CA GLN A 176 22.08 -14.81 9.11
C GLN A 176 23.48 -14.24 8.93
N VAL A 177 23.98 -13.48 9.92
CA VAL A 177 25.28 -12.81 9.80
C VAL A 177 26.42 -13.72 10.27
N HIS A 178 27.54 -13.68 9.56
CA HIS A 178 28.77 -14.42 9.90
C HIS A 178 30.00 -13.50 9.84
N THR A 179 31.13 -13.94 10.40
CA THR A 179 32.39 -13.18 10.34
C THR A 179 32.82 -12.95 8.91
N GLY A 180 33.56 -11.89 8.65
CA GLY A 180 34.07 -11.60 7.30
C GLY A 180 33.14 -10.74 6.45
N VAL A 181 33.07 -11.05 5.15
CA VAL A 181 32.23 -10.31 4.16
C VAL A 181 30.78 -10.86 4.08
N ASN A 182 29.79 -10.02 4.45
CA ASN A 182 28.37 -10.35 4.36
C ASN A 182 27.69 -9.52 3.28
N SER A 183 26.47 -9.86 2.92
CA SER A 183 25.73 -9.01 2.00
C SER A 183 24.25 -8.84 2.32
N VAL A 184 23.77 -7.62 2.09
CA VAL A 184 22.42 -7.19 2.41
C VAL A 184 21.86 -6.60 1.10
N ALA A 185 20.63 -6.97 0.75
CA ALA A 185 20.02 -6.41 -0.45
C ALA A 185 18.54 -6.14 -0.24
N PHE A 186 18.10 -4.96 -0.67
CA PHE A 186 16.69 -4.63 -0.66
C PHE A 186 16.13 -4.71 -2.08
N LYS A 187 14.99 -5.37 -2.23
CA LYS A 187 14.23 -5.33 -3.48
C LYS A 187 13.13 -4.31 -3.26
N VAL A 188 13.43 -3.07 -3.65
CA VAL A 188 12.53 -1.94 -3.43
C VAL A 188 11.51 -1.90 -4.55
N TYR A 189 10.23 -1.94 -4.20
CA TYR A 189 9.13 -1.95 -5.17
C TYR A 189 8.71 -0.55 -5.64
N PRO A 190 8.20 -0.44 -6.88
CA PRO A 190 7.77 0.84 -7.46
C PRO A 190 6.80 1.60 -6.59
N ASN A 191 6.71 2.90 -6.83
CA ASN A 191 5.98 3.78 -5.93
C ASN A 191 4.87 4.50 -6.62
N ASP A 192 3.68 4.38 -6.07
CA ASP A 192 2.52 5.09 -6.56
C ASP A 192 1.81 5.74 -5.36
N PRO A 193 1.94 7.07 -5.26
CA PRO A 193 1.44 7.89 -4.14
C PRO A 193 -0.07 7.83 -3.94
N ASN A 194 -0.80 7.37 -4.94
CA ASN A 194 -2.25 7.18 -4.80
C ASN A 194 -2.58 5.87 -4.10
N ARG A 195 -1.72 4.87 -4.35
CA ARG A 195 -1.90 3.52 -3.83
C ARG A 195 -1.15 3.34 -2.50
N ASP A 196 0.02 3.96 -2.39
CA ASP A 196 0.95 3.72 -1.29
C ASP A 196 1.02 4.83 -0.25
N LEU A 197 1.04 4.44 1.03
CA LEU A 197 1.22 5.36 2.15
C LEU A 197 2.67 5.86 2.21
N SER A 198 2.91 6.85 1.38
CA SER A 198 4.23 7.15 0.86
C SER A 198 4.35 8.67 0.63
N MET A 199 5.06 9.09 -0.41
CA MET A 199 5.12 10.52 -0.76
C MET A 199 4.67 10.75 -2.19
N GLY A 200 3.91 11.81 -2.38
CA GLY A 200 3.49 12.24 -3.71
C GLY A 200 3.70 13.73 -3.85
N TRP A 201 3.63 14.23 -5.08
CA TRP A 201 3.93 15.63 -5.34
C TRP A 201 2.71 16.50 -5.70
N ILE A 202 1.53 15.95 -5.46
CA ILE A 202 0.30 16.73 -5.59
C ILE A 202 0.41 17.55 -6.88
N ASP A 203 0.45 18.87 -6.80
CA ASP A 203 0.47 19.71 -8.00
C ASP A 203 1.57 20.78 -7.94
N TRP A 204 2.63 20.50 -7.16
CA TRP A 204 3.67 21.48 -6.93
C TRP A 204 4.60 21.67 -8.13
N ALA A 205 4.81 20.60 -8.89
CA ALA A 205 5.82 20.57 -9.92
C ALA A 205 5.43 19.56 -11.00
N GLN A 206 6.32 18.62 -11.29
CA GLN A 206 6.04 17.57 -12.26
C GLN A 206 6.42 16.23 -11.65
N THR A 207 5.78 15.17 -12.11
CA THR A 207 6.01 13.83 -11.57
C THR A 207 7.41 13.32 -11.92
N PRO A 208 8.24 13.04 -10.89
CA PRO A 208 9.54 12.46 -11.21
C PRO A 208 9.32 11.09 -11.85
N PRO A 209 10.13 10.75 -12.89
CA PRO A 209 9.94 9.50 -13.65
C PRO A 209 9.94 8.23 -12.79
N ASP A 210 10.80 8.17 -11.77
CA ASP A 210 10.86 6.98 -10.90
C ASP A 210 9.79 7.01 -9.82
N GLN A 211 9.05 8.10 -9.80
CA GLN A 211 8.08 8.36 -8.75
C GLN A 211 8.66 8.13 -7.33
N ASN A 212 9.91 8.59 -7.15
CA ASN A 212 10.62 8.61 -5.85
C ASN A 212 10.96 7.25 -5.23
N MET A 213 10.78 6.16 -5.98
CA MET A 213 11.11 4.85 -5.45
C MET A 213 12.57 4.75 -4.98
N GLY A 214 12.79 4.06 -3.86
CA GLY A 214 14.12 3.89 -3.32
C GLY A 214 14.16 3.93 -1.82
N ILE A 215 15.34 4.26 -1.28
CA ILE A 215 15.56 4.36 0.17
C ILE A 215 16.08 5.75 0.52
N VAL A 216 15.22 6.57 1.10
CA VAL A 216 15.49 8.00 1.21
C VAL A 216 15.89 8.44 2.62
N ARG A 217 16.19 7.44 3.46
CA ARG A 217 16.78 7.66 4.76
C ARG A 217 17.90 6.66 4.94
N ASP A 218 18.60 6.73 6.06
CA ASP A 218 19.69 5.81 6.32
C ASP A 218 19.18 4.45 6.73
N VAL A 219 19.83 3.40 6.25
CA VAL A 219 19.72 2.08 6.86
C VAL A 219 20.87 1.97 7.86
N LEU A 220 20.50 1.75 9.13
CA LEU A 220 21.46 1.66 10.22
C LEU A 220 21.81 0.21 10.53
N VAL A 221 23.11 -0.08 10.53
CA VAL A 221 23.59 -1.34 11.08
C VAL A 221 23.85 -1.15 12.58
N ARG A 222 23.14 -1.93 13.37
CA ARG A 222 23.22 -1.85 14.82
C ARG A 222 23.87 -3.11 15.44
N ARG A 223 24.75 -2.88 16.42
CA ARG A 223 25.38 -3.96 17.18
C ARG A 223 25.13 -3.77 18.67
N SER A 224 24.70 -4.86 19.30
CA SER A 224 24.45 -4.94 20.74
C SER A 224 24.56 -6.39 21.22
N GLY A 225 24.61 -6.59 22.53
CA GLY A 225 24.62 -7.93 23.12
C GLY A 225 23.22 -8.48 23.24
N ALA A 226 22.95 -9.15 24.35
CA ALA A 226 21.68 -9.81 24.59
C ALA A 226 20.53 -8.81 24.59
N VAL A 227 20.83 -7.58 25.01
CA VAL A 227 19.81 -6.56 25.21
C VAL A 227 19.97 -5.37 24.26
N ALA A 228 18.87 -5.04 23.60
CA ALA A 228 18.81 -3.91 22.68
C ALA A 228 18.12 -2.73 23.37
N LEU A 229 18.71 -1.54 23.24
CA LEU A 229 18.09 -0.31 23.74
C LEU A 229 17.38 0.37 22.56
N ARG A 230 16.14 0.80 22.78
CA ARG A 230 15.32 1.40 21.71
C ARG A 230 14.39 2.45 22.33
N SER A 231 13.98 3.43 21.53
CA SER A 231 12.91 4.37 21.87
C SER A 231 13.12 5.22 23.15
N ALA A 232 14.38 5.52 23.47
CA ALA A 232 14.71 6.38 24.60
C ALA A 232 14.23 7.83 24.39
N HIS A 233 13.39 8.35 25.28
CA HIS A 233 12.89 9.71 25.17
C HIS A 233 12.67 10.39 26.52
N VAL A 234 12.31 11.68 26.50
CA VAL A 234 12.16 12.44 27.73
C VAL A 234 10.89 13.27 27.72
N ILE A 235 9.86 12.80 28.42
CA ILE A 235 8.68 13.63 28.66
C ILE A 235 9.15 14.79 29.51
N GLN A 236 8.85 16.02 29.10
CA GLN A 236 9.24 17.22 29.85
C GLN A 236 8.08 18.21 30.00
N LYS A 237 7.89 18.67 31.23
CA LYS A 237 6.76 19.50 31.58
C LYS A 237 7.30 20.67 32.38
N LEU A 238 7.16 21.86 31.80
CA LEU A 238 7.70 23.09 32.35
C LEU A 238 6.56 23.84 33.04
N ASN A 239 6.83 24.46 34.18
CA ASN A 239 5.79 25.22 34.87
C ASN A 239 5.54 26.58 34.20
N SER A 240 4.46 27.26 34.58
CA SER A 240 4.12 28.50 33.87
C SER A 240 4.92 29.72 34.30
N ALA A 241 5.73 29.60 35.35
CA ALA A 241 6.69 30.67 35.66
C ALA A 241 7.97 30.43 34.90
N LEU A 242 8.06 29.24 34.29
CA LEU A 242 9.23 28.83 33.48
C LEU A 242 10.53 28.67 34.29
N ASP A 243 10.45 28.43 35.61
CA ASP A 243 11.65 28.26 36.42
C ASP A 243 11.81 26.89 37.07
N HIS A 244 10.98 25.93 36.65
CA HIS A 244 11.13 24.55 37.08
C HIS A 244 10.57 23.61 36.02
N ALA A 245 11.26 22.49 35.78
CA ALA A 245 10.72 21.39 34.99
C ALA A 245 10.97 20.09 35.75
N ASP A 246 9.94 19.23 35.81
CA ASP A 246 10.14 17.92 36.40
C ASP A 246 10.07 16.99 35.10
N LEU A 247 11.14 16.22 34.83
CA LEU A 247 11.30 15.42 33.58
C LEU A 247 11.11 13.91 33.80
N THR A 248 10.42 13.22 32.89
CA THR A 248 10.27 11.77 32.96
C THR A 248 10.99 11.06 31.80
N VAL A 249 12.02 10.29 32.13
CA VAL A 249 12.75 9.54 31.12
C VAL A 249 12.08 8.17 30.94
N LYS A 250 11.87 7.81 29.68
CA LYS A 250 11.35 6.48 29.30
C LYS A 250 12.22 5.86 28.21
N ALA A 251 12.39 4.55 28.27
CA ALA A 251 13.15 3.82 27.25
C ALA A 251 12.77 2.36 27.26
N ASP A 252 12.80 1.76 26.08
CA ASP A 252 12.50 0.33 25.94
C ASP A 252 13.78 -0.50 25.95
N VAL A 253 13.69 -1.69 26.54
CA VAL A 253 14.73 -2.70 26.45
C VAL A 253 14.15 -4.03 25.98
N ARG A 254 14.87 -4.68 25.07
CA ARG A 254 14.44 -5.92 24.43
C ARG A 254 15.55 -6.98 24.49
N ASN A 255 15.17 -8.12 25.07
CA ASN A 255 16.08 -9.24 25.30
C ASN A 255 15.97 -10.21 24.14
N ASP A 256 16.88 -10.08 23.18
CA ASP A 256 16.85 -10.93 21.98
C ASP A 256 17.65 -12.25 22.13
N SER A 257 18.25 -12.48 23.29
CA SER A 257 18.93 -13.74 23.58
C SER A 257 17.93 -14.85 23.94
N ALA A 258 18.44 -16.08 24.12
CA ALA A 258 17.58 -17.26 24.33
C ALA A 258 17.18 -17.49 25.80
N ASN A 259 17.92 -16.86 26.72
CA ASN A 259 17.66 -16.99 28.16
C ASN A 259 17.29 -15.68 28.84
N ALA A 260 16.61 -15.80 29.98
CA ALA A 260 16.27 -14.65 30.83
C ALA A 260 17.55 -13.90 31.23
N VAL A 261 17.40 -12.59 31.38
CA VAL A 261 18.51 -11.73 31.79
C VAL A 261 17.98 -10.69 32.76
N GLN A 262 18.89 -10.11 33.53
CA GLN A 262 18.60 -8.88 34.23
C GLN A 262 19.38 -7.80 33.52
N THR A 263 18.76 -6.64 33.35
CA THR A 263 19.46 -5.49 32.78
C THR A 263 19.25 -4.18 33.55
N THR A 264 20.36 -3.46 33.76
CA THR A 264 20.33 -2.17 34.39
C THR A 264 20.44 -1.11 33.29
N VAL A 265 19.53 -0.14 33.32
CA VAL A 265 19.56 0.98 32.37
C VAL A 265 19.94 2.24 33.12
N ALA A 266 21.08 2.81 32.74
CA ALA A 266 21.67 3.84 33.54
C ALA A 266 22.37 4.88 32.70
N GLY A 267 22.40 6.09 33.23
CA GLY A 267 23.09 7.21 32.60
C GLY A 267 22.61 8.52 33.19
N THR A 268 22.68 9.58 32.37
CA THR A 268 22.31 10.92 32.81
C THR A 268 21.27 11.56 31.91
N VAL A 269 20.43 12.39 32.52
CA VAL A 269 19.54 13.26 31.78
C VAL A 269 19.71 14.66 32.35
N ALA A 270 20.14 15.60 31.52
CA ALA A 270 20.31 16.99 31.95
C ALA A 270 21.15 17.13 33.21
N GLY A 271 22.22 16.35 33.31
CA GLY A 271 23.15 16.46 34.43
C GLY A 271 22.73 15.70 35.67
N LYS A 272 21.83 14.75 35.51
CA LYS A 272 21.20 14.07 36.64
C LYS A 272 21.33 12.56 36.50
N PRO A 273 21.76 11.88 37.58
CA PRO A 273 21.92 10.43 37.47
C PRO A 273 20.57 9.79 37.38
N ILE A 274 20.42 8.82 36.48
CA ILE A 274 19.25 7.97 36.50
C ILE A 274 19.70 6.54 36.36
N SER A 275 18.93 5.64 36.93
CA SER A 275 19.27 4.22 36.95
C SER A 275 18.04 3.40 37.26
N GLN A 276 17.79 2.37 36.46
CA GLN A 276 16.72 1.44 36.76
C GLN A 276 17.19 0.07 36.35
N THR A 277 16.93 -0.91 37.21
CA THR A 277 17.18 -2.31 36.89
C THR A 277 15.85 -3.03 36.76
N VAL A 278 15.72 -3.83 35.70
CA VAL A 278 14.50 -4.61 35.47
C VAL A 278 14.86 -6.01 35.00
N SER A 279 13.89 -6.92 35.09
CA SER A 279 14.12 -8.29 34.62
C SER A 279 13.45 -8.52 33.29
N LEU A 280 14.00 -9.46 32.52
CA LEU A 280 13.50 -9.72 31.17
C LEU A 280 13.58 -11.20 30.79
N ALA A 281 12.42 -11.73 30.41
CA ALA A 281 12.32 -13.07 29.83
C ALA A 281 13.06 -13.05 28.49
N ALA A 282 13.25 -14.23 27.89
CA ALA A 282 13.82 -14.28 26.54
C ALA A 282 12.80 -13.73 25.58
N LYS A 283 13.27 -12.87 24.66
CA LYS A 283 12.47 -12.27 23.59
C LYS A 283 11.46 -11.23 24.12
N GLU A 284 11.73 -10.70 25.31
CA GLU A 284 10.79 -9.77 25.97
C GLU A 284 11.17 -8.29 25.84
N ARG A 285 10.18 -7.45 25.58
CA ARG A 285 10.33 -5.98 25.53
C ARG A 285 9.52 -5.25 26.61
N LYS A 286 10.21 -4.43 27.41
CA LYS A 286 9.60 -3.63 28.48
C LYS A 286 9.87 -2.14 28.28
N THR A 287 8.90 -1.30 28.63
CA THR A 287 9.15 0.14 28.71
C THR A 287 9.58 0.47 30.13
N VAL A 288 10.87 0.81 30.30
CA VAL A 288 11.35 1.35 31.56
C VAL A 288 10.94 2.81 31.73
N THR A 289 10.20 3.10 32.80
CA THR A 289 9.85 4.47 33.15
C THR A 289 10.69 4.87 34.33
N PHE A 290 11.60 5.82 34.13
CA PHE A 290 12.42 6.31 35.20
C PHE A 290 11.61 7.20 36.17
N PRO A 291 12.05 7.27 37.45
CA PRO A 291 11.39 8.17 38.39
C PRO A 291 11.61 9.63 38.00
N LEU A 292 10.61 10.47 38.28
CA LEU A 292 10.64 11.90 38.00
C LEU A 292 11.95 12.58 38.42
N VAL A 293 12.38 13.56 37.63
CA VAL A 293 13.60 14.33 37.88
C VAL A 293 13.31 15.83 37.74
N GLY A 294 13.45 16.56 38.85
CA GLY A 294 13.38 18.00 38.82
C GLY A 294 14.61 18.69 38.24
N LEU A 295 14.36 19.82 37.58
CA LEU A 295 15.38 20.65 36.99
C LEU A 295 15.06 22.11 37.33
N ASP A 296 15.52 22.53 38.51
CA ASP A 296 15.29 23.88 39.04
C ASP A 296 16.05 24.90 38.05
N ARG A 297 15.46 26.06 37.69
CA ARG A 297 16.01 27.05 36.65
C ARG A 297 16.48 26.50 35.27
N PRO A 298 15.57 25.90 34.46
CA PRO A 298 16.10 25.28 33.23
C PRO A 298 16.40 26.28 32.12
N ASN A 299 17.37 25.92 31.28
CA ASN A 299 17.72 26.69 30.10
C ASN A 299 16.65 26.48 29.01
N VAL A 300 15.52 27.15 29.21
CA VAL A 300 14.36 27.08 28.31
C VAL A 300 14.74 27.37 26.86
N TRP A 301 14.20 26.54 25.96
CA TRP A 301 14.38 26.68 24.53
C TRP A 301 13.38 27.70 23.99
N TRP A 302 13.86 28.61 23.14
CA TRP A 302 13.03 29.71 22.64
C TRP A 302 13.13 29.79 21.14
N PRO A 303 12.04 30.20 20.46
CA PRO A 303 12.10 30.54 19.04
C PRO A 303 13.14 31.61 18.75
N ALA A 304 13.67 31.61 17.53
CA ALA A 304 14.57 32.66 17.09
C ALA A 304 14.08 34.02 17.55
N GLY A 305 14.97 34.80 18.17
CA GLY A 305 14.66 36.17 18.59
C GLY A 305 13.97 36.31 19.95
N MET A 306 13.69 35.18 20.59
CA MET A 306 13.06 35.18 21.90
C MET A 306 13.95 34.64 23.03
N GLY A 307 15.19 34.28 22.70
CA GLY A 307 16.11 33.73 23.69
C GLY A 307 16.99 32.66 23.07
N GLY A 308 17.63 31.83 23.91
CA GLY A 308 18.51 30.75 23.45
C GLY A 308 17.77 29.57 22.81
N GLN A 309 18.53 28.71 22.13
CA GLN A 309 17.98 27.49 21.50
C GLN A 309 18.68 26.26 22.06
N HIS A 310 18.86 26.26 23.38
CA HIS A 310 19.59 25.21 24.04
C HIS A 310 18.82 23.91 24.03
N ARG A 311 19.57 22.82 23.94
CA ARG A 311 19.03 21.50 24.20
C ARG A 311 19.88 20.78 25.24
N TYR A 312 19.23 19.96 26.06
CA TYR A 312 19.89 19.12 27.03
C TYR A 312 20.14 17.75 26.41
N ASP A 313 20.90 16.90 27.10
CA ASP A 313 21.20 15.54 26.62
C ASP A 313 20.60 14.43 27.49
N LEU A 314 20.21 13.35 26.83
CA LEU A 314 19.91 12.09 27.49
C LEU A 314 20.93 11.08 27.01
N ASP A 315 21.42 10.26 27.92
CA ASP A 315 22.53 9.37 27.64
C ASP A 315 22.40 8.12 28.49
N LEU A 316 21.94 7.04 27.86
CA LEU A 316 21.68 5.79 28.57
C LEU A 316 22.51 4.64 28.03
N THR A 317 22.94 3.77 28.94
CA THR A 317 23.55 2.50 28.61
C THR A 317 22.71 1.46 29.29
N ALA A 318 22.32 0.43 28.54
CA ALA A 318 21.67 -0.75 29.09
C ALA A 318 22.74 -1.81 29.24
N SER A 319 22.83 -2.41 30.43
CA SER A 319 23.95 -3.29 30.81
C SER A 319 23.49 -4.68 31.22
N VAL A 320 24.31 -5.69 30.92
CA VAL A 320 24.05 -7.07 31.31
C VAL A 320 25.33 -7.71 31.82
N GLY A 321 25.23 -8.45 32.93
CA GLY A 321 26.37 -9.06 33.59
C GLY A 321 27.49 -8.06 33.87
N GLY A 322 27.14 -6.79 34.01
CA GLY A 322 28.12 -5.71 34.28
C GLY A 322 28.86 -5.19 33.05
N THR A 323 28.32 -5.47 31.87
CA THR A 323 28.88 -4.99 30.61
C THR A 323 27.81 -4.26 29.81
N PRO A 324 28.15 -3.06 29.29
CA PRO A 324 27.28 -2.41 28.31
C PRO A 324 26.81 -3.39 27.27
N SER A 325 25.49 -3.48 27.06
CA SER A 325 24.94 -4.27 25.97
C SER A 325 24.54 -3.34 24.82
N ASP A 326 23.98 -2.18 25.16
CA ASP A 326 23.63 -1.18 24.17
C ASP A 326 23.72 0.21 24.80
N ALA A 327 23.54 1.24 23.99
CA ALA A 327 23.65 2.62 24.45
C ALA A 327 23.00 3.56 23.45
N ALA A 328 22.40 4.63 23.96
CA ALA A 328 21.69 5.58 23.10
C ALA A 328 21.89 6.99 23.63
N LYS A 329 22.26 7.90 22.74
CA LYS A 329 22.44 9.31 23.04
C LYS A 329 21.40 10.10 22.27
N SER A 330 20.62 10.93 22.98
CA SER A 330 19.66 11.82 22.32
C SER A 330 19.62 13.21 22.95
N LYS A 331 18.84 14.09 22.33
CA LYS A 331 18.68 15.45 22.81
C LYS A 331 17.20 15.79 22.99
N PHE A 332 16.91 16.84 23.76
CA PHE A 332 15.55 17.34 23.95
C PHE A 332 15.59 18.79 24.40
N GLY A 333 14.51 19.52 24.15
CA GLY A 333 14.41 20.91 24.60
C GLY A 333 13.38 21.08 25.71
N VAL A 334 13.64 22.00 26.63
CA VAL A 334 12.65 22.36 27.64
C VAL A 334 11.87 23.57 27.14
N ARG A 335 10.62 23.32 26.74
CA ARG A 335 9.77 24.28 26.04
C ARG A 335 8.31 23.79 26.10
N ASP A 336 7.37 24.70 26.38
CA ASP A 336 5.95 24.41 26.25
C ASP A 336 5.33 24.96 24.95
N VAL A 337 4.31 24.27 24.44
CA VAL A 337 3.60 24.75 23.25
C VAL A 337 2.10 24.40 23.30
N LYS A 338 1.26 25.42 23.08
CA LYS A 338 -0.17 25.19 23.02
C LYS A 338 -0.70 25.72 21.70
N ALA A 339 -1.72 25.07 21.18
CA ALA A 339 -2.47 25.57 20.04
C ALA A 339 -3.95 25.49 20.36
N THR A 340 -4.50 26.54 20.95
CA THR A 340 -5.90 26.57 21.38
C THR A 340 -6.78 27.39 20.43
N LEU A 341 -8.07 27.09 20.41
CA LEU A 341 -9.04 27.86 19.62
C LEU A 341 -9.49 29.13 20.35
N ASN A 342 -9.28 30.31 19.75
CA ASN A 342 -9.76 31.58 20.33
C ASN A 342 -11.27 31.78 20.17
N SER A 343 -11.80 32.91 20.68
CA SER A 343 -13.27 33.10 20.77
C SER A 343 -13.97 33.18 19.41
N SER A 344 -13.23 33.54 18.36
CA SER A 344 -13.73 33.57 16.96
C SER A 344 -13.55 32.23 16.21
N GLY A 345 -12.99 31.22 16.89
CA GLY A 345 -12.84 29.87 16.32
C GLY A 345 -11.57 29.66 15.50
N GLY A 346 -10.54 30.44 15.79
CA GLY A 346 -9.26 30.35 15.10
C GLY A 346 -8.20 29.72 15.96
N ARG A 347 -7.29 28.99 15.32
CA ARG A 347 -6.23 28.28 16.03
C ARG A 347 -5.12 29.24 16.42
N GLN A 348 -4.69 29.20 17.68
CA GLN A 348 -3.71 30.16 18.17
C GLN A 348 -2.54 29.47 18.88
N TYR A 349 -1.36 29.56 18.29
CA TYR A 349 -0.14 29.04 18.90
C TYR A 349 0.42 29.98 19.96
N SER A 350 1.11 29.38 20.93
CA SER A 350 1.85 30.10 21.94
C SER A 350 2.99 29.18 22.35
N VAL A 351 4.15 29.78 22.60
CA VAL A 351 5.32 29.04 23.01
C VAL A 351 5.79 29.64 24.32
N ASN A 352 5.98 28.78 25.32
CA ASN A 352 6.31 29.19 26.69
C ASN A 352 5.38 30.27 27.24
N GLY A 353 4.08 30.08 26.97
CA GLY A 353 3.03 30.99 27.43
C GLY A 353 2.88 32.26 26.61
N LYS A 354 3.75 32.45 25.61
CA LYS A 354 3.71 33.64 24.77
C LYS A 354 3.02 33.33 23.45
N PRO A 355 1.85 33.95 23.21
CA PRO A 355 1.17 33.77 21.93
C PRO A 355 1.98 34.36 20.79
N LEU A 356 1.95 33.68 19.65
CA LEU A 356 2.62 34.13 18.44
C LEU A 356 1.66 34.11 17.27
N LEU A 357 1.78 35.08 16.39
CA LEU A 357 1.25 34.94 15.03
C LEU A 357 2.25 34.10 14.23
N ILE A 358 1.79 32.99 13.68
CA ILE A 358 2.65 32.12 12.87
C ILE A 358 2.88 32.80 11.52
N ARG A 359 4.13 33.04 11.18
CA ARG A 359 4.50 33.62 9.89
C ARG A 359 5.56 32.77 9.24
N GLY A 360 5.19 32.13 8.14
CA GLY A 360 6.09 31.24 7.44
C GLY A 360 5.57 30.77 6.11
N GLY A 361 6.10 29.65 5.64
CA GLY A 361 5.78 29.14 4.31
C GLY A 361 5.83 27.63 4.27
N GLY A 362 5.15 27.05 3.29
CA GLY A 362 5.11 25.61 3.14
C GLY A 362 6.44 25.18 2.61
N TYR A 363 7.08 24.22 3.29
CA TYR A 363 8.40 23.73 2.92
C TYR A 363 8.31 22.43 2.12
N THR A 364 9.20 22.31 1.14
CA THR A 364 9.33 21.13 0.30
C THR A 364 10.82 20.76 0.15
N PRO A 365 11.13 19.44 0.19
CA PRO A 365 12.50 19.03 -0.13
C PRO A 365 12.74 19.02 -1.66
N ASP A 366 13.90 18.55 -2.08
CA ASP A 366 14.24 18.42 -3.50
C ASP A 366 13.33 17.36 -4.15
N LEU A 367 12.91 17.64 -5.39
CA LEU A 367 11.93 16.82 -6.09
C LEU A 367 12.29 15.34 -6.20
N PHE A 368 13.59 15.03 -6.16
CA PHE A 368 14.06 13.64 -6.23
C PHE A 368 14.62 13.24 -4.87
N LEU A 369 14.25 14.02 -3.85
CA LEU A 369 14.63 13.82 -2.44
C LEU A 369 16.13 13.61 -2.22
N ARG A 370 16.93 14.34 -2.99
CA ARG A 370 18.37 14.44 -2.76
C ARG A 370 18.55 15.14 -1.43
N TRP A 371 19.26 14.50 -0.51
CA TRP A 371 19.55 15.11 0.79
C TRP A 371 20.98 15.61 0.86
N ASN A 372 21.13 16.76 1.50
CA ASN A 372 22.41 17.36 1.85
C ASN A 372 22.18 18.22 3.09
N GLU A 373 22.88 17.88 4.16
CA GLU A 373 22.76 18.56 5.45
C GLU A 373 22.98 20.07 5.34
N THR A 374 24.07 20.48 4.68
CA THR A 374 24.42 21.90 4.51
C THR A 374 23.27 22.65 3.83
N ALA A 375 22.84 22.13 2.68
CA ALA A 375 21.68 22.67 1.96
C ALA A 375 20.44 22.82 2.85
N ALA A 376 20.26 21.89 3.79
CA ALA A 376 19.12 21.96 4.70
C ALA A 376 19.28 23.13 5.68
N ALA A 377 20.49 23.32 6.19
CA ALA A 377 20.74 24.43 7.12
C ALA A 377 20.64 25.77 6.39
N ASP A 378 21.03 25.78 5.12
CA ASP A 378 21.07 27.00 4.34
C ASP A 378 19.63 27.48 4.15
N LYS A 379 18.76 26.54 3.79
CA LYS A 379 17.35 26.83 3.61
C LYS A 379 16.71 27.34 4.91
N LEU A 380 16.86 26.61 6.02
CA LEU A 380 16.34 27.08 7.30
C LEU A 380 16.92 28.45 7.68
N LYS A 381 18.20 28.68 7.37
CA LYS A 381 18.82 29.99 7.63
C LYS A 381 18.14 31.12 6.86
N TYR A 382 17.67 30.79 5.65
CA TYR A 382 16.91 31.72 4.79
C TYR A 382 15.58 32.15 5.41
N VAL A 383 14.93 31.23 6.13
CA VAL A 383 13.70 31.52 6.88
C VAL A 383 13.97 32.70 7.83
N LEU A 384 15.09 32.66 8.55
CA LEU A 384 15.49 33.75 9.47
C LEU A 384 15.93 35.03 8.74
N ASN A 385 16.53 34.86 7.57
CA ASN A 385 16.84 36.02 6.75
C ASN A 385 15.54 36.72 6.29
N LEU A 386 14.56 35.92 5.86
CA LEU A 386 13.22 36.38 5.52
C LEU A 386 12.47 36.97 6.73
N GLY A 387 12.93 36.65 7.93
CA GLY A 387 12.28 37.11 9.15
C GLY A 387 11.04 36.33 9.47
N LEU A 388 10.86 35.17 8.83
CA LEU A 388 9.73 34.27 9.15
C LEU A 388 10.01 33.54 10.47
N ASN A 389 9.00 32.90 11.05
CA ASN A 389 9.25 32.13 12.27
C ASN A 389 8.99 30.62 12.18
N THR A 390 8.41 30.16 11.07
CA THR A 390 7.89 28.81 10.98
C THR A 390 7.95 28.30 9.55
N VAL A 391 8.02 26.98 9.38
CA VAL A 391 7.78 26.33 8.08
C VAL A 391 6.76 25.21 8.29
N ARG A 392 6.00 24.91 7.25
CA ARG A 392 5.06 23.81 7.33
C ARG A 392 5.56 22.70 6.46
N LEU A 393 5.36 21.47 6.89
CA LEU A 393 5.70 20.35 6.01
C LEU A 393 4.46 19.57 5.68
N GLU A 394 3.93 19.75 4.47
CA GLU A 394 2.80 18.95 4.03
C GLU A 394 3.33 17.60 3.53
N GLY A 395 3.46 16.65 4.46
CA GLY A 395 4.12 15.38 4.19
C GLY A 395 5.57 15.61 3.81
N HIS A 396 6.17 14.67 3.09
CA HIS A 396 7.58 14.77 2.74
C HIS A 396 8.42 15.14 3.97
N ILE A 397 8.13 14.51 5.10
CA ILE A 397 8.77 14.86 6.37
C ILE A 397 10.27 14.51 6.39
N GLU A 398 11.08 15.57 6.43
CA GLU A 398 12.53 15.52 6.34
C GLU A 398 13.21 14.66 7.40
N PRO A 399 14.40 14.11 7.07
CA PRO A 399 15.22 13.33 8.00
C PRO A 399 15.50 14.09 9.28
N ASP A 400 15.95 13.37 10.31
CA ASP A 400 16.17 13.92 11.66
C ASP A 400 17.02 15.19 11.69
N GLU A 401 18.02 15.28 10.82
CA GLU A 401 18.98 16.39 10.86
C GLU A 401 18.31 17.74 10.60
N PHE A 402 17.33 17.75 9.70
CA PHE A 402 16.53 18.92 9.41
C PHE A 402 15.97 19.49 10.72
N PHE A 403 15.43 18.62 11.55
CA PHE A 403 14.82 19.03 12.80
C PHE A 403 15.85 19.42 13.88
N ASP A 404 17.02 18.76 13.86
CA ASP A 404 18.17 19.18 14.64
C ASP A 404 18.54 20.62 14.34
N ILE A 405 18.66 20.94 13.05
CA ILE A 405 19.04 22.27 12.61
C ILE A 405 17.96 23.27 13.02
N ALA A 406 16.71 22.96 12.69
CA ALA A 406 15.62 23.85 13.06
C ALA A 406 15.65 24.14 14.56
N ASP A 407 15.87 23.09 15.35
CA ASP A 407 16.01 23.23 16.79
C ASP A 407 17.09 24.22 17.14
N ASP A 408 18.25 24.10 16.51
CA ASP A 408 19.38 24.98 16.82
C ASP A 408 19.14 26.41 16.32
N LEU A 409 18.38 26.53 15.23
CA LEU A 409 18.12 27.84 14.67
C LEU A 409 16.94 28.50 15.37
N GLY A 410 16.08 27.70 15.98
CA GLY A 410 14.88 28.22 16.58
C GLY A 410 13.83 28.53 15.53
N VAL A 411 13.79 27.73 14.47
CA VAL A 411 12.78 27.86 13.42
C VAL A 411 11.68 26.84 13.72
N LEU A 412 10.43 27.29 13.78
CA LEU A 412 9.35 26.38 14.17
C LEU A 412 8.90 25.50 13.00
N THR A 413 8.54 24.26 13.29
CA THR A 413 8.10 23.34 12.24
C THR A 413 6.67 22.87 12.41
N MET A 414 5.96 22.72 11.29
CA MET A 414 4.55 22.30 11.28
C MET A 414 4.32 21.05 10.44
N PRO A 415 4.82 19.88 10.89
CA PRO A 415 4.69 18.67 10.09
C PRO A 415 3.30 18.04 10.13
N GLY A 416 2.94 17.27 9.09
CA GLY A 416 1.71 16.50 9.06
C GLY A 416 1.62 15.68 7.78
N TRP A 417 0.55 14.88 7.63
CA TRP A 417 0.31 14.12 6.38
C TRP A 417 -0.18 15.00 5.24
N GLU A 418 -0.01 14.52 4.01
CA GLU A 418 -0.34 15.33 2.83
C GLU A 418 -1.72 15.02 2.26
N CYS A 419 -2.23 15.95 1.45
CA CYS A 419 -3.51 15.80 0.78
C CYS A 419 -3.36 15.09 -0.56
N CYS A 420 -4.50 14.78 -1.17
CA CYS A 420 -4.62 14.64 -2.63
C CYS A 420 -3.98 13.37 -3.19
N ASP A 421 -3.66 12.42 -2.31
CA ASP A 421 -3.18 11.08 -2.69
C ASP A 421 -3.60 10.03 -1.63
N LYS A 422 -2.88 8.91 -1.55
CA LYS A 422 -3.26 7.79 -0.68
C LYS A 422 -3.69 8.16 0.74
N TRP A 423 -2.96 9.05 1.39
CA TRP A 423 -3.23 9.42 2.78
C TRP A 423 -4.67 9.84 3.08
N GLU A 424 -5.32 10.53 2.16
CA GLU A 424 -6.69 10.96 2.37
C GLU A 424 -7.70 10.17 1.52
N GLY A 425 -7.21 9.18 0.77
CA GLY A 425 -8.03 8.37 -0.14
C GLY A 425 -9.29 7.74 0.41
N GLN A 426 -9.36 7.60 1.73
CA GLN A 426 -10.53 7.05 2.37
C GLN A 426 -11.61 8.12 2.61
N VAL A 427 -11.26 9.40 2.52
CA VAL A 427 -12.16 10.47 2.97
C VAL A 427 -12.26 11.71 2.06
N ASN A 428 -11.77 11.61 0.83
CA ASN A 428 -11.69 12.77 -0.06
C ASN A 428 -12.49 12.71 -1.39
N GLY A 429 -13.49 11.82 -1.41
CA GLY A 429 -14.40 11.69 -2.54
C GLY A 429 -13.76 11.52 -3.90
N GLU A 430 -13.89 12.57 -4.71
CA GLU A 430 -13.40 12.61 -6.11
C GLU A 430 -11.90 12.93 -6.23
N GLU A 431 -11.31 13.43 -5.16
CA GLU A 431 -9.90 13.78 -5.18
C GLU A 431 -9.06 12.51 -5.34
N LYS A 432 -7.94 12.65 -6.05
CA LYS A 432 -6.98 11.58 -6.27
C LYS A 432 -6.60 10.88 -4.95
N GLY A 433 -6.53 9.55 -5.01
CA GLY A 433 -6.15 8.74 -3.84
C GLY A 433 -7.11 7.60 -3.62
N GLU A 434 -6.59 6.38 -3.53
CA GLU A 434 -7.41 5.17 -3.45
C GLU A 434 -8.01 4.91 -2.06
N PRO A 435 -9.24 4.33 -2.02
CA PRO A 435 -9.88 3.90 -0.77
C PRO A 435 -9.04 2.84 -0.05
N TRP A 436 -9.15 2.80 1.28
CA TRP A 436 -8.30 1.94 2.10
C TRP A 436 -8.82 0.50 2.11
N VAL A 437 -7.89 -0.45 2.18
CA VAL A 437 -8.25 -1.84 2.45
C VAL A 437 -7.76 -2.13 3.87
N GLU A 438 -8.20 -3.25 4.45
CA GLU A 438 -7.87 -3.55 5.85
C GLU A 438 -6.39 -3.35 6.19
N SER A 439 -5.51 -3.69 5.26
CA SER A 439 -4.06 -3.65 5.47
C SER A 439 -3.43 -2.24 5.42
N ASP A 440 -4.20 -1.24 4.98
CA ASP A 440 -3.70 0.13 4.97
C ASP A 440 -3.67 0.72 6.38
N TYR A 441 -4.60 0.29 7.22
CA TYR A 441 -4.75 0.82 8.58
C TYR A 441 -3.54 0.60 9.48
N PRO A 442 -2.99 -0.64 9.51
CA PRO A 442 -1.80 -0.88 10.33
C PRO A 442 -0.57 -0.06 9.89
N ILE A 443 -0.37 0.06 8.58
CA ILE A 443 0.73 0.87 8.02
C ILE A 443 0.54 2.34 8.43
N ALA A 444 -0.69 2.83 8.29
CA ALA A 444 -1.04 4.19 8.67
C ALA A 444 -0.67 4.42 10.11
N LYS A 445 -1.21 3.59 11.00
CA LYS A 445 -0.91 3.69 12.41
C LYS A 445 0.61 3.59 12.71
N ALA A 446 1.27 2.57 12.16
CA ALA A 446 2.73 2.40 12.34
C ALA A 446 3.50 3.63 11.87
N SER A 447 3.09 4.19 10.75
CA SER A 447 3.68 5.42 10.24
C SER A 447 3.52 6.54 11.27
N MET A 448 2.33 6.68 11.84
CA MET A 448 2.12 7.73 12.84
C MET A 448 3.03 7.49 14.03
N PHE A 449 3.13 6.24 14.46
CA PHE A 449 3.92 5.93 15.64
C PHE A 449 5.40 6.27 15.42
N SER A 450 5.92 5.90 14.25
CA SER A 450 7.33 6.08 13.89
C SER A 450 7.73 7.55 13.80
N GLU A 451 6.89 8.34 13.14
CA GLU A 451 7.11 9.78 13.03
C GLU A 451 6.99 10.48 14.40
N ALA A 452 6.00 10.08 15.19
CA ALA A 452 5.83 10.60 16.54
C ALA A 452 7.09 10.28 17.37
N GLU A 453 7.56 9.03 17.27
CA GLU A 453 8.79 8.59 17.91
C GLU A 453 10.01 9.46 17.48
N ARG A 454 10.09 9.85 16.21
CA ARG A 454 11.18 10.76 15.76
C ARG A 454 10.99 12.19 16.24
N LEU A 455 9.77 12.70 16.13
CA LEU A 455 9.51 14.12 16.31
C LEU A 455 9.40 14.57 17.76
N ARG A 456 8.83 13.73 18.62
CA ARG A 456 8.51 14.07 20.01
C ARG A 456 9.50 14.94 20.78
N ASP A 457 10.80 14.75 20.57
CA ASP A 457 11.80 15.43 21.39
C ASP A 457 12.53 16.59 20.68
N HIS A 458 11.94 17.09 19.60
CA HIS A 458 12.50 18.20 18.87
C HIS A 458 11.71 19.44 19.23
N PRO A 459 12.33 20.37 19.97
CA PRO A 459 11.58 21.50 20.50
C PRO A 459 10.96 22.39 19.42
N SER A 460 11.48 22.35 18.19
CA SER A 460 10.98 23.22 17.11
C SER A 460 9.58 22.82 16.64
N VAL A 461 9.17 21.60 17.00
CA VAL A 461 7.88 21.10 16.56
C VAL A 461 6.79 21.70 17.44
N ILE A 462 5.84 22.37 16.78
CA ILE A 462 4.72 23.01 17.47
C ILE A 462 3.40 22.25 17.25
N SER A 463 3.43 21.18 16.45
CA SER A 463 2.22 20.38 16.21
C SER A 463 2.38 19.34 15.11
N PHE A 464 1.52 18.32 15.10
CA PHE A 464 1.42 17.44 13.95
C PHE A 464 0.04 17.60 13.39
N HIS A 465 -0.07 17.59 12.06
CA HIS A 465 -1.34 17.61 11.33
C HIS A 465 -1.77 16.21 10.89
N ILE A 466 -2.89 15.71 11.44
CA ILE A 466 -3.34 14.35 11.08
C ILE A 466 -4.13 14.36 9.78
N GLY A 467 -4.46 15.57 9.32
CA GLY A 467 -5.10 15.81 8.04
C GLY A 467 -4.56 17.07 7.39
N SER A 468 -4.85 17.25 6.10
CA SER A 468 -4.42 18.43 5.36
C SER A 468 -5.63 19.14 4.73
N ASP A 469 -6.18 18.55 3.66
CA ASP A 469 -7.39 19.09 3.05
C ASP A 469 -8.61 18.48 3.72
N PHE A 470 -8.62 17.15 3.84
CA PHE A 470 -9.67 16.43 4.57
C PHE A 470 -9.16 15.86 5.88
N ALA A 471 -9.90 16.11 6.96
CA ALA A 471 -9.65 15.48 8.27
C ALA A 471 -10.04 14.01 8.19
N PRO A 472 -9.39 13.14 8.99
CA PRO A 472 -9.68 11.71 8.80
C PRO A 472 -11.03 11.33 9.39
N ASP A 473 -11.45 10.07 9.19
CA ASP A 473 -12.66 9.58 9.85
C ASP A 473 -12.36 9.08 11.29
N ARG A 474 -13.38 8.57 11.98
CA ARG A 474 -13.23 8.11 13.36
C ARG A 474 -12.25 6.93 13.53
N ARG A 475 -12.32 5.96 12.61
CA ARG A 475 -11.38 4.82 12.63
C ARG A 475 -9.90 5.22 12.47
N ILE A 476 -9.62 6.07 11.47
CA ILE A 476 -8.24 6.47 11.14
C ILE A 476 -7.65 7.44 12.16
N GLU A 477 -8.48 8.34 12.66
CA GLU A 477 -8.11 9.31 13.70
C GLU A 477 -7.77 8.62 15.03
N GLN A 478 -8.59 7.63 15.41
CA GLN A 478 -8.31 6.84 16.61
C GLN A 478 -6.94 6.17 16.51
N GLY A 479 -6.66 5.53 15.38
CA GLY A 479 -5.35 4.95 15.11
C GLY A 479 -4.21 5.95 15.24
N TYR A 480 -4.43 7.16 14.72
CA TYR A 480 -3.43 8.24 14.77
C TYR A 480 -3.23 8.76 16.18
N LEU A 481 -4.32 9.03 16.88
CA LEU A 481 -4.24 9.48 18.27
C LEU A 481 -3.67 8.40 19.18
N ASP A 482 -4.01 7.13 18.92
CA ASP A 482 -3.49 6.01 19.73
C ASP A 482 -1.98 5.81 19.56
N ALA A 483 -1.50 5.96 18.32
CA ALA A 483 -0.06 5.88 18.04
C ALA A 483 0.69 6.97 18.76
N MET A 484 0.10 8.17 18.79
CA MET A 484 0.69 9.29 19.49
C MET A 484 0.78 9.04 21.01
N LYS A 485 -0.32 8.60 21.62
CA LYS A 485 -0.32 8.31 23.04
C LYS A 485 0.77 7.29 23.33
N ALA A 486 0.82 6.21 22.55
CA ALA A 486 1.83 5.14 22.70
C ALA A 486 3.30 5.64 22.63
N ALA A 487 3.54 6.67 21.84
CA ALA A 487 4.88 7.26 21.70
C ALA A 487 5.13 8.44 22.66
N ASP A 488 4.10 8.80 23.43
CA ASP A 488 4.11 9.98 24.32
C ASP A 488 4.26 11.32 23.58
N PHE A 489 3.73 11.38 22.37
CA PHE A 489 3.69 12.62 21.63
C PHE A 489 2.61 13.48 22.27
N LEU A 490 3.02 14.62 22.84
CA LEU A 490 2.11 15.42 23.66
C LEU A 490 1.85 16.78 23.05
N LEU A 491 2.28 16.94 21.80
CA LEU A 491 2.17 18.21 21.08
C LEU A 491 0.76 18.37 20.51
N PRO A 492 0.32 19.64 20.31
CA PRO A 492 -1.00 19.88 19.70
C PRO A 492 -1.23 19.07 18.43
N VAL A 493 -2.44 18.52 18.30
CA VAL A 493 -2.84 17.73 17.14
C VAL A 493 -3.89 18.50 16.35
N ILE A 494 -3.62 18.77 15.08
CA ILE A 494 -4.54 19.58 14.28
C ILE A 494 -5.25 18.68 13.29
N PRO A 495 -6.60 18.65 13.34
CA PRO A 495 -7.44 17.73 12.55
C PRO A 495 -7.33 17.90 11.04
N ALA A 496 -7.10 19.13 10.60
CA ALA A 496 -6.94 19.45 9.19
C ALA A 496 -6.35 20.83 9.05
N ALA A 497 -5.83 21.14 7.87
CA ALA A 497 -5.31 22.46 7.58
C ALA A 497 -6.42 23.27 6.94
N SER A 498 -7.48 22.58 6.53
CA SER A 498 -8.69 23.23 6.03
C SER A 498 -9.63 23.59 7.21
N ALA A 499 -10.93 23.68 6.93
CA ALA A 499 -11.90 24.04 7.97
C ALA A 499 -12.64 22.80 8.47
N ARG A 500 -12.43 21.69 7.78
CA ARG A 500 -13.11 20.44 8.09
C ARG A 500 -12.73 19.91 9.47
N PRO A 501 -13.73 19.59 10.32
CA PRO A 501 -13.39 19.04 11.65
C PRO A 501 -13.21 17.52 11.65
N SER A 502 -12.46 17.01 12.61
CA SER A 502 -12.33 15.57 12.80
C SER A 502 -13.34 15.09 13.85
N PRO A 503 -13.80 13.84 13.71
CA PRO A 503 -14.69 13.28 14.72
C PRO A 503 -14.27 13.54 16.17
N ILE A 504 -13.00 13.28 16.52
CA ILE A 504 -12.55 13.30 17.91
C ILE A 504 -11.88 14.59 18.37
N THR A 505 -10.96 15.13 17.58
CA THR A 505 -10.30 16.37 17.97
C THR A 505 -11.15 17.61 17.63
N GLY A 506 -12.13 17.43 16.74
CA GLY A 506 -13.12 18.47 16.43
C GLY A 506 -12.62 19.53 15.47
N ALA A 507 -12.90 20.78 15.80
CA ALA A 507 -12.57 21.93 14.96
C ALA A 507 -11.07 22.12 14.81
N SER A 508 -10.66 22.58 13.62
CA SER A 508 -9.25 22.80 13.31
C SER A 508 -8.82 24.20 13.70
N GLY A 509 -9.66 25.18 13.38
CA GLY A 509 -9.35 26.58 13.65
C GLY A 509 -8.48 27.12 12.54
N MET A 510 -8.53 26.44 11.40
CA MET A 510 -7.72 26.79 10.23
C MET A 510 -8.61 26.86 8.99
N LYS A 511 -8.06 27.35 7.88
CA LYS A 511 -8.83 27.47 6.64
C LYS A 511 -7.99 27.30 5.36
N MET A 512 -8.62 26.71 4.35
CA MET A 512 -7.96 26.51 3.08
C MET A 512 -8.91 26.88 1.93
N ASN A 513 -9.21 28.17 1.83
CA ASN A 513 -10.18 28.69 0.85
C ASN A 513 -9.54 29.19 -0.47
N GLY A 514 -8.24 28.99 -0.61
CA GLY A 514 -7.50 29.63 -1.67
C GLY A 514 -7.20 31.05 -1.22
N PRO A 515 -6.53 31.87 -2.07
CA PRO A 515 -6.13 31.58 -3.44
C PRO A 515 -4.74 30.91 -3.59
N TYR A 516 -4.46 30.44 -4.81
CA TYR A 516 -3.18 29.84 -5.20
C TYR A 516 -2.69 30.41 -6.53
N ASP A 517 -3.37 31.46 -7.00
CA ASP A 517 -3.03 32.14 -8.25
C ASP A 517 -3.37 33.62 -8.07
N TYR A 518 -3.17 34.45 -9.09
CA TYR A 518 -3.24 35.92 -8.91
C TYR A 518 -4.55 36.47 -8.32
N VAL A 519 -4.37 37.35 -7.33
CA VAL A 519 -5.40 38.24 -6.81
C VAL A 519 -4.70 39.58 -6.54
N PRO A 520 -5.44 40.71 -6.59
CA PRO A 520 -4.83 42.01 -6.28
C PRO A 520 -4.35 42.09 -4.82
N PRO A 521 -3.31 42.91 -4.54
CA PRO A 521 -2.83 43.11 -3.17
C PRO A 521 -3.92 43.40 -2.13
N VAL A 522 -4.96 44.14 -2.52
CA VAL A 522 -6.00 44.51 -1.58
C VAL A 522 -6.91 43.33 -1.18
N TYR A 523 -6.87 42.26 -1.94
CA TYR A 523 -7.60 41.03 -1.58
C TYR A 523 -7.25 40.63 -0.15
N TRP A 524 -5.95 40.56 0.13
CA TRP A 524 -5.44 40.11 1.42
C TRP A 524 -6.03 40.87 2.62
N TYR A 525 -6.61 42.04 2.38
CA TYR A 525 -7.10 42.88 3.49
C TYR A 525 -8.56 42.67 3.83
N ASP A 526 -9.26 41.88 3.02
CA ASP A 526 -10.69 41.64 3.20
C ASP A 526 -11.05 40.68 4.33
N LYS A 527 -11.98 41.09 5.19
CA LYS A 527 -12.50 40.22 6.22
C LYS A 527 -13.99 39.97 6.00
N SER A 528 -14.49 40.37 4.84
CA SER A 528 -15.94 40.36 4.60
C SER A 528 -16.43 39.08 3.89
N GLN A 529 -15.49 38.32 3.34
CA GLN A 529 -15.82 37.12 2.58
C GLN A 529 -15.45 35.85 3.36
N LYS A 530 -16.44 35.24 4.01
CA LYS A 530 -16.16 34.08 4.87
C LYS A 530 -15.65 32.83 4.13
N ASP A 531 -15.74 32.83 2.81
CA ASP A 531 -15.26 31.69 2.02
C ASP A 531 -13.96 31.97 1.26
N ARG A 532 -13.25 33.03 1.64
CA ARG A 532 -12.05 33.47 0.90
C ARG A 532 -10.78 33.55 1.75
N GLY A 533 -9.67 33.83 1.08
CA GLY A 533 -8.36 33.85 1.70
C GLY A 533 -7.96 35.20 2.26
N GLY A 534 -8.92 35.92 2.81
CA GLY A 534 -8.62 37.17 3.50
C GLY A 534 -7.84 36.96 4.79
N ALA A 535 -7.19 38.02 5.26
CA ALA A 535 -6.36 37.95 6.46
C ALA A 535 -7.19 37.86 7.72
N TRP A 536 -7.67 36.66 8.01
CA TRP A 536 -8.36 36.33 9.26
C TRP A 536 -8.29 34.81 9.44
N SER A 537 -8.45 34.33 10.67
CA SER A 537 -8.30 32.90 11.00
C SER A 537 -6.86 32.43 10.75
N PHE A 538 -6.69 31.15 10.44
CA PHE A 538 -5.36 30.59 10.17
C PHE A 538 -5.22 30.19 8.70
N ASN A 539 -4.54 31.04 7.92
CA ASN A 539 -4.27 30.77 6.50
C ASN A 539 -3.14 29.74 6.36
N SER A 540 -3.53 28.48 6.27
CA SER A 540 -2.57 27.40 6.34
C SER A 540 -1.83 27.12 5.01
N ALA A 541 -2.34 27.68 3.90
CA ALA A 541 -1.74 27.49 2.58
C ALA A 541 -2.36 28.40 1.52
N THR A 542 -1.72 29.55 1.29
CA THR A 542 -2.27 30.51 0.35
C THR A 542 -1.18 31.36 -0.26
N SER A 543 -1.35 31.72 -1.53
CA SER A 543 -0.45 32.66 -2.22
C SER A 543 -1.15 33.29 -3.41
N ALA A 544 -0.41 34.08 -4.19
CA ALA A 544 -0.98 34.66 -5.41
C ALA A 544 -0.36 34.04 -6.67
N GLY A 545 0.14 32.82 -6.54
CA GLY A 545 0.56 32.00 -7.69
C GLY A 545 1.96 32.21 -8.23
N VAL A 546 2.03 32.73 -9.46
CA VAL A 546 3.28 32.84 -10.19
C VAL A 546 4.34 33.65 -9.45
N ASP A 547 5.54 33.08 -9.35
CA ASP A 547 6.69 33.75 -8.78
C ASP A 547 7.86 33.55 -9.71
N ILE A 548 7.88 34.34 -10.78
CA ILE A 548 8.98 34.37 -11.74
C ILE A 548 10.30 34.57 -10.98
N PRO A 549 11.22 33.61 -11.11
CA PRO A 549 12.54 33.75 -10.47
C PRO A 549 13.41 34.81 -11.19
N THR A 550 14.59 35.12 -10.64
CA THR A 550 15.48 36.13 -11.24
C THR A 550 16.01 35.66 -12.60
N MET A 551 16.54 36.59 -13.39
CA MET A 551 17.05 36.26 -14.74
C MET A 551 18.13 35.17 -14.71
N ASP A 552 19.11 35.33 -13.83
CA ASP A 552 20.19 34.37 -13.67
C ASP A 552 19.69 32.95 -13.49
N THR A 553 18.55 32.79 -12.82
CA THR A 553 17.94 31.47 -12.64
C THR A 553 17.22 31.00 -13.92
N LEU A 554 16.36 31.87 -14.47
CA LEU A 554 15.58 31.52 -15.68
C LEU A 554 16.47 30.94 -16.78
N LYS A 555 17.64 31.54 -16.98
CA LYS A 555 18.57 31.13 -18.03
C LYS A 555 19.09 29.71 -17.85
N ARG A 556 19.20 29.28 -16.59
CA ARG A 556 19.65 27.94 -16.24
C ARG A 556 18.53 26.91 -16.36
N MET A 557 17.28 27.36 -16.31
CA MET A 557 16.13 26.47 -16.24
C MET A 557 15.29 26.36 -17.52
N MET A 558 15.46 27.32 -18.42
CA MET A 558 14.65 27.37 -19.63
C MET A 558 15.47 27.87 -20.81
N SER A 559 15.27 27.26 -21.97
CA SER A 559 15.96 27.69 -23.19
C SER A 559 15.45 29.06 -23.60
N ALA A 560 16.22 29.73 -24.45
CA ALA A 560 15.82 31.05 -24.95
C ALA A 560 14.42 31.06 -25.58
N SER A 561 14.08 30.01 -26.33
CA SER A 561 12.79 29.93 -27.00
C SER A 561 11.64 29.77 -26.00
N GLU A 562 11.87 28.98 -24.95
CA GLU A 562 10.87 28.85 -23.87
C GLU A 562 10.63 30.16 -23.14
N LEU A 563 11.72 30.90 -22.89
CA LEU A 563 11.64 32.20 -22.24
C LEU A 563 10.95 33.21 -23.15
N ASP A 564 11.24 33.14 -24.45
CA ASP A 564 10.57 33.98 -25.45
C ASP A 564 9.05 33.79 -25.36
N THR A 565 8.61 32.55 -25.48
CA THR A 565 7.19 32.18 -25.33
C THR A 565 6.59 32.65 -24.00
N MET A 566 7.36 32.54 -22.93
CA MET A 566 6.88 32.92 -21.61
C MET A 566 6.24 34.32 -21.59
N TRP A 567 6.97 35.33 -22.06
CA TRP A 567 6.50 36.72 -21.96
C TRP A 567 5.49 37.11 -23.03
N LYS A 568 5.69 36.58 -24.23
CA LYS A 568 4.79 36.80 -25.39
C LYS A 568 3.42 36.15 -25.19
N ASN A 569 3.42 34.95 -24.62
CA ASN A 569 2.20 34.17 -24.49
C ASN A 569 2.09 33.51 -23.11
N PRO A 570 1.88 34.32 -22.05
CA PRO A 570 1.74 33.73 -20.70
C PRO A 570 0.69 32.62 -20.64
N SER A 571 -0.21 32.60 -21.62
CA SER A 571 -1.32 31.62 -21.66
C SER A 571 -0.92 30.17 -22.00
N ALA A 572 0.27 30.00 -22.57
CA ALA A 572 0.78 28.70 -22.93
C ALA A 572 1.30 27.89 -21.72
N LYS A 573 1.18 26.57 -21.81
CA LYS A 573 1.72 25.65 -20.79
C LYS A 573 3.21 25.85 -20.59
N GLN A 574 3.61 25.85 -19.32
CA GLN A 574 5.01 25.85 -18.95
C GLN A 574 5.30 24.56 -18.17
N TYR A 575 6.30 23.83 -18.60
CA TYR A 575 6.65 22.58 -17.92
C TYR A 575 7.10 22.83 -16.48
N HIS A 576 7.69 24.01 -16.25
CA HIS A 576 8.18 24.40 -14.94
C HIS A 576 7.20 25.22 -14.08
N ARG A 577 5.91 25.05 -14.32
CA ARG A 577 4.90 25.36 -13.30
C ARG A 577 4.34 24.03 -12.73
N SER A 578 3.13 23.64 -13.13
CA SER A 578 2.45 22.52 -12.52
C SER A 578 2.01 21.50 -13.55
N SER A 579 1.95 20.23 -13.14
CA SER A 579 1.40 19.19 -13.98
C SER A 579 -0.14 19.26 -13.97
N SER A 580 -0.69 20.10 -13.10
CA SER A 580 -2.13 20.29 -13.01
C SER A 580 -2.62 21.26 -14.08
N ASP A 581 -3.83 21.01 -14.58
CA ASP A 581 -4.36 21.86 -15.64
C ASP A 581 -4.79 23.23 -15.14
N THR A 582 -5.21 23.29 -13.87
CA THR A 582 -5.54 24.55 -13.21
C THR A 582 -4.33 25.48 -13.25
N PHE A 583 -3.14 24.91 -13.07
CA PHE A 583 -1.92 25.71 -13.00
C PHE A 583 -0.88 25.27 -14.00
N GLY A 584 -1.31 24.85 -15.19
CA GLY A 584 -0.37 24.50 -16.26
C GLY A 584 0.32 25.67 -16.95
N ASN A 585 -0.18 26.89 -16.72
CA ASN A 585 0.22 28.09 -17.46
C ASN A 585 0.25 29.34 -16.57
N LEU A 586 0.49 30.52 -17.18
CA LEU A 586 0.54 31.77 -16.44
C LEU A 586 -0.49 32.81 -16.88
N LYS A 587 -1.54 32.37 -17.56
CA LYS A 587 -2.57 33.28 -18.06
C LYS A 587 -2.95 34.34 -17.02
N LEU A 588 -3.44 33.89 -15.85
CA LEU A 588 -4.04 34.77 -14.85
C LEU A 588 -3.03 35.80 -14.36
N PHE A 589 -1.76 35.42 -14.35
CA PHE A 589 -0.69 36.30 -13.90
C PHE A 589 -0.37 37.36 -14.94
N GLY A 590 -0.38 36.94 -16.20
CA GLY A 590 0.07 37.74 -17.32
C GLY A 590 -0.91 38.82 -17.74
N ASP A 591 -2.19 38.46 -17.78
CA ASP A 591 -3.25 39.45 -17.96
C ASP A 591 -3.14 40.51 -16.86
N ALA A 592 -2.97 40.06 -15.62
CA ALA A 592 -2.84 40.95 -14.47
C ALA A 592 -1.62 41.82 -14.57
N LEU A 593 -0.51 41.24 -14.99
CA LEU A 593 0.74 41.98 -15.08
C LEU A 593 0.68 43.01 -16.21
N THR A 594 0.03 42.64 -17.32
CA THR A 594 -0.15 43.53 -18.46
C THR A 594 -1.07 44.70 -18.08
N LYS A 595 -2.27 44.38 -17.61
CA LYS A 595 -3.27 45.39 -17.27
C LYS A 595 -2.86 46.30 -16.13
N ARG A 596 -1.96 45.85 -15.26
CA ARG A 596 -1.58 46.64 -14.08
C ARG A 596 -0.32 47.46 -14.29
N TYR A 597 0.68 46.84 -14.90
CA TYR A 597 1.98 47.47 -15.05
C TYR A 597 2.26 47.84 -16.50
N GLY A 598 1.36 47.44 -17.40
CA GLY A 598 1.54 47.69 -18.82
C GLY A 598 2.05 46.47 -19.57
N ALA A 599 1.65 46.36 -20.83
CA ALA A 599 2.11 45.31 -21.74
C ALA A 599 3.62 45.21 -21.72
N SER A 600 4.14 44.04 -22.04
CA SER A 600 5.57 43.82 -21.97
C SER A 600 6.23 44.00 -23.34
N ALA A 601 7.31 44.78 -23.37
CA ALA A 601 8.07 45.01 -24.60
C ALA A 601 8.96 43.81 -25.00
N ASN A 602 9.45 43.09 -23.98
CA ASN A 602 10.45 42.04 -24.14
C ASN A 602 10.57 41.22 -22.85
N LEU A 603 11.56 40.33 -22.80
CA LEU A 603 11.81 39.52 -21.61
C LEU A 603 12.20 40.38 -20.38
N ASN A 604 13.18 41.26 -20.54
CA ASN A 604 13.65 42.06 -19.42
C ASN A 604 12.52 42.86 -18.82
N ASP A 605 11.67 43.39 -19.69
CA ASP A 605 10.52 44.18 -19.28
C ASP A 605 9.56 43.31 -18.47
N PHE A 606 9.21 42.15 -19.04
CA PHE A 606 8.32 41.19 -18.38
C PHE A 606 8.86 40.79 -17.02
N VAL A 607 10.15 40.45 -16.99
CA VAL A 607 10.79 39.98 -15.78
C VAL A 607 10.85 41.06 -14.69
N ARG A 608 11.34 42.26 -15.01
CA ARG A 608 11.41 43.36 -14.01
C ARG A 608 10.00 43.76 -13.50
N LYS A 609 9.01 43.67 -14.38
CA LYS A 609 7.61 43.87 -13.99
C LYS A 609 7.09 42.74 -13.11
N ALA A 610 7.47 41.50 -13.45
CA ALA A 610 7.10 40.34 -12.66
C ALA A 610 7.59 40.48 -11.23
N GLN A 611 8.83 40.96 -11.07
CA GLN A 611 9.45 41.14 -9.75
C GLN A 611 8.77 42.18 -8.85
N LEU A 612 8.41 43.33 -9.42
CA LEU A 612 7.67 44.35 -8.67
C LEU A 612 6.30 43.85 -8.26
N SER A 613 5.67 43.03 -9.11
CA SER A 613 4.34 42.53 -8.81
C SER A 613 4.38 41.46 -7.71
N GLN A 614 5.44 40.65 -7.75
CA GLN A 614 5.66 39.62 -6.74
C GLN A 614 6.10 40.24 -5.42
N TYR A 615 6.89 41.32 -5.51
CA TYR A 615 7.29 42.06 -4.31
C TYR A 615 6.07 42.71 -3.67
N GLU A 616 5.22 43.29 -4.52
CA GLU A 616 4.02 44.01 -4.11
C GLU A 616 3.04 43.05 -3.48
N ASN A 617 2.80 41.94 -4.15
CA ASN A 617 1.76 41.01 -3.69
C ASN A 617 2.14 40.30 -2.40
N VAL A 618 3.34 39.72 -2.38
CA VAL A 618 3.82 38.98 -1.23
C VAL A 618 3.85 39.87 0.02
N ARG A 619 4.33 41.10 -0.16
CA ARG A 619 4.38 42.05 0.94
C ARG A 619 2.98 42.25 1.54
N ALA A 620 2.02 42.63 0.69
CA ALA A 620 0.65 42.87 1.12
C ALA A 620 0.09 41.67 1.84
N GLU A 621 0.32 40.48 1.29
CA GLU A 621 -0.15 39.23 1.89
C GLU A 621 0.31 39.10 3.35
N PHE A 622 1.58 39.38 3.61
CA PHE A 622 2.10 39.25 4.97
C PHE A 622 1.71 40.42 5.87
N GLU A 623 1.87 41.64 5.36
CA GLU A 623 1.57 42.85 6.14
C GLU A 623 0.10 42.89 6.62
N SER A 624 -0.82 42.37 5.82
CA SER A 624 -2.22 42.30 6.22
C SER A 624 -2.42 41.36 7.39
N HIS A 625 -1.80 40.19 7.31
CA HIS A 625 -1.91 39.20 8.38
C HIS A 625 -1.25 39.73 9.65
N SER A 626 -0.12 40.41 9.49
CA SER A 626 0.54 41.10 10.61
C SER A 626 -0.42 42.06 11.35
N ARG A 627 -1.00 43.01 10.62
CA ARG A 627 -1.96 43.99 11.18
C ARG A 627 -3.18 43.39 11.87
N ASN A 628 -3.88 42.49 11.18
CA ASN A 628 -5.08 41.83 11.70
C ASN A 628 -4.84 40.84 12.85
N TYR A 629 -3.58 40.67 13.24
CA TYR A 629 -3.24 39.79 14.36
C TYR A 629 -3.96 40.28 15.61
N THR A 630 -3.91 41.58 15.87
CA THR A 630 -4.40 42.13 17.13
C THR A 630 -5.86 42.59 17.07
N ASP A 631 -6.55 42.21 16.00
CA ASP A 631 -7.94 42.56 15.83
C ASP A 631 -8.75 41.87 16.92
N SER A 632 -9.68 42.63 17.51
CA SER A 632 -10.56 42.12 18.57
C SER A 632 -11.37 40.89 18.13
N THR A 633 -11.92 40.95 16.92
CA THR A 633 -12.84 39.93 16.43
C THR A 633 -12.33 39.33 15.10
N ASN A 634 -12.41 38.01 14.98
CA ASN A 634 -11.82 37.23 13.87
C ASN A 634 -10.43 37.69 13.39
N PRO A 635 -9.43 37.62 14.30
CA PRO A 635 -8.09 38.11 13.95
C PRO A 635 -7.32 37.11 13.08
N SER A 636 -6.15 37.51 12.60
CA SER A 636 -5.30 36.59 11.87
C SER A 636 -4.37 35.89 12.86
N THR A 637 -4.29 34.55 12.76
CA THR A 637 -3.57 33.76 13.75
C THR A 637 -2.34 33.10 13.16
N GLY A 638 -2.35 32.93 11.85
CA GLY A 638 -1.20 32.40 11.17
C GLY A 638 -1.32 32.60 9.68
N LEU A 639 -0.18 32.65 9.02
CA LEU A 639 -0.14 32.65 7.58
C LEU A 639 1.00 31.79 7.10
N ILE A 640 0.66 30.76 6.33
CA ILE A 640 1.67 29.96 5.67
C ILE A 640 1.69 30.33 4.19
N TYR A 641 2.74 31.04 3.74
CA TYR A 641 2.85 31.40 2.31
C TYR A 641 2.96 30.13 1.47
N TRP A 642 2.45 30.17 0.25
CA TRP A 642 2.49 28.97 -0.60
C TRP A 642 3.26 29.19 -1.91
N MET A 643 4.51 28.77 -1.94
CA MET A 643 5.19 28.10 -0.82
C MET A 643 6.49 28.84 -0.50
N LEU A 644 7.23 28.35 0.49
CA LEU A 644 8.51 28.95 0.81
C LEU A 644 9.57 28.63 -0.25
N ASN A 645 9.50 27.42 -0.79
CA ASN A 645 10.49 26.97 -1.75
C ASN A 645 9.90 26.00 -2.72
N SER A 646 10.65 25.67 -3.75
CA SER A 646 10.17 24.76 -4.75
C SER A 646 11.00 23.46 -4.77
N PRO A 647 10.33 22.34 -5.09
CA PRO A 647 11.01 21.04 -5.23
C PRO A 647 12.10 21.06 -6.27
N TRP A 648 11.99 21.96 -7.25
CA TRP A 648 12.97 22.10 -8.33
C TRP A 648 12.95 23.54 -8.84
N THR A 649 13.47 23.74 -10.05
CA THR A 649 13.39 25.01 -10.74
C THR A 649 11.95 25.25 -11.18
N SER A 650 11.34 26.29 -10.65
CA SER A 650 9.91 26.50 -10.83
C SER A 650 9.57 27.93 -11.26
N LEU A 651 8.33 28.11 -11.68
CA LEU A 651 7.77 29.43 -11.97
C LEU A 651 6.70 29.91 -11.00
N HIS A 652 6.39 29.14 -9.95
CA HIS A 652 5.38 29.61 -8.98
C HIS A 652 5.67 29.21 -7.55
N TRP A 653 4.80 29.64 -6.64
CA TRP A 653 4.75 29.14 -5.28
C TRP A 653 6.13 29.00 -4.62
N GLN A 654 6.94 30.05 -4.70
CA GLN A 654 8.27 30.04 -4.07
C GLN A 654 8.65 31.44 -3.55
N LEU A 655 9.34 31.47 -2.40
CA LEU A 655 10.05 32.68 -1.95
C LEU A 655 11.52 32.70 -2.41
N PHE A 656 12.28 31.68 -2.05
CA PHE A 656 13.54 31.41 -2.74
C PHE A 656 13.43 30.29 -3.79
N ASP A 657 14.23 30.39 -4.84
CA ASP A 657 14.26 29.37 -5.88
C ASP A 657 15.23 28.23 -5.58
N ALA A 658 15.31 27.26 -6.48
CA ALA A 658 16.11 26.04 -6.29
C ALA A 658 17.61 26.27 -6.11
N TYR A 659 18.13 27.38 -6.66
CA TYR A 659 19.55 27.72 -6.51
C TYR A 659 19.85 28.70 -5.35
N MET A 660 18.87 28.85 -4.46
CA MET A 660 18.97 29.80 -3.35
C MET A 660 18.94 31.28 -3.77
N ASP A 661 18.53 31.55 -5.02
CA ASP A 661 18.46 32.95 -5.49
C ASP A 661 17.23 33.70 -5.00
N GLN A 662 17.39 35.02 -4.89
CA GLN A 662 16.45 35.89 -4.19
C GLN A 662 15.87 36.98 -5.09
N ASN A 663 14.55 36.95 -5.25
CA ASN A 663 13.85 37.80 -6.21
C ASN A 663 12.87 38.79 -5.55
N GLY A 664 11.91 39.29 -6.36
CA GLY A 664 10.83 40.15 -5.89
C GLY A 664 10.07 39.62 -4.69
N ALA A 665 9.54 38.41 -4.80
CA ALA A 665 8.78 37.77 -3.72
C ALA A 665 9.62 37.52 -2.47
N TYR A 666 10.89 37.17 -2.67
CA TYR A 666 11.81 36.97 -1.56
C TYR A 666 11.98 38.27 -0.78
N TYR A 667 12.32 39.33 -1.51
CA TYR A 667 12.51 40.64 -0.92
C TYR A 667 11.24 41.19 -0.31
N GLY A 668 10.09 40.82 -0.90
CA GLY A 668 8.79 41.34 -0.49
C GLY A 668 8.35 40.80 0.85
N ALA A 669 8.64 39.52 1.10
CA ALA A 669 8.37 38.89 2.39
C ALA A 669 9.39 39.37 3.43
N LYS A 670 10.66 39.38 3.03
CA LYS A 670 11.72 39.86 3.90
C LYS A 670 11.34 41.24 4.45
N LYS A 671 10.90 42.14 3.57
CA LYS A 671 10.50 43.49 3.95
C LYS A 671 9.31 43.44 4.91
N ALA A 672 8.28 42.69 4.52
CA ALA A 672 7.05 42.56 5.27
C ALA A 672 7.27 41.94 6.64
N ASN A 673 8.33 41.16 6.79
CA ASN A 673 8.57 40.46 8.05
C ASN A 673 9.70 41.01 8.93
N GLU A 674 10.22 42.21 8.57
CA GLU A 674 11.22 42.91 9.37
C GLU A 674 10.80 43.04 10.85
N PRO A 675 11.78 42.90 11.78
CA PRO A 675 11.48 42.84 13.22
C PRO A 675 10.89 44.14 13.76
N LEU A 676 11.39 45.28 13.29
CA LEU A 676 10.83 46.58 13.62
C LEU A 676 10.52 47.29 12.30
N HIS A 677 9.23 47.32 11.97
CA HIS A 677 8.76 47.52 10.60
C HIS A 677 7.64 48.55 10.43
N ILE A 678 7.72 49.30 9.32
CA ILE A 678 6.65 50.23 8.97
C ILE A 678 5.91 49.78 7.70
N GLN A 679 4.59 49.74 7.77
CA GLN A 679 3.77 49.36 6.62
C GLN A 679 2.67 50.38 6.28
N TYR A 680 1.91 50.11 5.22
CA TYR A 680 0.84 50.98 4.73
C TYR A 680 -0.31 50.11 4.22
N SER A 681 -1.51 50.27 4.77
CA SER A 681 -2.63 49.38 4.43
C SER A 681 -3.29 49.65 3.07
N HIS A 682 -3.38 48.61 2.24
CA HIS A 682 -3.98 48.76 0.91
C HIS A 682 -5.50 49.01 0.92
N ASP A 683 -6.16 48.82 2.06
CA ASP A 683 -7.62 48.95 2.10
C ASP A 683 -8.14 50.31 2.61
N ASN A 684 -7.29 51.05 3.33
CA ASN A 684 -7.74 52.24 4.07
C ASN A 684 -6.64 53.27 4.33
N ARG A 685 -5.45 53.04 3.78
CA ARG A 685 -4.34 53.99 3.83
C ARG A 685 -3.72 54.20 5.21
N SER A 686 -4.05 53.34 6.17
CA SER A 686 -3.46 53.47 7.50
C SER A 686 -1.97 53.10 7.51
N VAL A 687 -1.16 53.96 8.11
CA VAL A 687 0.26 53.66 8.28
C VAL A 687 0.48 53.04 9.63
N VAL A 688 0.67 51.71 9.62
CA VAL A 688 0.81 50.90 10.83
C VAL A 688 2.28 50.58 11.13
N VAL A 689 2.58 50.32 12.40
CA VAL A 689 3.93 49.91 12.81
C VAL A 689 3.87 48.58 13.58
N ILE A 690 4.72 47.64 13.16
CA ILE A 690 4.74 46.28 13.71
C ILE A 690 6.07 46.02 14.41
N ASN A 691 5.98 45.47 15.62
CA ASN A 691 7.16 45.10 16.37
C ASN A 691 7.10 43.61 16.65
N GLN A 692 7.93 42.85 15.93
CA GLN A 692 7.98 41.39 16.06
C GLN A 692 8.86 40.96 17.22
N THR A 693 9.74 41.85 17.71
CA THR A 693 10.69 41.53 18.77
C THR A 693 9.97 41.31 20.11
N SER A 694 10.65 40.73 21.09
CA SER A 694 9.99 40.34 22.33
C SER A 694 10.06 41.40 23.44
N ASN A 695 10.62 42.56 23.13
CA ASN A 695 10.57 43.75 24.00
C ASN A 695 9.77 44.89 23.38
N ALA A 696 8.90 45.50 24.18
CA ALA A 696 8.25 46.75 23.79
C ALA A 696 9.32 47.81 23.49
N VAL A 697 8.99 48.73 22.60
CA VAL A 697 9.97 49.66 22.09
C VAL A 697 9.37 51.07 22.11
N SER A 698 10.21 52.06 22.37
CA SER A 698 9.75 53.44 22.48
C SER A 698 10.54 54.47 21.69
N GLY A 699 10.07 55.72 21.74
CA GLY A 699 10.71 56.85 21.06
C GLY A 699 10.84 56.64 19.57
N LEU A 700 9.77 56.18 18.93
CA LEU A 700 9.84 55.91 17.48
C LEU A 700 9.22 57.04 16.66
N THR A 701 10.00 57.59 15.74
CA THR A 701 9.46 58.55 14.76
C THR A 701 9.13 57.89 13.41
N ALA A 702 7.89 58.12 12.95
CA ALA A 702 7.35 57.51 11.71
C ALA A 702 7.01 58.54 10.60
N THR A 703 8.02 58.88 9.80
CA THR A 703 7.87 59.84 8.70
C THR A 703 7.23 59.21 7.46
N THR A 704 6.07 59.74 7.06
CA THR A 704 5.35 59.22 5.88
C THR A 704 5.10 60.28 4.78
N LYS A 705 5.51 59.96 3.54
CA LYS A 705 5.49 60.92 2.44
C LYS A 705 4.80 60.41 1.18
N LEU A 706 4.13 61.31 0.47
CA LEU A 706 3.59 60.99 -0.86
C LEU A 706 4.28 61.80 -1.95
N TYR A 707 4.53 61.15 -3.08
CA TYR A 707 5.24 61.74 -4.21
C TYR A 707 4.50 61.42 -5.49
N ASN A 708 4.62 62.29 -6.49
CA ASN A 708 4.19 61.93 -7.83
C ASN A 708 5.36 61.33 -8.57
N LEU A 709 5.13 60.87 -9.78
CA LEU A 709 6.20 60.25 -10.55
C LEU A 709 7.21 61.24 -11.10
N ASP A 710 6.97 62.53 -10.90
CA ASP A 710 7.98 63.53 -11.28
C ASP A 710 8.77 64.05 -10.06
N GLY A 711 8.56 63.41 -8.91
CA GLY A 711 9.33 63.68 -7.70
C GLY A 711 8.71 64.70 -6.76
N THR A 712 7.61 65.31 -7.19
CA THR A 712 6.96 66.35 -6.41
C THR A 712 6.28 65.79 -5.18
N GLU A 713 6.64 66.32 -4.03
CA GLU A 713 6.04 65.90 -2.76
C GLU A 713 4.59 66.41 -2.67
N LYS A 714 3.68 65.49 -2.38
CA LYS A 714 2.24 65.78 -2.37
C LYS A 714 1.57 65.64 -0.99
N TYR A 715 2.38 65.40 0.04
CA TYR A 715 1.93 65.06 1.39
C TYR A 715 3.14 64.73 2.26
N SER A 716 3.03 64.99 3.57
CA SER A 716 4.10 64.68 4.53
C SER A 716 3.59 64.55 5.97
N ASN A 717 4.12 63.61 6.72
CA ASN A 717 3.75 63.44 8.12
C ASN A 717 4.90 62.95 9.00
N THR A 718 5.00 63.51 10.19
CA THR A 718 5.94 63.00 11.17
C THR A 718 5.15 62.78 12.45
N LYS A 719 4.92 61.51 12.77
CA LYS A 719 4.46 61.09 14.09
C LYS A 719 5.68 60.77 14.96
N THR A 720 5.82 61.48 16.07
CA THR A 720 6.92 61.24 17.00
C THR A 720 6.43 60.61 18.30
N GLY A 721 7.36 60.02 19.06
CA GLY A 721 7.02 59.31 20.29
C GLY A 721 6.08 58.13 20.12
N LEU A 722 6.33 57.30 19.11
CA LEU A 722 5.55 56.06 18.98
C LEU A 722 6.05 54.96 19.92
N SER A 723 5.10 54.23 20.49
CA SER A 723 5.39 53.15 21.40
C SER A 723 4.58 51.94 21.00
N VAL A 724 5.27 50.91 20.51
CA VAL A 724 4.61 49.67 20.12
C VAL A 724 5.11 48.48 20.96
N GLY A 725 4.15 47.73 21.49
CA GLY A 725 4.43 46.55 22.32
C GLY A 725 5.04 45.39 21.59
N ALA A 726 5.25 44.30 22.33
CA ALA A 726 6.06 43.17 21.86
C ALA A 726 5.29 42.14 21.02
N LEU A 727 6.05 41.36 20.24
CA LEU A 727 5.58 40.13 19.57
C LEU A 727 4.41 40.30 18.59
N GLY A 728 4.50 41.32 17.75
CA GLY A 728 3.53 41.55 16.70
C GLY A 728 2.37 42.42 17.12
N ALA A 729 2.64 43.35 18.03
CA ALA A 729 1.67 44.38 18.39
C ALA A 729 1.78 45.50 17.35
N LYS A 730 0.79 46.39 17.29
CA LYS A 730 0.76 47.46 16.29
C LYS A 730 0.52 48.85 16.88
N ALA A 731 0.89 49.88 16.11
CA ALA A 731 0.49 51.27 16.38
C ALA A 731 0.30 51.98 15.03
N THR A 732 -0.82 52.69 14.87
CA THR A 732 -1.03 53.56 13.70
C THR A 732 -0.22 54.86 13.85
N ALA A 733 0.39 55.34 12.78
CA ALA A 733 1.12 56.61 12.83
C ALA A 733 0.29 57.75 12.27
N VAL A 734 -0.45 57.44 11.20
CA VAL A 734 -1.38 58.35 10.56
C VAL A 734 -2.11 57.60 9.45
N THR A 735 -3.39 57.88 9.29
CA THR A 735 -4.14 57.43 8.12
C THR A 735 -3.97 58.51 7.05
N VAL A 736 -3.36 58.15 5.93
CA VAL A 736 -3.19 59.09 4.82
C VAL A 736 -4.57 59.49 4.27
N PRO A 737 -4.85 60.81 4.25
CA PRO A 737 -6.12 61.29 3.70
C PRO A 737 -6.16 61.20 2.18
N ALA A 738 -7.36 61.16 1.61
CA ALA A 738 -7.49 61.20 0.15
C ALA A 738 -6.88 62.52 -0.32
N VAL A 739 -5.80 62.42 -1.08
CA VAL A 739 -5.06 63.58 -1.55
C VAL A 739 -5.37 63.77 -3.03
N SER A 740 -5.61 65.01 -3.44
CA SER A 740 -5.89 65.31 -4.83
C SER A 740 -4.60 65.69 -5.58
N GLY A 741 -4.66 65.53 -6.90
CA GLY A 741 -3.57 65.92 -7.77
C GLY A 741 -2.43 64.92 -7.79
N LEU A 742 -2.68 63.73 -7.25
CA LEU A 742 -1.70 62.64 -7.32
C LEU A 742 -1.73 62.07 -8.71
N SER A 743 -0.54 61.79 -9.26
CA SER A 743 -0.46 61.12 -10.56
C SER A 743 -1.13 59.74 -10.49
N THR A 744 -1.60 59.26 -11.65
CA THR A 744 -2.28 57.97 -11.76
C THR A 744 -1.48 56.88 -11.03
N THR A 745 -0.16 56.88 -11.26
CA THR A 745 0.79 56.06 -10.49
C THR A 745 1.60 57.02 -9.64
N TYR A 746 1.71 56.70 -8.35
CA TYR A 746 2.42 57.55 -7.39
C TYR A 746 3.08 56.71 -6.29
N LEU A 747 3.99 57.34 -5.55
CA LEU A 747 4.78 56.62 -4.56
C LEU A 747 4.38 57.01 -3.15
N ALA A 748 4.67 56.11 -2.22
CA ALA A 748 4.57 56.35 -0.80
C ALA A 748 5.90 55.96 -0.18
N LYS A 749 6.44 56.81 0.69
CA LYS A 749 7.73 56.57 1.33
C LYS A 749 7.59 56.53 2.87
N ASN A 750 7.56 55.32 3.42
CA ASN A 750 7.54 55.11 4.89
C ASN A 750 8.95 55.01 5.48
N VAL A 751 9.21 55.75 6.55
CA VAL A 751 10.48 55.68 7.27
C VAL A 751 10.22 55.57 8.79
N LEU A 752 10.99 54.69 9.44
CA LEU A 752 10.91 54.49 10.88
C LEU A 752 12.33 54.56 11.43
N THR A 753 12.51 55.37 12.48
CA THR A 753 13.82 55.51 13.12
C THR A 753 13.71 55.23 14.62
N ASP A 754 14.73 54.58 15.19
CA ASP A 754 14.72 54.35 16.65
C ASP A 754 15.19 55.58 17.44
N SER A 755 14.88 55.63 18.73
CA SER A 755 15.12 56.82 19.55
C SER A 755 16.59 57.28 19.60
N SER A 756 17.50 56.46 19.07
CA SER A 756 18.91 56.84 18.95
C SER A 756 19.29 57.35 17.54
N GLY A 757 18.30 57.51 16.67
CA GLY A 757 18.58 57.93 15.30
C GLY A 757 18.27 56.82 14.32
N LYS A 758 19.21 55.86 14.22
CA LYS A 758 19.12 54.67 13.36
C LYS A 758 17.80 54.42 12.60
N GLU A 759 17.89 54.39 11.28
CA GLU A 759 16.76 53.99 10.42
C GLU A 759 16.57 52.47 10.48
N VAL A 760 15.45 52.05 11.05
CA VAL A 760 15.18 50.63 11.31
C VAL A 760 14.28 49.95 10.26
N SER A 761 13.49 50.76 9.55
CA SER A 761 12.58 50.25 8.54
C SER A 761 12.34 51.33 7.50
N ARG A 762 12.37 50.93 6.25
CA ARG A 762 12.06 51.83 5.16
C ARG A 762 11.24 51.01 4.20
N ASN A 763 10.12 51.56 3.76
CA ASN A 763 9.16 50.80 2.98
C ASN A 763 8.55 51.73 1.96
N VAL A 764 8.64 51.36 0.69
CA VAL A 764 8.19 52.21 -0.40
C VAL A 764 7.08 51.54 -1.17
N TYR A 765 5.94 52.22 -1.27
CA TYR A 765 4.83 51.72 -2.07
C TYR A 765 4.69 52.46 -3.40
N TRP A 766 4.27 51.72 -4.42
CA TRP A 766 3.86 52.29 -5.70
C TRP A 766 2.37 52.01 -5.86
N LEU A 767 1.60 53.08 -5.80
CA LEU A 767 0.13 53.01 -5.73
C LEU A 767 -0.54 53.62 -6.94
N SER A 768 -1.85 53.49 -7.03
CA SER A 768 -2.64 54.06 -8.13
C SER A 768 -3.98 54.65 -7.70
N THR A 769 -4.28 55.88 -8.17
CA THR A 769 -5.62 56.50 -7.99
C THR A 769 -6.76 55.67 -8.60
N LYS A 770 -6.41 54.71 -9.45
CA LYS A 770 -7.37 53.70 -9.89
C LYS A 770 -7.20 52.49 -8.98
N ALA A 771 -8.32 51.89 -8.57
CA ALA A 771 -8.29 50.84 -7.58
C ALA A 771 -8.48 49.45 -8.20
N ASP A 772 -7.80 48.47 -7.61
CA ASP A 772 -8.07 47.07 -7.87
C ASP A 772 -9.39 46.71 -7.18
N THR A 773 -10.33 46.10 -7.91
CA THR A 773 -11.56 45.61 -7.29
C THR A 773 -11.89 44.16 -7.64
N LEU A 774 -12.59 43.48 -6.73
CA LEU A 774 -12.84 42.07 -6.91
C LEU A 774 -14.28 41.78 -7.33
N ASN A 775 -14.41 40.98 -8.39
CA ASN A 775 -15.69 40.36 -8.74
C ASN A 775 -15.82 39.09 -7.89
N TRP A 776 -16.16 39.28 -6.61
CA TRP A 776 -16.32 38.18 -5.66
C TRP A 776 -17.22 37.05 -6.18
N GLY A 777 -18.21 37.41 -6.98
CA GLY A 777 -19.19 36.45 -7.51
C GLY A 777 -18.64 35.51 -8.57
N GLY A 778 -17.52 35.90 -9.20
CA GLY A 778 -16.85 35.03 -10.17
C GLY A 778 -15.72 34.21 -9.57
N SER A 779 -15.62 34.24 -8.24
CA SER A 779 -14.62 33.45 -7.51
C SER A 779 -14.65 31.96 -7.86
N ASP A 780 -13.45 31.39 -8.01
CA ASP A 780 -13.28 29.94 -8.03
C ASP A 780 -12.43 29.60 -6.81
N TRP A 781 -12.24 28.31 -6.53
CA TRP A 781 -11.55 27.88 -5.31
C TRP A 781 -10.10 28.36 -5.16
N TYR A 782 -9.46 28.68 -6.29
CA TYR A 782 -8.02 28.96 -6.33
C TYR A 782 -7.67 30.42 -6.66
N TYR A 783 -8.67 31.30 -6.72
CA TYR A 783 -8.47 32.76 -6.98
C TYR A 783 -9.80 33.53 -7.01
N THR A 784 -9.70 34.86 -7.00
CA THR A 784 -10.87 35.71 -7.24
C THR A 784 -10.54 36.65 -8.41
N PRO A 785 -11.38 36.66 -9.46
CA PRO A 785 -11.13 37.49 -10.64
C PRO A 785 -11.36 38.95 -10.33
N GLN A 786 -10.73 39.83 -11.11
CA GLN A 786 -10.89 41.26 -10.94
C GLN A 786 -11.95 41.86 -11.86
N SER A 787 -12.63 42.89 -11.36
CA SER A 787 -13.52 43.70 -12.19
C SER A 787 -12.76 44.96 -12.66
N ALA A 788 -12.00 45.57 -11.76
CA ALA A 788 -11.15 46.68 -12.14
C ALA A 788 -9.69 46.39 -11.78
N PHE A 789 -8.77 47.00 -12.54
CA PHE A 789 -7.35 46.91 -12.27
C PHE A 789 -6.77 48.27 -11.91
N ALA A 790 -5.79 48.27 -11.02
CA ALA A 790 -5.07 49.50 -10.73
C ALA A 790 -4.15 49.81 -11.92
N ASP A 791 -3.69 51.06 -11.99
CA ASP A 791 -2.83 51.50 -13.10
C ASP A 791 -1.44 51.94 -12.64
N LEU A 792 -0.49 51.00 -12.68
CA LEU A 792 0.88 51.27 -12.24
C LEU A 792 1.83 51.39 -13.40
N SER A 793 1.28 51.65 -14.58
CA SER A 793 2.06 51.77 -15.81
C SER A 793 2.88 53.05 -15.85
N GLY A 794 2.56 54.01 -14.99
CA GLY A 794 3.35 55.21 -14.87
C GLY A 794 4.82 54.89 -14.63
N LEU A 795 5.07 53.72 -14.04
CA LEU A 795 6.42 53.27 -13.74
C LEU A 795 7.25 53.12 -15.01
N ASN A 796 6.62 52.72 -16.12
CA ASN A 796 7.29 52.65 -17.43
C ASN A 796 8.01 53.94 -17.82
N ASN A 797 7.48 55.07 -17.33
CA ASN A 797 7.97 56.40 -17.71
C ASN A 797 8.70 57.20 -16.64
N LEU A 798 8.84 56.62 -15.44
CA LEU A 798 9.61 57.26 -14.38
C LEU A 798 10.98 57.65 -14.92
N GLY A 799 11.41 58.88 -14.62
CA GLY A 799 12.66 59.40 -15.16
C GLY A 799 13.88 58.74 -14.56
N GLN A 800 14.99 58.73 -15.30
CA GLN A 800 16.25 58.15 -14.82
C GLN A 800 16.77 58.81 -13.54
N SER A 801 17.43 58.01 -12.71
CA SER A 801 18.17 58.51 -11.57
C SER A 801 19.60 57.94 -11.59
N ALA A 802 20.27 57.90 -10.45
CA ALA A 802 21.66 57.43 -10.41
C ALA A 802 22.06 56.98 -9.02
N VAL A 803 22.99 56.01 -9.00
CA VAL A 803 23.62 55.52 -7.77
C VAL A 803 24.94 54.92 -8.24
N GLY A 804 26.07 55.16 -7.55
CA GLY A 804 26.18 55.77 -6.24
C GLY A 804 26.67 54.73 -5.26
N ALA A 805 27.66 53.92 -5.68
CA ALA A 805 27.97 52.64 -5.01
C ALA A 805 29.43 52.37 -4.70
N THR A 806 29.68 51.92 -3.48
CA THR A 806 31.02 51.59 -3.00
C THR A 806 30.91 50.34 -2.14
N ALA A 807 31.86 49.42 -2.29
CA ALA A 807 31.81 48.13 -1.62
C ALA A 807 33.21 47.58 -1.30
N ASN A 808 33.34 46.96 -0.14
CA ASN A 808 34.56 46.25 0.24
C ASN A 808 34.16 45.02 1.06
N SER A 809 35.12 44.09 1.25
CA SER A 809 34.82 42.79 1.85
C SER A 809 35.84 42.33 2.89
N VAL A 810 35.36 41.59 3.89
CA VAL A 810 36.20 40.99 4.93
C VAL A 810 35.92 39.49 5.05
N ALA A 811 36.96 38.67 4.94
CA ALA A 811 36.85 37.22 5.13
C ALA A 811 37.23 36.84 6.56
N GLY A 812 36.28 36.23 7.28
CA GLY A 812 36.51 35.75 8.64
C GLY A 812 37.25 34.41 8.66
N ALA A 813 37.76 34.04 9.82
CA ALA A 813 38.46 32.75 9.99
C ALA A 813 37.47 31.57 10.07
N ASP A 814 36.19 31.91 10.26
CA ASP A 814 35.09 30.95 10.23
C ASP A 814 34.61 30.69 8.79
N GLY A 815 35.44 31.06 7.82
CA GLY A 815 35.17 30.74 6.40
C GLY A 815 33.97 31.42 5.77
N THR A 816 33.46 32.47 6.41
CA THR A 816 32.46 33.35 5.79
C THR A 816 33.09 34.65 5.35
N THR A 817 32.43 35.29 4.39
CA THR A 817 32.84 36.60 3.91
C THR A 817 31.66 37.54 4.15
N THR A 818 31.97 38.74 4.61
CA THR A 818 30.97 39.76 4.74
C THR A 818 31.35 40.93 3.87
N THR A 819 30.43 41.26 2.96
CA THR A 819 30.63 42.30 1.98
C THR A 819 29.76 43.50 2.33
N THR A 820 30.42 44.65 2.45
CA THR A 820 29.73 45.89 2.80
C THR A 820 29.63 46.82 1.61
N VAL A 821 28.41 47.07 1.16
CA VAL A 821 28.15 48.03 0.09
C VAL A 821 27.42 49.28 0.63
N THR A 822 27.84 50.46 0.13
CA THR A 822 27.24 51.73 0.48
C THR A 822 26.62 52.33 -0.77
N LEU A 823 25.30 52.51 -0.74
CA LEU A 823 24.54 53.08 -1.85
C LEU A 823 24.16 54.56 -1.60
N LYS A 824 24.17 55.38 -2.67
CA LYS A 824 23.76 56.80 -2.60
C LYS A 824 23.01 57.28 -3.83
N ASN A 825 21.91 58.02 -3.65
CA ASN A 825 21.26 58.70 -4.78
C ASN A 825 22.01 59.96 -5.15
N THR A 826 22.77 59.89 -6.24
CA THR A 826 23.74 60.93 -6.62
C THR A 826 23.23 61.95 -7.63
N SER A 827 22.00 61.79 -8.12
CA SER A 827 21.44 62.70 -9.11
C SER A 827 21.14 64.09 -8.55
N GLY A 828 21.05 65.07 -9.43
CA GLY A 828 20.75 66.44 -9.02
C GLY A 828 19.29 66.87 -9.19
N GLY A 829 18.42 65.89 -9.46
CA GLY A 829 16.98 66.13 -9.66
C GLY A 829 16.17 66.01 -8.39
N ARG A 830 14.91 65.63 -8.54
CA ARG A 830 14.03 65.32 -7.41
C ARG A 830 13.48 63.89 -7.52
N LEU A 831 14.07 63.11 -8.43
CA LEU A 831 13.67 61.74 -8.67
C LEU A 831 14.38 60.76 -7.74
N PRO A 832 13.64 59.79 -7.18
CA PRO A 832 14.30 58.76 -6.37
C PRO A 832 15.01 57.67 -7.21
N ALA A 833 16.02 57.05 -6.61
CA ALA A 833 16.63 55.84 -7.15
C ALA A 833 15.83 54.64 -6.62
N PHE A 834 15.00 54.09 -7.49
CA PHE A 834 13.88 53.21 -7.12
C PHE A 834 14.14 51.73 -7.38
N TYR A 835 13.80 50.90 -6.39
CA TYR A 835 13.97 49.43 -6.44
C TYR A 835 15.38 49.07 -6.88
N VAL A 836 16.34 49.45 -6.04
CA VAL A 836 17.75 49.21 -6.30
C VAL A 836 18.11 47.84 -5.73
N ASP A 837 18.67 47.00 -6.58
CA ASP A 837 18.92 45.63 -6.20
C ASP A 837 20.42 45.31 -6.30
N SER A 838 21.01 44.91 -5.18
CA SER A 838 22.42 44.55 -5.15
C SER A 838 22.61 43.06 -5.00
N LYS A 839 23.55 42.50 -5.76
CA LYS A 839 23.83 41.07 -5.75
C LYS A 839 25.33 40.83 -5.68
N VAL A 840 25.77 40.07 -4.69
CA VAL A 840 27.13 39.56 -4.68
C VAL A 840 27.28 38.63 -5.88
N VAL A 841 28.23 38.95 -6.75
CA VAL A 841 28.53 38.16 -7.95
C VAL A 841 30.03 37.92 -8.02
N ASP A 842 30.43 36.87 -8.76
CA ASP A 842 31.84 36.62 -9.08
C ASP A 842 32.27 37.28 -10.39
N SER A 843 33.55 37.14 -10.75
CA SER A 843 34.07 37.78 -11.96
C SER A 843 33.29 37.39 -13.22
N ALA A 844 32.65 36.22 -13.20
CA ALA A 844 31.80 35.79 -14.29
C ALA A 844 30.43 36.47 -14.27
N GLY A 845 30.20 37.34 -13.29
CA GLY A 845 28.92 38.04 -13.18
C GLY A 845 27.78 37.16 -12.73
N LYS A 846 28.11 35.95 -12.28
CA LYS A 846 27.14 34.97 -11.77
C LYS A 846 26.96 35.22 -10.26
N PRO A 847 25.74 35.07 -9.73
CA PRO A 847 25.51 35.33 -8.31
C PRO A 847 26.15 34.29 -7.34
N VAL A 848 26.84 34.78 -6.31
CA VAL A 848 27.35 33.95 -5.22
C VAL A 848 26.19 33.56 -4.29
N LEU A 849 25.95 32.25 -4.17
CA LEU A 849 24.78 31.72 -3.47
C LEU A 849 25.14 30.49 -2.64
N PRO A 850 24.53 30.33 -1.46
CA PRO A 850 23.50 31.19 -0.87
C PRO A 850 24.10 32.42 -0.17
N VAL A 851 23.27 33.45 0.00
CA VAL A 851 23.72 34.73 0.55
C VAL A 851 22.60 35.28 1.44
N GLU A 852 22.97 36.14 2.39
CA GLU A 852 22.02 36.72 3.31
C GLU A 852 22.28 38.22 3.54
N TRP A 853 21.37 39.04 3.07
CA TRP A 853 21.49 40.50 3.24
C TRP A 853 20.73 40.96 4.48
N ASN A 854 21.21 42.04 5.08
CA ASN A 854 20.46 42.68 6.16
C ASN A 854 19.22 43.34 5.58
N ASP A 855 19.38 43.91 4.38
CA ASP A 855 18.31 44.56 3.65
C ASP A 855 18.67 44.53 2.17
N ASN A 856 17.67 44.63 1.30
CA ASN A 856 17.91 44.77 -0.14
C ASN A 856 16.75 45.45 -0.88
N ALA A 857 16.85 45.51 -2.21
CA ALA A 857 15.85 46.20 -3.04
C ALA A 857 15.40 47.54 -2.44
N VAL A 858 16.34 48.47 -2.34
CA VAL A 858 16.14 49.74 -1.63
C VAL A 858 15.74 50.90 -2.56
N SER A 859 15.14 51.94 -1.98
CA SER A 859 14.76 53.13 -2.73
C SER A 859 15.30 54.36 -2.02
N LEU A 860 16.06 55.15 -2.75
CA LEU A 860 16.78 56.28 -2.15
C LEU A 860 16.44 57.59 -2.84
N TRP A 861 16.02 58.57 -2.06
CA TRP A 861 15.76 59.91 -2.60
C TRP A 861 17.08 60.69 -2.63
N PRO A 862 17.17 61.74 -3.47
CA PRO A 862 18.47 62.37 -3.72
C PRO A 862 19.19 62.80 -2.44
N GLY A 863 20.48 62.45 -2.33
CA GLY A 863 21.27 62.75 -1.14
C GLY A 863 21.23 61.67 -0.06
N GLU A 864 20.20 60.84 -0.08
CA GLU A 864 20.06 59.74 0.88
C GLU A 864 21.05 58.60 0.66
N THR A 865 21.33 57.88 1.73
CA THR A 865 22.32 56.84 1.74
C THR A 865 21.83 55.66 2.54
N THR A 866 22.35 54.48 2.18
CA THR A 866 22.13 53.25 2.93
C THR A 866 23.37 52.38 2.85
N THR A 867 23.66 51.68 3.94
CA THR A 867 24.76 50.74 3.99
C THR A 867 24.14 49.35 4.09
N LEU A 868 24.54 48.46 3.19
CA LEU A 868 24.08 47.07 3.22
C LEU A 868 25.16 46.04 3.57
N THR A 869 24.70 44.94 4.15
CA THR A 869 25.56 43.86 4.59
C THR A 869 25.13 42.58 3.88
N ALA A 870 26.09 41.89 3.29
CA ALA A 870 25.86 40.58 2.69
C ALA A 870 26.81 39.56 3.29
N LYS A 871 26.26 38.45 3.81
CA LYS A 871 27.06 37.37 4.38
C LYS A 871 26.88 36.08 3.60
N TYR A 872 28.00 35.42 3.30
CA TYR A 872 28.03 34.17 2.52
C TYR A 872 29.34 33.42 2.78
N ARG A 873 29.37 32.13 2.44
CA ARG A 873 30.58 31.33 2.57
C ARG A 873 31.63 31.78 1.57
N THR A 874 32.86 31.97 2.03
CA THR A 874 33.97 32.34 1.16
C THR A 874 34.21 31.32 0.02
N ALA A 875 33.94 30.05 0.28
CA ALA A 875 34.17 28.98 -0.70
C ALA A 875 33.26 29.05 -1.92
N ASP A 876 32.05 29.58 -1.74
CA ASP A 876 31.07 29.72 -2.83
C ASP A 876 31.51 30.75 -3.88
N LEU A 877 32.52 31.52 -3.52
CA LEU A 877 33.18 32.45 -4.42
C LEU A 877 34.03 31.66 -5.42
N LYS A 878 34.35 30.41 -5.04
CA LYS A 878 35.15 29.48 -5.85
C LYS A 878 36.48 30.08 -6.36
N GLY A 879 37.20 30.74 -5.47
CA GLY A 879 38.50 31.34 -5.80
C GLY A 879 38.47 32.71 -6.46
N SER A 880 37.31 33.08 -7.00
CA SER A 880 37.11 34.39 -7.63
C SER A 880 37.15 35.53 -6.61
N LYS A 881 37.43 36.74 -7.11
CA LYS A 881 37.25 37.95 -6.32
C LYS A 881 35.76 38.32 -6.29
N PRO A 882 35.28 38.85 -5.14
CA PRO A 882 33.88 39.25 -4.97
C PRO A 882 33.56 40.56 -5.66
N SER A 883 32.35 40.64 -6.24
CA SER A 883 31.88 41.88 -6.84
C SER A 883 30.41 42.06 -6.54
N VAL A 884 29.95 43.29 -6.71
CA VAL A 884 28.56 43.61 -6.44
C VAL A 884 27.89 44.15 -7.70
N ARG A 885 26.74 43.56 -8.05
CA ARG A 885 25.95 44.00 -9.19
C ARG A 885 24.73 44.83 -8.75
N ILE A 886 24.75 46.12 -9.03
CA ILE A 886 23.68 47.03 -8.63
C ILE A 886 22.74 47.31 -9.82
N SER A 887 21.46 47.07 -9.64
CA SER A 887 20.47 47.33 -10.68
C SER A 887 19.24 47.98 -10.10
N GLY A 888 18.84 49.10 -10.67
CA GLY A 888 17.61 49.76 -10.27
C GLY A 888 16.56 49.68 -11.35
N TRP A 889 15.32 50.00 -10.99
CA TRP A 889 14.28 50.15 -11.99
C TRP A 889 14.67 51.24 -12.97
N ASN A 890 15.12 52.36 -12.44
CA ASN A 890 15.46 53.53 -13.23
C ASN A 890 16.90 54.00 -13.01
N THR A 891 17.81 53.05 -12.77
CA THR A 891 19.22 53.41 -12.60
C THR A 891 20.21 52.61 -13.46
N GLY A 892 19.70 51.75 -14.33
CA GLY A 892 20.55 50.87 -15.13
C GLY A 892 21.34 49.86 -14.27
N THR A 893 22.35 49.27 -14.89
CA THR A 893 23.13 48.21 -14.25
C THR A 893 24.58 48.62 -14.22
N GLN A 894 25.21 48.45 -13.07
CA GLN A 894 26.64 48.62 -12.93
C GLN A 894 27.14 47.54 -11.99
N THR A 895 28.41 47.16 -12.14
CA THR A 895 29.03 46.28 -11.17
C THR A 895 30.34 46.92 -10.69
N VAL A 896 30.45 47.07 -9.37
CA VAL A 896 31.64 47.63 -8.72
C VAL A 896 32.41 46.53 -8.00
N PRO A 897 33.75 46.58 -8.03
CA PRO A 897 34.59 45.61 -7.30
C PRO A 897 34.22 45.58 -5.84
N ALA A 898 34.59 44.50 -5.16
CA ALA A 898 34.36 44.40 -3.73
C ALA A 898 35.52 43.70 -3.00
N ASP A 899 36.63 43.55 -3.51
N LEU B 42 -27.44 4.39 -1.97
CA LEU B 42 -26.03 4.58 -2.48
C LEU B 42 -25.90 5.82 -3.38
N SER B 43 -24.90 6.66 -3.08
CA SER B 43 -24.58 7.85 -3.87
C SER B 43 -23.68 7.52 -5.07
N VAL B 44 -24.06 8.03 -6.26
CA VAL B 44 -23.28 7.86 -7.52
C VAL B 44 -23.29 9.11 -8.41
N GLY B 45 -22.38 10.05 -8.11
CA GLY B 45 -22.26 11.34 -8.83
C GLY B 45 -21.73 11.26 -10.25
N ALA B 46 -21.73 12.41 -10.94
CA ALA B 46 -21.46 12.48 -12.39
C ALA B 46 -19.97 12.38 -12.82
N ALA B 47 -19.25 11.39 -12.30
CA ALA B 47 -17.82 11.20 -12.63
C ALA B 47 -17.63 10.35 -13.89
N ALA B 48 -16.88 10.88 -14.85
CA ALA B 48 -16.69 10.21 -16.15
C ALA B 48 -15.49 9.24 -16.18
N GLY B 49 -15.71 8.07 -15.56
CA GLY B 49 -14.69 7.03 -15.35
C GLY B 49 -15.06 6.21 -14.12
N ASN B 50 -16.29 6.43 -13.65
CA ASN B 50 -16.76 5.89 -12.39
C ASN B 50 -17.34 4.47 -12.51
N ALA B 51 -17.27 3.73 -11.40
CA ALA B 51 -17.87 2.42 -11.29
C ALA B 51 -18.03 2.10 -9.81
N THR B 52 -19.28 2.06 -9.35
CA THR B 52 -19.55 1.82 -7.94
C THR B 52 -20.43 0.58 -7.76
N PRO B 53 -19.96 -0.35 -6.90
CA PRO B 53 -20.81 -1.49 -6.60
C PRO B 53 -21.91 -1.13 -5.61
N ILE B 54 -23.12 -1.64 -5.86
CA ILE B 54 -24.24 -1.48 -4.94
C ILE B 54 -23.90 -2.23 -3.65
N PRO B 55 -23.86 -1.52 -2.50
CA PRO B 55 -23.38 -2.21 -1.31
C PRO B 55 -24.41 -3.19 -0.72
N GLY B 56 -25.71 -2.95 -0.96
CA GLY B 56 -26.78 -3.78 -0.40
C GLY B 56 -28.18 -3.71 -1.01
N TYR B 57 -29.00 -4.70 -0.67
CA TYR B 57 -30.39 -4.70 -1.10
C TYR B 57 -31.32 -4.96 0.06
N VAL B 58 -32.59 -4.61 -0.12
CA VAL B 58 -33.65 -5.23 0.66
C VAL B 58 -34.31 -6.28 -0.22
N ILE B 59 -34.54 -7.46 0.35
CA ILE B 59 -35.12 -8.56 -0.43
C ILE B 59 -36.41 -9.07 0.17
N GLN B 60 -37.22 -9.68 -0.69
CA GLN B 60 -38.51 -10.24 -0.31
C GLN B 60 -39.03 -11.09 -1.45
N SER B 61 -39.80 -12.10 -1.07
CA SER B 61 -40.55 -12.94 -1.99
C SER B 61 -41.52 -12.11 -2.85
N SER B 62 -41.68 -12.52 -4.12
CA SER B 62 -42.66 -11.91 -5.01
C SER B 62 -44.08 -12.25 -4.51
N ALA B 63 -44.16 -13.13 -3.53
CA ALA B 63 -45.43 -13.44 -2.86
C ALA B 63 -46.00 -12.23 -2.12
N GLN B 64 -45.12 -11.31 -1.72
CA GLN B 64 -45.54 -10.06 -1.06
C GLN B 64 -45.78 -8.89 -2.03
N VAL B 65 -45.52 -9.10 -3.32
CA VAL B 65 -45.64 -8.03 -4.32
C VAL B 65 -46.78 -8.29 -5.36
N SER B 66 -47.87 -7.54 -5.21
CA SER B 66 -49.06 -7.75 -6.05
C SER B 66 -48.97 -7.09 -7.42
N ASP B 67 -48.19 -6.02 -7.50
CA ASP B 67 -47.93 -5.33 -8.76
C ASP B 67 -46.42 -5.11 -8.91
N ASP B 68 -45.83 -5.79 -9.89
CA ASP B 68 -44.39 -5.74 -10.16
C ASP B 68 -43.84 -4.32 -10.35
N SER B 69 -44.57 -3.47 -11.08
CA SER B 69 -44.06 -2.12 -11.42
C SER B 69 -43.75 -1.23 -10.20
N ALA B 70 -44.40 -1.53 -9.07
CA ALA B 70 -44.33 -0.68 -7.89
C ALA B 70 -42.96 -0.71 -7.22
N VAL B 71 -42.30 -1.88 -7.27
CA VAL B 71 -41.06 -2.14 -6.54
C VAL B 71 -39.93 -1.13 -6.83
N SER B 72 -39.78 -0.75 -8.10
CA SER B 72 -38.68 0.14 -8.50
C SER B 72 -39.05 1.62 -8.53
N LYS B 73 -40.28 1.95 -8.15
CA LYS B 73 -40.66 3.35 -8.00
C LYS B 73 -40.18 3.86 -6.64
N PRO B 74 -39.38 4.96 -6.64
CA PRO B 74 -38.91 5.57 -5.39
C PRO B 74 -40.08 5.82 -4.44
N GLY B 75 -39.88 5.60 -3.15
CA GLY B 75 -40.96 5.74 -2.17
C GLY B 75 -41.70 4.46 -1.84
N PHE B 76 -41.50 3.41 -2.65
CA PHE B 76 -42.10 2.10 -2.40
C PHE B 76 -41.80 1.65 -0.98
N PRO B 77 -42.82 1.17 -0.26
CA PRO B 77 -42.61 0.79 1.14
C PRO B 77 -42.06 -0.63 1.26
N THR B 78 -40.99 -0.79 2.04
CA THR B 78 -40.29 -2.07 2.14
C THR B 78 -40.28 -2.62 3.58
N SER B 79 -41.36 -2.33 4.31
CA SER B 79 -41.50 -2.79 5.68
C SER B 79 -41.48 -4.33 5.70
N GLY B 80 -40.68 -4.89 6.60
CA GLY B 80 -40.59 -6.34 6.76
C GLY B 80 -39.72 -7.03 5.74
N TRP B 81 -39.11 -6.26 4.85
CA TRP B 81 -38.14 -6.78 3.90
C TRP B 81 -36.80 -6.91 4.60
N TYR B 82 -35.94 -7.78 4.05
CA TYR B 82 -34.68 -8.16 4.66
C TYR B 82 -33.50 -7.41 4.04
N PRO B 83 -32.79 -6.60 4.85
CA PRO B 83 -31.53 -6.03 4.33
C PRO B 83 -30.48 -7.12 4.21
N VAL B 84 -29.82 -7.19 3.06
CA VAL B 84 -28.73 -8.15 2.82
C VAL B 84 -27.55 -7.41 2.21
N SER B 85 -26.35 -7.85 2.51
CA SER B 85 -25.19 -7.23 1.87
C SER B 85 -25.08 -7.77 0.43
N SER B 86 -24.20 -7.15 -0.34
CA SER B 86 -24.03 -7.52 -1.74
C SER B 86 -23.58 -8.97 -1.89
N ARG B 87 -23.88 -9.58 -3.03
CA ARG B 87 -23.47 -10.95 -3.36
C ARG B 87 -24.13 -12.01 -2.46
N SER B 88 -25.44 -11.87 -2.29
CA SER B 88 -26.22 -12.70 -1.40
C SER B 88 -27.18 -13.58 -2.16
N THR B 89 -27.17 -14.88 -1.83
CA THR B 89 -28.28 -15.75 -2.21
C THR B 89 -29.46 -15.43 -1.30
N VAL B 90 -30.66 -15.85 -1.71
CA VAL B 90 -31.83 -15.60 -0.89
C VAL B 90 -31.65 -16.23 0.49
N TYR B 91 -31.33 -17.53 0.50
CA TYR B 91 -31.08 -18.24 1.76
C TYR B 91 -29.95 -17.58 2.56
N ALA B 92 -28.85 -17.24 1.89
CA ALA B 92 -27.79 -16.47 2.52
C ALA B 92 -28.33 -15.22 3.22
N GLY B 93 -29.16 -14.47 2.50
CA GLY B 93 -29.73 -13.24 2.99
C GLY B 93 -30.59 -13.48 4.20
N LEU B 94 -31.36 -14.57 4.15
CA LEU B 94 -32.24 -14.95 5.26
C LEU B 94 -31.45 -15.36 6.50
N LEU B 95 -30.44 -16.21 6.32
CA LEU B 95 -29.52 -16.49 7.42
C LEU B 95 -28.89 -15.20 7.98
N GLN B 96 -28.63 -14.24 7.11
CA GLN B 96 -28.03 -12.98 7.52
C GLN B 96 -28.94 -12.24 8.50
N ASN B 97 -30.25 -12.44 8.37
CA ASN B 97 -31.20 -11.77 9.24
C ASN B 97 -31.66 -12.64 10.40
N GLY B 98 -31.02 -13.80 10.54
CA GLY B 98 -31.27 -14.71 11.64
C GLY B 98 -32.63 -15.38 11.61
N LYS B 99 -33.20 -15.54 10.41
CA LYS B 99 -34.54 -16.13 10.31
C LYS B 99 -34.52 -17.65 10.40
N TYR B 100 -33.36 -18.26 10.14
CA TYR B 100 -33.23 -19.71 10.23
C TYR B 100 -32.00 -20.14 10.99
N ALA B 101 -32.04 -21.35 11.52
CA ALA B 101 -30.93 -21.89 12.29
C ALA B 101 -29.74 -22.16 11.38
N ASP B 102 -28.55 -22.11 11.95
CA ASP B 102 -27.31 -22.38 11.23
C ASP B 102 -27.39 -23.74 10.57
N PRO B 103 -27.21 -23.77 9.24
CA PRO B 103 -27.35 -25.04 8.54
C PRO B 103 -26.07 -25.89 8.60
N PHE B 104 -25.01 -25.32 9.14
CA PHE B 104 -23.76 -26.04 9.33
C PHE B 104 -23.86 -27.05 10.46
N TYR B 105 -24.92 -26.93 11.27
CA TYR B 105 -25.15 -27.84 12.38
C TYR B 105 -26.30 -28.81 12.13
N SER B 106 -25.98 -30.10 12.29
CA SER B 106 -26.97 -31.16 12.35
C SER B 106 -27.83 -31.14 11.10
N THR B 107 -29.15 -31.31 11.28
CA THR B 107 -30.10 -31.43 10.16
C THR B 107 -30.96 -30.17 10.04
N ASN B 108 -30.45 -29.06 10.56
CA ASN B 108 -31.12 -27.76 10.48
C ASN B 108 -31.59 -27.41 9.07
N MET B 109 -30.70 -27.56 8.08
CA MET B 109 -31.02 -27.18 6.73
C MET B 109 -32.22 -27.93 6.16
N GLN B 110 -32.59 -29.05 6.78
CA GLN B 110 -33.80 -29.78 6.37
C GLN B 110 -35.06 -29.07 6.82
N ASN B 111 -35.01 -28.45 8.00
CA ASN B 111 -36.17 -27.77 8.58
C ASN B 111 -36.58 -26.50 7.83
N VAL B 112 -35.85 -26.15 6.78
CA VAL B 112 -36.14 -24.94 6.01
C VAL B 112 -37.16 -25.23 4.91
N PRO B 113 -38.34 -24.60 4.97
CA PRO B 113 -39.40 -24.81 3.95
C PRO B 113 -38.94 -24.36 2.56
N ALA B 114 -38.88 -25.30 1.62
CA ALA B 114 -38.32 -25.06 0.27
C ALA B 114 -39.26 -24.30 -0.71
N ALA B 115 -40.57 -24.58 -0.63
CA ALA B 115 -41.54 -24.08 -1.59
C ALA B 115 -41.51 -22.55 -1.78
N GLN B 116 -41.22 -21.82 -0.70
CA GLN B 116 -41.18 -20.36 -0.77
C GLN B 116 -40.18 -19.83 -1.82
N PHE B 117 -39.23 -20.66 -2.20
CA PHE B 117 -38.24 -20.34 -3.27
C PHE B 117 -38.67 -20.91 -4.64
N SER B 118 -39.93 -21.30 -4.72
CA SER B 118 -40.63 -21.69 -5.96
C SER B 118 -41.01 -20.49 -6.83
N VAL B 119 -41.05 -19.29 -6.24
CA VAL B 119 -41.43 -18.07 -6.96
C VAL B 119 -40.27 -17.10 -6.93
N PRO B 120 -40.23 -16.13 -7.87
CA PRO B 120 -39.12 -15.17 -7.85
C PRO B 120 -38.98 -14.37 -6.55
N TRP B 121 -37.80 -13.79 -6.33
CA TRP B 121 -37.54 -12.91 -5.19
C TRP B 121 -37.05 -11.57 -5.68
N TRP B 122 -37.45 -10.51 -4.98
CA TRP B 122 -37.08 -9.17 -5.38
C TRP B 122 -35.82 -8.71 -4.67
N TYR B 123 -34.89 -8.13 -5.42
CA TYR B 123 -33.71 -7.48 -4.85
C TYR B 123 -33.81 -6.00 -5.15
N ARG B 124 -33.97 -5.19 -4.11
CA ARG B 124 -34.32 -3.78 -4.26
C ARG B 124 -33.31 -2.82 -3.64
N THR B 125 -33.05 -1.71 -4.32
CA THR B 125 -32.13 -0.68 -3.80
C THR B 125 -32.41 0.73 -4.30
N ASP B 126 -32.27 1.69 -3.39
CA ASP B 126 -32.25 3.08 -3.79
C ASP B 126 -30.91 3.45 -4.38
N LEU B 127 -30.92 4.52 -5.17
CA LEU B 127 -29.77 4.99 -5.90
C LEU B 127 -29.86 6.51 -5.94
N ASN B 128 -28.83 7.19 -5.44
CA ASN B 128 -28.83 8.64 -5.46
C ASN B 128 -27.95 9.16 -6.60
N VAL B 129 -28.55 9.89 -7.51
CA VAL B 129 -27.82 10.48 -8.64
C VAL B 129 -27.89 11.99 -8.54
N ASP B 130 -26.74 12.63 -8.35
CA ASP B 130 -26.66 14.10 -8.26
C ASP B 130 -26.86 14.79 -9.61
N ASP B 131 -26.48 14.12 -10.70
CA ASP B 131 -26.36 14.81 -11.97
C ASP B 131 -26.48 13.86 -13.17
N THR B 132 -27.56 14.00 -13.94
CA THR B 132 -27.80 13.16 -15.12
C THR B 132 -27.00 13.58 -16.35
N SER B 133 -25.92 14.31 -16.11
CA SER B 133 -24.99 14.79 -17.14
C SER B 133 -24.23 13.61 -17.77
N SER B 134 -23.55 12.81 -16.95
CA SER B 134 -22.98 11.55 -17.41
C SER B 134 -24.11 10.54 -17.58
N ARG B 135 -23.97 9.63 -18.54
CA ARG B 135 -24.92 8.52 -18.73
C ARG B 135 -24.85 7.52 -17.57
N THR B 136 -25.77 6.54 -17.55
CA THR B 136 -25.84 5.57 -16.45
C THR B 136 -26.14 4.15 -16.96
N TYR B 137 -25.43 3.18 -16.38
CA TYR B 137 -25.50 1.77 -16.79
C TYR B 137 -25.46 0.90 -15.57
N LEU B 138 -26.12 -0.25 -15.65
CA LEU B 138 -25.93 -1.30 -14.65
C LEU B 138 -25.10 -2.39 -15.30
N ASP B 139 -23.91 -2.61 -14.76
CA ASP B 139 -23.02 -3.65 -15.25
C ASP B 139 -22.91 -4.77 -14.21
N PHE B 140 -23.34 -5.96 -14.59
CA PHE B 140 -23.44 -7.08 -13.66
C PHE B 140 -23.41 -8.43 -14.34
N SER B 141 -23.28 -9.45 -13.51
CA SER B 141 -23.48 -10.84 -13.87
C SER B 141 -23.79 -11.55 -12.57
N GLY B 142 -24.01 -12.87 -12.64
CA GLY B 142 -24.21 -13.66 -11.43
C GLY B 142 -25.63 -13.65 -10.91
N VAL B 143 -26.60 -13.55 -11.83
CA VAL B 143 -28.01 -13.70 -11.47
C VAL B 143 -28.39 -15.17 -11.61
N LEU B 144 -28.75 -15.83 -10.50
CA LEU B 144 -29.32 -17.18 -10.61
C LEU B 144 -30.84 -17.17 -10.33
N SER B 145 -31.65 -17.59 -11.30
CA SER B 145 -31.19 -18.09 -12.59
C SER B 145 -31.32 -17.03 -13.69
N LYS B 146 -32.20 -16.06 -13.44
CA LYS B 146 -32.55 -15.05 -14.43
C LYS B 146 -33.38 -14.00 -13.71
N ALA B 147 -33.42 -12.79 -14.27
CA ALA B 147 -34.15 -11.70 -13.62
C ALA B 147 -34.85 -10.78 -14.60
N ASP B 148 -35.89 -10.11 -14.11
CA ASP B 148 -36.41 -8.93 -14.78
C ASP B 148 -35.75 -7.78 -14.11
N VAL B 149 -35.31 -6.80 -14.91
CA VAL B 149 -34.63 -5.63 -14.37
C VAL B 149 -35.51 -4.39 -14.50
N TRP B 150 -35.82 -3.77 -13.38
CA TRP B 150 -36.68 -2.59 -13.35
C TRP B 150 -35.93 -1.40 -12.78
N VAL B 151 -36.12 -0.23 -13.39
CA VAL B 151 -35.55 1.02 -12.90
C VAL B 151 -36.65 2.06 -12.96
N ASN B 152 -36.92 2.68 -11.80
CA ASN B 152 -37.86 3.82 -11.70
C ASN B 152 -39.27 3.52 -12.21
N GLY B 153 -39.64 2.25 -12.20
CA GLY B 153 -40.98 1.86 -12.61
C GLY B 153 -41.04 1.35 -14.02
N THR B 154 -39.91 1.36 -14.72
CA THR B 154 -39.83 0.87 -16.10
C THR B 154 -39.05 -0.43 -16.16
N LYS B 155 -39.67 -1.44 -16.78
CA LYS B 155 -39.01 -2.72 -17.06
C LYS B 155 -37.93 -2.56 -18.15
N VAL B 156 -36.66 -2.44 -17.74
CA VAL B 156 -35.55 -2.24 -18.70
C VAL B 156 -34.91 -3.53 -19.27
N ALA B 157 -35.32 -4.70 -18.77
CA ALA B 157 -34.80 -5.97 -19.28
C ALA B 157 -35.64 -7.13 -18.77
N THR B 158 -35.83 -8.14 -19.62
CA THR B 158 -36.59 -9.34 -19.23
C THR B 158 -35.70 -10.53 -18.81
N LYS B 159 -36.34 -11.52 -18.18
CA LYS B 159 -35.72 -12.82 -17.85
C LYS B 159 -35.27 -13.61 -19.08
N ASP B 160 -35.77 -13.24 -20.26
CA ASP B 160 -35.29 -13.84 -21.51
C ASP B 160 -34.00 -13.17 -21.98
N GLN B 161 -33.79 -11.90 -21.63
CA GLN B 161 -32.52 -11.21 -21.93
C GLN B 161 -31.45 -11.37 -20.81
N VAL B 162 -31.89 -11.55 -19.56
CA VAL B 162 -30.98 -11.70 -18.44
C VAL B 162 -31.10 -13.13 -17.88
N ASN B 163 -30.41 -14.06 -18.52
CA ASN B 163 -30.61 -15.50 -18.32
C ASN B 163 -29.27 -16.23 -18.33
N GLY B 164 -28.96 -16.92 -17.24
CA GLY B 164 -27.67 -17.59 -17.11
C GLY B 164 -26.75 -16.88 -16.13
N ALA B 165 -26.27 -17.63 -15.15
CA ALA B 165 -25.47 -17.09 -14.06
C ALA B 165 -24.18 -16.39 -14.49
N TYR B 166 -23.54 -16.91 -15.54
CA TYR B 166 -22.26 -16.37 -15.96
C TYR B 166 -22.38 -15.30 -17.04
N THR B 167 -23.61 -15.02 -17.50
CA THR B 167 -23.80 -14.01 -18.55
C THR B 167 -23.70 -12.60 -17.99
N ARG B 168 -22.84 -11.79 -18.63
CA ARG B 168 -22.66 -10.37 -18.28
C ARG B 168 -23.72 -9.53 -18.95
N HIS B 169 -24.16 -8.48 -18.28
CA HIS B 169 -25.13 -7.55 -18.85
C HIS B 169 -24.72 -6.12 -18.60
N ASP B 170 -24.89 -5.32 -19.65
CA ASP B 170 -24.43 -3.95 -19.68
C ASP B 170 -25.58 -3.08 -20.18
N LEU B 171 -26.49 -2.78 -19.28
CA LEU B 171 -27.75 -2.10 -19.61
C LEU B 171 -27.68 -0.59 -19.46
N ASP B 172 -27.88 0.12 -20.57
CA ASP B 172 -27.96 1.58 -20.59
C ASP B 172 -29.31 2.10 -20.04
N ILE B 173 -29.31 2.58 -18.80
CA ILE B 173 -30.55 3.00 -18.12
C ILE B 173 -30.69 4.55 -18.08
N THR B 174 -29.84 5.22 -18.85
CA THR B 174 -29.80 6.69 -18.94
C THR B 174 -31.18 7.33 -19.12
N ALA B 175 -32.01 6.72 -19.96
CA ALA B 175 -33.35 7.26 -20.27
C ALA B 175 -34.29 7.23 -19.06
N GLN B 176 -34.02 6.35 -18.11
CA GLN B 176 -34.90 6.12 -16.96
C GLN B 176 -34.50 6.95 -15.76
N VAL B 177 -33.23 7.37 -15.74
CA VAL B 177 -32.60 7.95 -14.57
C VAL B 177 -32.75 9.48 -14.45
N HIS B 178 -33.22 9.92 -13.28
CA HIS B 178 -33.37 11.33 -12.95
C HIS B 178 -32.47 11.76 -11.78
N THR B 179 -32.33 13.07 -11.56
CA THR B 179 -31.67 13.62 -10.36
C THR B 179 -32.39 13.13 -9.12
N GLY B 180 -31.68 13.03 -7.99
CA GLY B 180 -32.28 12.60 -6.72
C GLY B 180 -32.31 11.10 -6.49
N VAL B 181 -33.23 10.66 -5.63
CA VAL B 181 -33.40 9.24 -5.32
C VAL B 181 -33.97 8.50 -6.52
N ASN B 182 -33.28 7.42 -6.91
CA ASN B 182 -33.76 6.48 -7.92
C ASN B 182 -33.85 5.08 -7.32
N SER B 183 -34.56 4.17 -7.97
CA SER B 183 -34.70 2.81 -7.44
C SER B 183 -34.54 1.76 -8.52
N VAL B 184 -33.82 0.70 -8.17
CA VAL B 184 -33.60 -0.43 -9.06
C VAL B 184 -34.21 -1.61 -8.36
N ALA B 185 -34.76 -2.54 -9.15
CA ALA B 185 -35.35 -3.74 -8.61
C ALA B 185 -35.16 -4.91 -9.55
N PHE B 186 -34.67 -6.02 -8.99
CA PHE B 186 -34.51 -7.26 -9.73
C PHE B 186 -35.55 -8.28 -9.29
N LYS B 187 -36.39 -8.71 -10.22
CA LYS B 187 -37.22 -9.87 -9.97
C LYS B 187 -36.40 -11.15 -10.30
N VAL B 188 -35.83 -11.78 -9.29
CA VAL B 188 -34.92 -12.94 -9.49
C VAL B 188 -35.61 -14.31 -9.43
N TYR B 189 -35.56 -15.05 -10.54
CA TYR B 189 -36.31 -16.29 -10.72
C TYR B 189 -35.67 -17.54 -10.09
N PRO B 190 -36.52 -18.46 -9.58
CA PRO B 190 -36.02 -19.73 -9.04
C PRO B 190 -34.92 -20.35 -9.89
N ASN B 191 -34.02 -21.04 -9.21
CA ASN B 191 -32.92 -21.73 -9.86
C ASN B 191 -33.18 -23.22 -9.85
N ASP B 192 -32.94 -23.83 -11.00
CA ASP B 192 -33.01 -25.27 -11.16
C ASP B 192 -31.81 -25.64 -12.03
N PRO B 193 -30.72 -26.12 -11.38
CA PRO B 193 -29.46 -26.35 -12.06
C PRO B 193 -29.50 -27.42 -13.16
N ASN B 194 -30.51 -28.28 -13.16
CA ASN B 194 -30.72 -29.19 -14.26
C ASN B 194 -31.36 -28.50 -15.47
N ARG B 195 -32.15 -27.46 -15.20
CA ARG B 195 -32.94 -26.73 -16.22
C ARG B 195 -32.20 -25.50 -16.72
N ASP B 196 -31.55 -24.79 -15.79
CA ASP B 196 -30.86 -23.52 -16.03
C ASP B 196 -29.34 -23.65 -16.14
N LEU B 197 -28.72 -22.81 -16.97
CA LEU B 197 -27.27 -22.80 -17.12
C LEU B 197 -26.60 -22.00 -16.01
N SER B 198 -26.31 -22.69 -14.91
CA SER B 198 -26.12 -22.06 -13.61
C SER B 198 -25.10 -22.81 -12.76
N MET B 199 -25.37 -22.90 -11.46
CA MET B 199 -24.57 -23.72 -10.56
C MET B 199 -25.46 -24.75 -9.86
N GLY B 200 -24.98 -25.99 -9.88
CA GLY B 200 -25.55 -27.09 -9.10
C GLY B 200 -24.47 -27.69 -8.22
N TRP B 201 -24.87 -28.58 -7.30
CA TRP B 201 -23.95 -29.12 -6.31
C TRP B 201 -23.68 -30.62 -6.47
N ILE B 202 -23.96 -31.14 -7.67
CA ILE B 202 -23.67 -32.54 -8.03
C ILE B 202 -23.92 -33.41 -6.80
N ASP B 203 -22.89 -34.01 -6.21
CA ASP B 203 -23.08 -34.83 -5.01
C ASP B 203 -22.11 -34.47 -3.89
N TRP B 204 -21.63 -33.23 -3.92
CA TRP B 204 -20.65 -32.75 -2.93
C TRP B 204 -21.25 -32.57 -1.53
N ALA B 205 -22.55 -32.30 -1.45
CA ALA B 205 -23.17 -32.01 -0.17
C ALA B 205 -24.66 -32.30 -0.12
N GLN B 206 -25.43 -31.35 0.43
CA GLN B 206 -26.89 -31.42 0.38
C GLN B 206 -27.37 -30.22 -0.42
N THR B 207 -28.60 -30.29 -0.93
CA THR B 207 -29.14 -29.22 -1.76
C THR B 207 -29.52 -27.99 -0.93
N PRO B 208 -28.96 -26.81 -1.27
CA PRO B 208 -29.36 -25.60 -0.57
C PRO B 208 -30.86 -25.35 -0.80
N PRO B 209 -31.59 -24.95 0.25
CA PRO B 209 -33.06 -24.87 0.15
C PRO B 209 -33.57 -23.88 -0.89
N ASP B 210 -32.82 -22.81 -1.16
CA ASP B 210 -33.24 -21.80 -2.14
C ASP B 210 -32.68 -22.08 -3.52
N GLN B 211 -31.89 -23.15 -3.59
CA GLN B 211 -31.24 -23.61 -4.80
C GLN B 211 -30.33 -22.49 -5.35
N ASN B 212 -29.84 -21.66 -4.42
CA ASN B 212 -28.91 -20.57 -4.69
C ASN B 212 -29.47 -19.38 -5.45
N MET B 213 -30.78 -19.33 -5.67
CA MET B 213 -31.36 -18.16 -6.38
C MET B 213 -30.93 -16.89 -5.69
N GLY B 214 -30.68 -15.85 -6.47
CA GLY B 214 -30.16 -14.59 -5.93
C GLY B 214 -29.13 -13.95 -6.87
N ILE B 215 -28.38 -12.99 -6.32
CA ILE B 215 -27.39 -12.25 -7.10
C ILE B 215 -26.04 -12.40 -6.42
N VAL B 216 -25.18 -13.24 -6.99
CA VAL B 216 -23.98 -13.70 -6.30
C VAL B 216 -22.70 -12.95 -6.70
N ARG B 217 -22.87 -11.85 -7.43
CA ARG B 217 -21.75 -10.97 -7.78
C ARG B 217 -22.23 -9.53 -7.66
N ASP B 218 -21.32 -8.56 -7.78
CA ASP B 218 -21.69 -7.14 -7.69
C ASP B 218 -22.49 -6.70 -8.89
N VAL B 219 -23.32 -5.69 -8.65
CA VAL B 219 -23.99 -4.97 -9.72
C VAL B 219 -23.34 -3.61 -9.70
N LEU B 220 -22.52 -3.34 -10.69
CA LEU B 220 -21.85 -2.03 -10.82
C LEU B 220 -22.82 -0.99 -11.36
N VAL B 221 -22.79 0.21 -10.77
CA VAL B 221 -23.39 1.40 -11.37
C VAL B 221 -22.26 2.15 -12.05
N ARG B 222 -22.33 2.27 -13.37
CA ARG B 222 -21.30 2.97 -14.16
C ARG B 222 -21.78 4.34 -14.61
N ARG B 223 -20.89 5.31 -14.55
CA ARG B 223 -21.18 6.63 -15.03
C ARG B 223 -20.13 6.99 -16.06
N SER B 224 -20.55 7.18 -17.30
CA SER B 224 -19.61 7.65 -18.30
C SER B 224 -20.20 8.79 -19.13
N GLY B 225 -19.35 9.43 -19.95
CA GLY B 225 -19.80 10.47 -20.87
C GLY B 225 -20.51 9.88 -22.07
N ALA B 226 -20.27 10.45 -23.25
CA ALA B 226 -20.89 9.98 -24.48
C ALA B 226 -20.34 8.61 -24.86
N VAL B 227 -19.09 8.35 -24.48
CA VAL B 227 -18.41 7.13 -24.84
C VAL B 227 -18.18 6.22 -23.63
N ALA B 228 -18.55 4.95 -23.77
CA ALA B 228 -18.30 3.92 -22.76
C ALA B 228 -17.08 3.08 -23.16
N LEU B 229 -16.20 2.86 -22.20
CA LEU B 229 -14.99 2.07 -22.41
C LEU B 229 -15.18 0.66 -21.84
N ARG B 230 -15.14 -0.34 -22.69
CA ARG B 230 -15.39 -1.72 -22.26
C ARG B 230 -14.29 -2.67 -22.73
N SER B 231 -14.12 -3.76 -21.99
CA SER B 231 -13.35 -4.91 -22.44
C SER B 231 -11.87 -4.62 -22.74
N ALA B 232 -11.27 -3.67 -22.02
CA ALA B 232 -9.82 -3.42 -22.10
C ALA B 232 -9.01 -4.65 -21.65
N HIS B 233 -8.03 -5.06 -22.45
CA HIS B 233 -7.23 -6.25 -22.14
C HIS B 233 -5.91 -6.23 -22.88
N VAL B 234 -5.03 -7.15 -22.52
CA VAL B 234 -3.70 -7.17 -23.11
C VAL B 234 -3.33 -8.56 -23.60
N ILE B 235 -3.28 -8.71 -24.91
CA ILE B 235 -2.70 -9.89 -25.52
C ILE B 235 -1.18 -9.80 -25.33
N GLN B 236 -0.61 -10.85 -24.74
CA GLN B 236 0.81 -10.91 -24.45
C GLN B 236 1.41 -12.23 -24.94
N LYS B 237 2.56 -12.14 -25.61
CA LYS B 237 3.26 -13.33 -26.06
C LYS B 237 4.73 -13.23 -25.69
N LEU B 238 5.19 -14.22 -24.93
CA LEU B 238 6.56 -14.27 -24.45
C LEU B 238 7.38 -15.19 -25.37
N ASN B 239 8.63 -14.80 -25.62
CA ASN B 239 9.57 -15.63 -26.40
C ASN B 239 10.20 -16.74 -25.55
N SER B 240 10.52 -17.88 -26.14
CA SER B 240 10.97 -19.04 -25.30
C SER B 240 12.08 -18.73 -24.28
N ALA B 241 12.99 -17.82 -24.64
CA ALA B 241 14.06 -17.37 -23.72
C ALA B 241 13.55 -16.61 -22.48
N LEU B 242 12.33 -16.06 -22.57
CA LEU B 242 11.67 -15.35 -21.47
C LEU B 242 12.22 -13.95 -21.22
N ASP B 243 12.88 -13.36 -22.21
CA ASP B 243 13.49 -12.05 -22.04
C ASP B 243 12.97 -11.00 -23.03
N HIS B 244 11.84 -11.30 -23.66
CA HIS B 244 11.12 -10.35 -24.50
C HIS B 244 9.67 -10.78 -24.64
N ALA B 245 8.80 -9.79 -24.53
CA ALA B 245 7.38 -9.99 -24.75
C ALA B 245 6.92 -8.88 -25.67
N ASP B 246 6.26 -9.24 -26.77
CA ASP B 246 5.68 -8.23 -27.61
C ASP B 246 4.15 -8.18 -27.10
N LEU B 247 3.54 -7.00 -26.95
CA LEU B 247 2.23 -6.83 -26.26
C LEU B 247 1.17 -6.10 -27.10
N THR B 248 -0.01 -6.70 -27.30
CA THR B 248 -1.08 -5.99 -28.00
C THR B 248 -2.24 -5.58 -27.10
N VAL B 249 -2.49 -4.27 -27.01
CA VAL B 249 -3.59 -3.72 -26.21
C VAL B 249 -4.85 -3.50 -27.05
N LYS B 250 -5.95 -4.15 -26.67
CA LYS B 250 -7.24 -3.97 -27.34
C LYS B 250 -8.26 -3.50 -26.33
N ALA B 251 -9.03 -2.46 -26.68
CA ALA B 251 -10.15 -2.06 -25.86
C ALA B 251 -11.34 -1.64 -26.74
N ASP B 252 -12.54 -1.71 -26.17
CA ASP B 252 -13.75 -1.36 -26.91
C ASP B 252 -14.27 0.01 -26.53
N VAL B 253 -14.69 0.77 -27.52
CA VAL B 253 -15.35 2.05 -27.27
C VAL B 253 -16.74 2.09 -27.91
N ARG B 254 -17.74 2.41 -27.10
CA ARG B 254 -19.10 2.47 -27.56
C ARG B 254 -19.62 3.89 -27.41
N ASN B 255 -20.04 4.49 -28.52
CA ASN B 255 -20.69 5.80 -28.50
C ASN B 255 -22.19 5.70 -28.25
N ASP B 256 -22.60 5.98 -27.02
CA ASP B 256 -23.98 5.79 -26.61
C ASP B 256 -24.83 7.05 -26.73
N SER B 257 -24.21 8.14 -27.21
CA SER B 257 -24.93 9.38 -27.48
C SER B 257 -25.66 9.33 -28.83
N ALA B 258 -26.40 10.39 -29.15
CA ALA B 258 -27.17 10.49 -30.40
C ALA B 258 -26.33 11.04 -31.56
N ASN B 259 -25.24 11.71 -31.24
CA ASN B 259 -24.39 12.30 -32.28
C ASN B 259 -23.11 11.52 -32.47
N ALA B 260 -22.56 11.60 -33.69
CA ALA B 260 -21.27 10.98 -34.01
C ALA B 260 -20.15 11.70 -33.26
N VAL B 261 -19.13 10.94 -32.83
CA VAL B 261 -17.99 11.51 -32.10
C VAL B 261 -16.62 10.95 -32.52
N GLN B 262 -15.59 11.74 -32.23
CA GLN B 262 -14.20 11.32 -32.27
C GLN B 262 -13.77 11.07 -30.83
N THR B 263 -13.06 9.97 -30.61
CA THR B 263 -12.57 9.66 -29.27
C THR B 263 -11.11 9.19 -29.23
N THR B 264 -10.38 9.70 -28.24
CA THR B 264 -9.00 9.33 -27.96
C THR B 264 -8.92 8.37 -26.76
N VAL B 265 -8.48 7.14 -27.01
CA VAL B 265 -8.18 6.17 -25.95
C VAL B 265 -6.67 6.14 -25.62
N ALA B 266 -6.30 6.61 -24.44
CA ALA B 266 -4.88 6.78 -24.09
C ALA B 266 -4.55 6.48 -22.62
N GLY B 267 -3.31 6.08 -22.37
CA GLY B 267 -2.86 5.77 -21.01
C GLY B 267 -1.55 5.04 -21.04
N THR B 268 -1.40 4.03 -20.18
CA THR B 268 -0.19 3.21 -20.19
C THR B 268 -0.44 1.71 -20.16
N VAL B 269 0.48 0.95 -20.74
CA VAL B 269 0.58 -0.48 -20.50
C VAL B 269 2.00 -0.80 -20.05
N ALA B 270 2.12 -1.41 -18.87
CA ALA B 270 3.43 -1.75 -18.30
C ALA B 270 4.33 -0.49 -18.18
N GLY B 271 3.68 0.65 -17.92
CA GLY B 271 4.36 1.94 -17.76
C GLY B 271 4.64 2.66 -19.07
N LYS B 272 4.21 2.06 -20.18
CA LYS B 272 4.51 2.58 -21.52
C LYS B 272 3.34 3.34 -22.09
N PRO B 273 3.57 4.59 -22.55
CA PRO B 273 2.49 5.46 -22.98
C PRO B 273 1.92 4.96 -24.28
N ILE B 274 0.60 4.93 -24.36
CA ILE B 274 -0.08 4.47 -25.57
C ILE B 274 -1.29 5.35 -25.84
N SER B 275 -1.67 5.46 -27.12
CA SER B 275 -2.69 6.42 -27.54
C SER B 275 -3.25 6.11 -28.94
N GLN B 276 -4.57 6.16 -29.09
CA GLN B 276 -5.22 6.02 -30.41
C GLN B 276 -6.45 6.91 -30.51
N THR B 277 -6.73 7.37 -31.73
CA THR B 277 -7.97 8.09 -31.98
C THR B 277 -8.79 7.42 -33.06
N VAL B 278 -10.10 7.29 -32.82
CA VAL B 278 -11.02 6.74 -33.81
C VAL B 278 -12.29 7.57 -33.84
N SER B 279 -13.08 7.38 -34.89
CA SER B 279 -14.37 8.04 -35.01
C SER B 279 -15.48 7.02 -34.87
N LEU B 280 -16.52 7.39 -34.12
CA LEU B 280 -17.64 6.51 -33.89
C LEU B 280 -18.93 7.21 -34.28
N ALA B 281 -19.72 6.52 -35.10
CA ALA B 281 -21.07 6.97 -35.40
C ALA B 281 -21.87 6.99 -34.10
N ALA B 282 -23.07 7.57 -34.14
CA ALA B 282 -24.04 7.44 -33.05
C ALA B 282 -24.34 5.94 -32.86
N LYS B 283 -24.36 5.50 -31.60
CA LYS B 283 -24.63 4.09 -31.24
C LYS B 283 -23.60 3.07 -31.75
N GLU B 284 -22.45 3.53 -32.27
CA GLU B 284 -21.41 2.64 -32.81
C GLU B 284 -20.43 2.12 -31.74
N ARG B 285 -20.10 0.83 -31.86
CA ARG B 285 -19.09 0.16 -31.03
C ARG B 285 -17.90 -0.29 -31.90
N LYS B 286 -16.69 0.13 -31.55
CA LYS B 286 -15.47 -0.37 -32.22
C LYS B 286 -14.51 -1.03 -31.25
N THR B 287 -13.73 -1.99 -31.75
CA THR B 287 -12.61 -2.60 -31.03
C THR B 287 -11.31 -1.91 -31.46
N VAL B 288 -10.82 -0.99 -30.65
CA VAL B 288 -9.53 -0.34 -30.89
C VAL B 288 -8.37 -1.33 -30.67
N THR B 289 -7.49 -1.48 -31.66
CA THR B 289 -6.28 -2.28 -31.51
C THR B 289 -5.04 -1.38 -31.51
N PHE B 290 -4.30 -1.39 -30.41
CA PHE B 290 -3.10 -0.58 -30.30
C PHE B 290 -1.95 -1.19 -31.08
N PRO B 291 -1.04 -0.35 -31.58
CA PRO B 291 0.12 -0.91 -32.26
C PRO B 291 1.03 -1.67 -31.27
N LEU B 292 1.51 -2.85 -31.68
CA LEU B 292 2.41 -3.69 -30.87
C LEU B 292 3.34 -2.88 -29.97
N VAL B 293 3.48 -3.33 -28.73
CA VAL B 293 4.32 -2.67 -27.74
C VAL B 293 5.30 -3.70 -27.20
N GLY B 294 6.58 -3.52 -27.47
CA GLY B 294 7.60 -4.47 -27.02
C GLY B 294 8.01 -4.22 -25.58
N LEU B 295 8.47 -5.27 -24.90
CA LEU B 295 8.89 -5.15 -23.52
C LEU B 295 10.14 -5.97 -23.31
N ASP B 296 11.32 -5.43 -23.68
CA ASP B 296 12.57 -6.21 -23.58
C ASP B 296 12.79 -6.58 -22.03
N ARG B 297 13.18 -7.82 -21.72
CA ARG B 297 13.38 -8.38 -20.32
C ARG B 297 12.20 -8.24 -19.31
N PRO B 298 11.01 -8.79 -19.62
CA PRO B 298 9.86 -8.50 -18.75
C PRO B 298 9.85 -9.24 -17.40
N ASN B 299 9.13 -8.69 -16.43
CA ASN B 299 8.99 -9.26 -15.08
C ASN B 299 8.02 -10.47 -15.08
N VAL B 300 8.55 -11.63 -15.49
CA VAL B 300 7.74 -12.83 -15.72
C VAL B 300 6.96 -13.29 -14.48
N TRP B 301 5.71 -13.70 -14.71
CA TRP B 301 4.86 -14.23 -13.64
C TRP B 301 5.06 -15.73 -13.51
N TRP B 302 5.47 -16.16 -12.33
CA TRP B 302 5.76 -17.55 -12.02
C TRP B 302 4.78 -18.13 -10.99
N PRO B 303 4.51 -19.44 -11.06
CA PRO B 303 3.86 -20.10 -9.92
C PRO B 303 4.69 -19.93 -8.65
N ALA B 304 4.06 -20.11 -7.49
CA ALA B 304 4.77 -19.98 -6.21
C ALA B 304 5.98 -20.89 -6.17
N GLY B 305 7.03 -20.41 -5.52
CA GLY B 305 8.29 -21.15 -5.42
C GLY B 305 9.18 -21.04 -6.65
N MET B 306 8.61 -20.65 -7.77
CA MET B 306 9.36 -20.62 -9.02
C MET B 306 9.87 -19.25 -9.44
N GLY B 307 9.44 -18.21 -8.72
CA GLY B 307 9.87 -16.84 -8.99
C GLY B 307 8.88 -15.83 -8.43
N GLY B 308 8.92 -14.61 -8.94
CA GLY B 308 8.00 -13.57 -8.51
C GLY B 308 6.63 -13.72 -9.17
N GLN B 309 5.62 -13.15 -8.53
CA GLN B 309 4.27 -13.10 -9.10
C GLN B 309 3.87 -11.67 -9.55
N HIS B 310 4.78 -10.88 -10.13
CA HIS B 310 4.38 -9.53 -10.60
C HIS B 310 3.27 -9.55 -11.66
N ARG B 311 2.49 -8.48 -11.63
CA ARG B 311 1.47 -8.21 -12.64
C ARG B 311 1.61 -6.76 -13.07
N TYR B 312 1.56 -6.52 -14.37
CA TYR B 312 1.64 -5.16 -14.88
C TYR B 312 0.26 -4.50 -14.88
N ASP B 313 0.22 -3.19 -15.10
CA ASP B 313 -1.02 -2.43 -15.15
C ASP B 313 -1.37 -2.00 -16.58
N LEU B 314 -2.66 -2.06 -16.88
CA LEU B 314 -3.20 -1.40 -18.06
C LEU B 314 -4.08 -0.27 -17.55
N ASP B 315 -3.68 0.95 -17.86
CA ASP B 315 -4.42 2.12 -17.40
C ASP B 315 -4.84 2.96 -18.60
N LEU B 316 -6.14 2.94 -18.93
CA LEU B 316 -6.67 3.65 -20.10
C LEU B 316 -7.74 4.69 -19.80
N THR B 317 -7.95 5.58 -20.76
CA THR B 317 -8.97 6.63 -20.72
C THR B 317 -9.49 6.93 -22.13
N ALA B 318 -10.82 6.87 -22.28
CA ALA B 318 -11.51 7.33 -23.49
C ALA B 318 -11.90 8.79 -23.34
N SER B 319 -11.53 9.63 -24.31
CA SER B 319 -11.86 11.06 -24.23
C SER B 319 -12.72 11.62 -25.36
N VAL B 320 -13.56 12.61 -25.04
CA VAL B 320 -14.33 13.34 -26.04
C VAL B 320 -14.20 14.85 -25.82
N GLY B 321 -13.79 15.56 -26.88
CA GLY B 321 -13.64 17.02 -26.83
C GLY B 321 -12.74 17.48 -25.70
N GLY B 322 -11.61 16.80 -25.57
CA GLY B 322 -10.64 17.07 -24.51
C GLY B 322 -11.06 16.66 -23.11
N THR B 323 -12.03 15.75 -23.01
CA THR B 323 -12.61 15.41 -21.70
C THR B 323 -12.69 13.91 -21.49
N PRO B 324 -12.12 13.42 -20.37
CA PRO B 324 -12.39 12.05 -19.98
C PRO B 324 -13.89 11.74 -20.10
N SER B 325 -14.22 10.61 -20.73
CA SER B 325 -15.60 10.12 -20.82
C SER B 325 -15.75 8.82 -20.02
N ASP B 326 -14.72 7.96 -20.10
CA ASP B 326 -14.67 6.70 -19.36
C ASP B 326 -13.24 6.22 -19.17
N ALA B 327 -12.99 5.56 -18.05
CA ALA B 327 -11.66 5.07 -17.73
C ALA B 327 -11.75 3.58 -17.34
N ALA B 328 -10.64 2.87 -17.44
CA ALA B 328 -10.57 1.49 -16.94
C ALA B 328 -9.15 1.12 -16.48
N LYS B 329 -9.02 0.69 -15.24
CA LYS B 329 -7.80 0.01 -14.79
C LYS B 329 -7.98 -1.50 -14.77
N SER B 330 -6.98 -2.22 -15.26
CA SER B 330 -6.88 -3.67 -15.07
C SER B 330 -5.44 -4.08 -14.82
N LYS B 331 -5.21 -5.39 -14.78
CA LYS B 331 -3.88 -5.98 -14.64
C LYS B 331 -3.70 -7.20 -15.52
N PHE B 332 -2.44 -7.56 -15.78
CA PHE B 332 -2.13 -8.75 -16.56
C PHE B 332 -0.78 -9.30 -16.18
N GLY B 333 -0.64 -10.61 -16.39
CA GLY B 333 0.61 -11.31 -16.16
C GLY B 333 1.25 -11.65 -17.48
N VAL B 334 2.58 -11.66 -17.47
CA VAL B 334 3.39 -12.04 -18.61
C VAL B 334 3.98 -13.40 -18.26
N ARG B 335 3.49 -14.42 -18.94
CA ARG B 335 3.70 -15.79 -18.55
C ARG B 335 3.14 -16.63 -19.69
N ASP B 336 3.84 -17.70 -20.03
CA ASP B 336 3.37 -18.64 -21.04
C ASP B 336 2.90 -19.97 -20.42
N VAL B 337 1.78 -20.47 -20.90
CA VAL B 337 1.35 -21.79 -20.47
C VAL B 337 1.02 -22.67 -21.66
N LYS B 338 1.43 -23.94 -21.59
CA LYS B 338 1.06 -24.95 -22.58
C LYS B 338 0.53 -26.20 -21.89
N ALA B 339 -0.45 -26.84 -22.51
CA ALA B 339 -0.91 -28.16 -22.08
C ALA B 339 -1.09 -29.10 -23.28
N THR B 340 -0.02 -29.79 -23.63
CA THR B 340 0.00 -30.68 -24.77
C THR B 340 0.04 -32.16 -24.34
N LEU B 341 -0.14 -33.06 -25.31
CA LEU B 341 -0.19 -34.49 -25.03
C LEU B 341 1.19 -35.16 -25.20
N ASN B 342 1.55 -36.02 -24.24
CA ASN B 342 2.81 -36.78 -24.32
C ASN B 342 2.67 -38.05 -25.18
N SER B 343 3.77 -38.76 -25.40
CA SER B 343 3.73 -39.99 -26.20
C SER B 343 2.74 -41.03 -25.64
N SER B 344 2.52 -41.02 -24.33
CA SER B 344 1.56 -41.91 -23.65
C SER B 344 0.12 -41.39 -23.67
N GLY B 345 -0.07 -40.27 -24.36
CA GLY B 345 -1.38 -39.61 -24.45
C GLY B 345 -1.89 -38.93 -23.19
N GLY B 346 -0.98 -38.63 -22.25
CA GLY B 346 -1.34 -37.91 -21.03
C GLY B 346 -1.13 -36.40 -21.18
N ARG B 347 -2.03 -35.61 -20.57
CA ARG B 347 -1.96 -34.15 -20.65
C ARG B 347 -0.88 -33.56 -19.71
N GLN B 348 0.06 -32.82 -20.30
CA GLN B 348 1.23 -32.29 -19.56
C GLN B 348 1.23 -30.77 -19.54
N TYR B 349 1.19 -30.19 -18.35
CA TYR B 349 1.22 -28.73 -18.24
C TYR B 349 2.65 -28.23 -18.16
N SER B 350 2.86 -26.99 -18.60
CA SER B 350 4.13 -26.31 -18.44
C SER B 350 3.92 -24.81 -18.32
N VAL B 351 4.68 -24.17 -17.45
CA VAL B 351 4.59 -22.73 -17.31
C VAL B 351 5.95 -22.20 -17.69
N ASN B 352 5.96 -21.28 -18.65
CA ASN B 352 7.20 -20.69 -19.12
C ASN B 352 8.22 -21.76 -19.51
N GLY B 353 7.76 -22.75 -20.27
CA GLY B 353 8.62 -23.85 -20.75
C GLY B 353 9.16 -24.80 -19.69
N LYS B 354 8.87 -24.53 -18.41
CA LYS B 354 9.20 -25.44 -17.32
C LYS B 354 8.00 -26.36 -17.09
N PRO B 355 8.15 -27.66 -17.40
CA PRO B 355 7.02 -28.57 -17.22
C PRO B 355 6.77 -28.84 -15.74
N LEU B 356 5.51 -28.97 -15.36
CA LEU B 356 5.12 -29.14 -13.96
C LEU B 356 4.17 -30.31 -13.78
N LEU B 357 4.41 -31.12 -12.75
CA LEU B 357 3.41 -32.06 -12.28
C LEU B 357 2.35 -31.23 -11.57
N ILE B 358 1.09 -31.40 -11.98
CA ILE B 358 0.03 -30.67 -11.30
C ILE B 358 -0.36 -31.40 -10.00
N ARG B 359 -0.12 -30.72 -8.88
CA ARG B 359 -0.51 -31.25 -7.58
C ARG B 359 -1.57 -30.34 -6.96
N GLY B 360 -2.81 -30.80 -6.90
CA GLY B 360 -3.91 -29.94 -6.50
C GLY B 360 -5.12 -30.61 -5.89
N GLY B 361 -6.22 -29.85 -5.82
CA GLY B 361 -7.50 -30.33 -5.28
C GLY B 361 -8.65 -29.56 -5.93
N GLY B 362 -9.83 -30.16 -5.96
CA GLY B 362 -11.00 -29.45 -6.47
C GLY B 362 -11.42 -28.37 -5.49
N TYR B 363 -11.59 -27.14 -5.96
CA TYR B 363 -12.01 -26.07 -5.04
C TYR B 363 -13.53 -25.84 -5.09
N THR B 364 -14.09 -25.48 -3.94
CA THR B 364 -15.51 -25.13 -3.86
C THR B 364 -15.73 -23.86 -3.02
N PRO B 365 -16.66 -22.99 -3.45
CA PRO B 365 -17.09 -21.89 -2.60
C PRO B 365 -17.98 -22.40 -1.45
N ASP B 366 -18.49 -21.48 -0.64
CA ASP B 366 -19.42 -21.82 0.41
C ASP B 366 -20.73 -22.30 -0.25
N LEU B 367 -21.45 -23.19 0.45
CA LEU B 367 -22.64 -23.83 -0.13
C LEU B 367 -23.76 -22.86 -0.54
N PHE B 368 -23.82 -21.69 0.10
CA PHE B 368 -24.84 -20.69 -0.18
C PHE B 368 -24.21 -19.47 -0.84
N LEU B 369 -23.02 -19.67 -1.41
CA LEU B 369 -22.31 -18.67 -2.22
C LEU B 369 -21.93 -17.37 -1.53
N ARG B 370 -21.92 -17.40 -0.19
CA ARG B 370 -21.49 -16.26 0.61
C ARG B 370 -20.03 -15.93 0.34
N TRP B 371 -19.79 -14.71 -0.13
CA TRP B 371 -18.46 -14.22 -0.47
C TRP B 371 -17.83 -13.48 0.69
N ASN B 372 -16.60 -13.84 1.01
CA ASN B 372 -15.74 -13.04 1.84
C ASN B 372 -14.36 -13.10 1.21
N GLU B 373 -13.82 -11.92 0.88
CA GLU B 373 -12.53 -11.81 0.24
C GLU B 373 -11.40 -12.27 1.17
N THR B 374 -11.46 -11.90 2.45
CA THR B 374 -10.47 -12.41 3.38
C THR B 374 -10.52 -13.94 3.49
N ALA B 375 -11.73 -14.51 3.50
CA ALA B 375 -11.85 -15.97 3.59
C ALA B 375 -11.31 -16.61 2.31
N ALA B 376 -11.52 -15.96 1.18
CA ALA B 376 -10.92 -16.40 -0.08
C ALA B 376 -9.40 -16.50 0.00
N ALA B 377 -8.75 -15.46 0.50
CA ALA B 377 -7.29 -15.47 0.55
C ALA B 377 -6.83 -16.57 1.50
N ASP B 378 -7.58 -16.78 2.58
CA ASP B 378 -7.20 -17.76 3.58
C ASP B 378 -7.16 -19.15 2.98
N LYS B 379 -8.15 -19.44 2.14
CA LYS B 379 -8.27 -20.75 1.53
C LYS B 379 -7.17 -20.93 0.50
N LEU B 380 -6.91 -19.89 -0.28
CA LEU B 380 -5.88 -19.97 -1.31
C LEU B 380 -4.49 -20.04 -0.69
N LYS B 381 -4.31 -19.43 0.48
CA LYS B 381 -3.05 -19.57 1.23
C LYS B 381 -2.87 -20.99 1.78
N TYR B 382 -3.93 -21.59 2.31
CA TYR B 382 -3.87 -22.98 2.75
C TYR B 382 -3.27 -23.88 1.66
N VAL B 383 -3.63 -23.60 0.41
CA VAL B 383 -3.14 -24.36 -0.76
C VAL B 383 -1.62 -24.43 -0.70
N LEU B 384 -1.00 -23.26 -0.53
CA LEU B 384 0.45 -23.15 -0.44
C LEU B 384 0.98 -23.81 0.82
N ASN B 385 0.25 -23.65 1.93
CA ASN B 385 0.66 -24.27 3.18
C ASN B 385 0.67 -25.79 3.07
N LEU B 386 -0.11 -26.32 2.12
CA LEU B 386 -0.21 -27.74 1.85
C LEU B 386 0.85 -28.17 0.88
N GLY B 387 1.54 -27.20 0.30
CA GLY B 387 2.56 -27.46 -0.70
C GLY B 387 2.01 -27.72 -2.08
N LEU B 388 0.72 -27.44 -2.28
CA LEU B 388 0.10 -27.71 -3.58
C LEU B 388 0.40 -26.56 -4.56
N ASN B 389 0.15 -26.77 -5.84
CA ASN B 389 0.34 -25.70 -6.80
C ASN B 389 -0.93 -25.27 -7.56
N THR B 390 -2.02 -25.98 -7.35
CA THR B 390 -3.18 -25.83 -8.21
C THR B 390 -4.54 -26.06 -7.54
N VAL B 391 -5.53 -25.30 -7.97
CA VAL B 391 -6.91 -25.65 -7.63
C VAL B 391 -7.74 -25.80 -8.91
N ARG B 392 -8.48 -26.91 -8.99
CA ARG B 392 -9.43 -27.10 -10.09
C ARG B 392 -10.74 -26.53 -9.61
N LEU B 393 -11.46 -25.87 -10.51
CA LEU B 393 -12.82 -25.40 -10.22
C LEU B 393 -13.85 -26.04 -11.15
N GLU B 394 -14.63 -26.97 -10.60
CA GLU B 394 -15.69 -27.64 -11.38
C GLU B 394 -16.99 -26.85 -11.29
N GLY B 395 -17.17 -25.93 -12.24
CA GLY B 395 -18.29 -25.02 -12.20
C GLY B 395 -18.01 -23.98 -11.14
N HIS B 396 -19.06 -23.35 -10.61
CA HIS B 396 -18.97 -22.49 -9.43
C HIS B 396 -17.84 -21.46 -9.54
N ILE B 397 -17.59 -20.94 -10.75
CA ILE B 397 -16.44 -20.06 -10.97
C ILE B 397 -16.59 -18.75 -10.17
N GLU B 398 -15.64 -18.54 -9.27
CA GLU B 398 -15.63 -17.47 -8.28
C GLU B 398 -15.46 -16.08 -8.89
N PRO B 399 -15.86 -15.01 -8.15
CA PRO B 399 -15.65 -13.60 -8.57
C PRO B 399 -14.19 -13.24 -8.86
N ASP B 400 -14.00 -12.15 -9.61
CA ASP B 400 -12.66 -11.69 -10.01
C ASP B 400 -11.64 -11.71 -8.87
N GLU B 401 -12.03 -11.27 -7.68
CA GLU B 401 -11.12 -11.15 -6.55
C GLU B 401 -10.41 -12.47 -6.25
N PHE B 402 -11.15 -13.56 -6.38
CA PHE B 402 -10.57 -14.88 -6.16
C PHE B 402 -9.37 -15.08 -7.07
N PHE B 403 -9.51 -14.72 -8.34
CA PHE B 403 -8.42 -14.87 -9.31
C PHE B 403 -7.30 -13.84 -9.13
N ASP B 404 -7.63 -12.61 -8.73
CA ASP B 404 -6.61 -11.64 -8.30
C ASP B 404 -5.70 -12.25 -7.24
N ILE B 405 -6.31 -12.91 -6.26
CA ILE B 405 -5.57 -13.47 -5.13
C ILE B 405 -4.68 -14.64 -5.54
N ALA B 406 -5.22 -15.53 -6.37
CA ALA B 406 -4.42 -16.61 -6.91
C ALA B 406 -3.23 -16.03 -7.66
N ASP B 407 -3.49 -15.02 -8.50
CA ASP B 407 -2.45 -14.34 -9.26
C ASP B 407 -1.35 -13.86 -8.32
N ASP B 408 -1.75 -13.24 -7.22
CA ASP B 408 -0.82 -12.65 -6.24
C ASP B 408 0.03 -13.70 -5.50
N LEU B 409 -0.58 -14.85 -5.19
CA LEU B 409 0.07 -15.90 -4.43
C LEU B 409 0.83 -16.89 -5.29
N GLY B 410 0.52 -16.91 -6.59
CA GLY B 410 1.11 -17.90 -7.49
C GLY B 410 0.45 -19.26 -7.43
N VAL B 411 -0.84 -19.30 -7.11
CA VAL B 411 -1.62 -20.52 -7.10
C VAL B 411 -2.25 -20.69 -8.47
N LEU B 412 -1.91 -21.77 -9.17
CA LEU B 412 -2.51 -22.05 -10.48
C LEU B 412 -3.98 -22.49 -10.38
N THR B 413 -4.84 -21.85 -11.17
CA THR B 413 -6.25 -22.19 -11.19
C THR B 413 -6.58 -22.93 -12.49
N MET B 414 -7.60 -23.79 -12.41
CA MET B 414 -8.09 -24.60 -13.54
C MET B 414 -9.62 -24.46 -13.69
N PRO B 415 -10.10 -23.28 -14.13
CA PRO B 415 -11.56 -23.10 -14.26
C PRO B 415 -12.18 -24.01 -15.29
N GLY B 416 -13.48 -24.26 -15.16
CA GLY B 416 -14.22 -25.00 -16.17
C GLY B 416 -15.66 -25.23 -15.77
N TRP B 417 -16.47 -25.65 -16.74
CA TRP B 417 -17.89 -26.00 -16.49
C TRP B 417 -18.02 -27.29 -15.68
N GLU B 418 -19.17 -27.45 -15.02
CA GLU B 418 -19.43 -28.62 -14.16
C GLU B 418 -20.19 -29.75 -14.87
N CYS B 419 -20.19 -30.94 -14.27
CA CYS B 419 -20.88 -32.09 -14.82
C CYS B 419 -22.33 -32.19 -14.31
N CYS B 420 -22.99 -33.27 -14.70
CA CYS B 420 -24.07 -33.83 -13.91
C CYS B 420 -25.24 -32.86 -13.68
N ASP B 421 -25.33 -31.82 -14.51
CA ASP B 421 -26.52 -30.98 -14.56
C ASP B 421 -26.65 -30.33 -15.93
N LYS B 422 -27.40 -29.22 -16.03
CA LYS B 422 -27.72 -28.62 -17.33
C LYS B 422 -26.54 -28.47 -18.30
N TRP B 423 -25.38 -28.09 -17.78
CA TRP B 423 -24.21 -27.81 -18.64
C TRP B 423 -23.84 -28.97 -19.55
N GLU B 424 -24.09 -30.20 -19.10
CA GLU B 424 -23.75 -31.39 -19.88
C GLU B 424 -25.02 -32.16 -20.27
N GLY B 425 -26.18 -31.54 -20.00
CA GLY B 425 -27.49 -32.17 -20.19
C GLY B 425 -27.83 -32.60 -21.61
N GLN B 426 -27.16 -31.99 -22.60
CA GLN B 426 -27.35 -32.33 -24.00
C GLN B 426 -26.62 -33.61 -24.39
N VAL B 427 -25.63 -34.00 -23.60
CA VAL B 427 -24.68 -35.01 -24.03
C VAL B 427 -24.55 -36.19 -23.05
N ASN B 428 -25.14 -36.06 -21.87
CA ASN B 428 -24.91 -37.05 -20.79
C ASN B 428 -25.99 -38.14 -20.60
N GLY B 429 -26.96 -38.19 -21.52
CA GLY B 429 -28.02 -39.19 -21.48
C GLY B 429 -28.77 -39.29 -20.16
N GLU B 430 -28.51 -40.38 -19.46
CA GLU B 430 -29.23 -40.71 -18.23
C GLU B 430 -28.78 -39.85 -17.04
N GLU B 431 -27.58 -39.29 -17.12
CA GLU B 431 -27.09 -38.40 -16.08
C GLU B 431 -28.00 -37.15 -15.99
N LYS B 432 -28.16 -36.65 -14.77
CA LYS B 432 -29.03 -35.50 -14.47
C LYS B 432 -28.72 -34.29 -15.34
N GLY B 433 -29.75 -33.52 -15.65
CA GLY B 433 -29.59 -32.33 -16.50
C GLY B 433 -30.33 -32.49 -17.81
N GLU B 434 -31.08 -31.47 -18.18
CA GLU B 434 -31.99 -31.52 -19.33
C GLU B 434 -31.32 -31.30 -20.68
N PRO B 435 -31.85 -31.96 -21.73
CA PRO B 435 -31.48 -31.66 -23.12
C PRO B 435 -31.71 -30.18 -23.50
N TRP B 436 -30.88 -29.67 -24.39
CA TRP B 436 -30.90 -28.25 -24.71
C TRP B 436 -31.89 -27.93 -25.80
N VAL B 437 -32.64 -26.85 -25.61
CA VAL B 437 -33.51 -26.29 -26.64
C VAL B 437 -32.74 -25.14 -27.27
N GLU B 438 -33.30 -24.53 -28.32
CA GLU B 438 -32.63 -23.45 -29.06
C GLU B 438 -32.10 -22.28 -28.21
N SER B 439 -32.95 -21.74 -27.33
CA SER B 439 -32.58 -20.59 -26.48
C SER B 439 -31.37 -20.85 -25.57
N ASP B 440 -31.10 -22.12 -25.26
CA ASP B 440 -29.94 -22.47 -24.42
C ASP B 440 -28.62 -22.13 -25.11
N TYR B 441 -28.52 -22.46 -26.39
CA TYR B 441 -27.29 -22.26 -27.15
C TYR B 441 -26.69 -20.85 -27.02
N PRO B 442 -27.46 -19.77 -27.31
CA PRO B 442 -26.90 -18.42 -27.14
C PRO B 442 -26.46 -18.10 -25.70
N ILE B 443 -27.18 -18.65 -24.72
CA ILE B 443 -26.86 -18.42 -23.31
C ILE B 443 -25.53 -19.06 -22.95
N ALA B 444 -25.33 -20.30 -23.39
CA ALA B 444 -24.08 -21.03 -23.16
C ALA B 444 -22.89 -20.34 -23.82
N LYS B 445 -23.04 -19.91 -25.07
CA LYS B 445 -21.98 -19.19 -25.79
C LYS B 445 -21.63 -17.86 -25.11
N ALA B 446 -22.63 -17.04 -24.81
CA ALA B 446 -22.39 -15.76 -24.12
C ALA B 446 -21.75 -16.01 -22.77
N SER B 447 -22.14 -17.13 -22.13
CA SER B 447 -21.54 -17.52 -20.86
C SER B 447 -20.04 -17.71 -21.04
N MET B 448 -19.65 -18.42 -22.11
CA MET B 448 -18.24 -18.66 -22.40
C MET B 448 -17.53 -17.36 -22.70
N PHE B 449 -18.17 -16.49 -23.47
CA PHE B 449 -17.57 -15.19 -23.79
C PHE B 449 -17.30 -14.39 -22.50
N SER B 450 -18.34 -14.18 -21.71
CA SER B 450 -18.21 -13.45 -20.44
C SER B 450 -17.14 -14.03 -19.52
N GLU B 451 -17.11 -15.35 -19.38
CA GLU B 451 -16.08 -15.99 -18.54
C GLU B 451 -14.68 -15.81 -19.11
N ALA B 452 -14.53 -16.04 -20.41
CA ALA B 452 -13.28 -15.81 -21.13
C ALA B 452 -12.80 -14.38 -20.96
N GLU B 453 -13.74 -13.43 -21.06
CA GLU B 453 -13.44 -12.02 -20.86
C GLU B 453 -12.92 -11.77 -19.44
N ARG B 454 -13.58 -12.36 -18.44
CA ARG B 454 -13.23 -12.17 -17.03
C ARG B 454 -11.84 -12.67 -16.74
N LEU B 455 -11.51 -13.85 -17.27
CA LEU B 455 -10.34 -14.60 -16.82
C LEU B 455 -9.08 -14.46 -17.67
N ARG B 456 -9.24 -14.07 -18.94
CA ARG B 456 -8.15 -14.03 -19.91
C ARG B 456 -6.85 -13.38 -19.40
N ASP B 457 -6.98 -12.32 -18.62
CA ASP B 457 -5.82 -11.56 -18.16
C ASP B 457 -5.36 -11.91 -16.74
N HIS B 458 -5.72 -13.11 -16.28
CA HIS B 458 -5.30 -13.62 -14.96
C HIS B 458 -4.24 -14.72 -15.10
N PRO B 459 -2.98 -14.42 -14.79
CA PRO B 459 -1.90 -15.38 -15.00
C PRO B 459 -2.06 -16.75 -14.30
N SER B 460 -2.90 -16.82 -13.27
CA SER B 460 -3.06 -18.06 -12.53
C SER B 460 -3.83 -19.10 -13.33
N VAL B 461 -4.69 -18.62 -14.24
CA VAL B 461 -5.48 -19.53 -15.07
C VAL B 461 -4.52 -20.28 -16.00
N ILE B 462 -4.59 -21.61 -16.00
CA ILE B 462 -3.73 -22.39 -16.88
C ILE B 462 -4.50 -23.07 -18.02
N SER B 463 -5.82 -23.16 -17.91
CA SER B 463 -6.66 -23.70 -18.98
C SER B 463 -8.16 -23.49 -18.73
N PHE B 464 -8.99 -23.90 -19.68
CA PHE B 464 -10.44 -23.93 -19.47
C PHE B 464 -11.10 -25.24 -19.93
N HIS B 465 -11.82 -25.86 -19.00
CA HIS B 465 -12.55 -27.07 -19.24
C HIS B 465 -13.91 -26.78 -19.81
N ILE B 466 -14.06 -27.01 -21.11
CA ILE B 466 -15.33 -26.83 -21.80
C ILE B 466 -16.22 -28.02 -21.52
N GLY B 467 -15.61 -29.05 -20.91
CA GLY B 467 -16.31 -30.25 -20.47
C GLY B 467 -15.69 -30.79 -19.19
N SER B 468 -16.48 -31.57 -18.44
CA SER B 468 -16.02 -32.14 -17.20
C SER B 468 -16.12 -33.66 -17.32
N ASP B 469 -17.33 -34.19 -17.19
CA ASP B 469 -17.56 -35.62 -17.40
C ASP B 469 -17.60 -35.95 -18.88
N PHE B 470 -18.62 -35.45 -19.58
CA PHE B 470 -18.74 -35.68 -21.01
C PHE B 470 -18.19 -34.44 -21.71
N ALA B 471 -17.55 -34.64 -22.84
CA ALA B 471 -17.09 -33.52 -23.66
C ALA B 471 -18.27 -32.95 -24.43
N PRO B 472 -18.24 -31.66 -24.78
CA PRO B 472 -19.32 -31.16 -25.62
C PRO B 472 -19.35 -31.79 -27.02
N ASP B 473 -20.44 -31.54 -27.74
CA ASP B 473 -20.62 -32.04 -29.10
C ASP B 473 -20.15 -30.98 -30.10
N ARG B 474 -20.17 -31.31 -31.39
CA ARG B 474 -19.61 -30.38 -32.38
C ARG B 474 -20.22 -28.97 -32.27
N ARG B 475 -21.55 -28.88 -32.13
CA ARG B 475 -22.21 -27.59 -32.10
C ARG B 475 -21.87 -26.76 -30.86
N ILE B 476 -22.04 -27.37 -29.68
CA ILE B 476 -21.73 -26.73 -28.39
C ILE B 476 -20.24 -26.32 -28.31
N GLU B 477 -19.35 -27.25 -28.66
CA GLU B 477 -17.90 -26.99 -28.74
C GLU B 477 -17.54 -25.80 -29.65
N GLN B 478 -18.04 -25.82 -30.88
CA GLN B 478 -17.82 -24.71 -31.81
C GLN B 478 -18.10 -23.31 -31.20
N GLY B 479 -19.25 -23.17 -30.55
CA GLY B 479 -19.64 -21.95 -29.86
C GLY B 479 -18.69 -21.52 -28.76
N TYR B 480 -18.22 -22.47 -27.95
CA TYR B 480 -17.24 -22.21 -26.90
C TYR B 480 -15.93 -21.73 -27.52
N LEU B 481 -15.49 -22.40 -28.58
CA LEU B 481 -14.29 -22.01 -29.29
C LEU B 481 -14.48 -20.67 -30.01
N ASP B 482 -15.67 -20.38 -30.53
CA ASP B 482 -15.93 -19.08 -31.15
C ASP B 482 -15.98 -17.96 -30.12
N ALA B 483 -16.58 -18.25 -28.95
CA ALA B 483 -16.68 -17.27 -27.89
C ALA B 483 -15.30 -16.92 -27.33
N MET B 484 -14.51 -17.95 -27.02
CA MET B 484 -13.13 -17.78 -26.59
C MET B 484 -12.29 -16.99 -27.63
N LYS B 485 -12.36 -17.37 -28.90
CA LYS B 485 -11.58 -16.69 -29.93
C LYS B 485 -11.93 -15.19 -29.93
N ALA B 486 -13.23 -14.88 -29.84
CA ALA B 486 -13.74 -13.50 -29.81
C ALA B 486 -13.23 -12.72 -28.60
N ALA B 487 -13.00 -13.43 -27.50
CA ALA B 487 -12.50 -12.80 -26.27
C ALA B 487 -10.97 -12.75 -26.22
N ASP B 488 -10.34 -13.15 -27.31
CA ASP B 488 -8.89 -13.35 -27.36
C ASP B 488 -8.39 -14.25 -26.21
N PHE B 489 -9.25 -15.19 -25.80
CA PHE B 489 -8.91 -16.17 -24.76
C PHE B 489 -7.99 -17.26 -25.33
N LEU B 490 -6.70 -17.17 -25.00
CA LEU B 490 -5.69 -17.96 -25.69
C LEU B 490 -5.13 -19.17 -24.93
N LEU B 491 -5.58 -19.41 -23.71
CA LEU B 491 -5.06 -20.52 -22.91
C LEU B 491 -5.57 -21.89 -23.37
N PRO B 492 -4.84 -22.97 -23.05
CA PRO B 492 -5.30 -24.33 -23.37
C PRO B 492 -6.79 -24.58 -23.13
N VAL B 493 -7.45 -25.14 -24.14
CA VAL B 493 -8.82 -25.60 -24.03
C VAL B 493 -8.82 -27.12 -23.84
N ILE B 494 -9.46 -27.59 -22.77
CA ILE B 494 -9.45 -29.01 -22.40
C ILE B 494 -10.84 -29.61 -22.59
N PRO B 495 -10.95 -30.68 -23.37
CA PRO B 495 -12.28 -31.14 -23.74
C PRO B 495 -13.06 -31.71 -22.55
N ALA B 496 -12.37 -32.36 -21.63
CA ALA B 496 -13.03 -33.01 -20.51
C ALA B 496 -12.07 -33.28 -19.37
N ALA B 497 -12.63 -33.54 -18.19
CA ALA B 497 -11.81 -33.96 -17.07
C ALA B 497 -11.70 -35.50 -17.08
N SER B 498 -12.45 -36.12 -17.98
CA SER B 498 -12.44 -37.57 -18.17
C SER B 498 -11.66 -37.89 -19.45
N ALA B 499 -11.56 -39.18 -19.78
CA ALA B 499 -10.86 -39.64 -21.00
C ALA B 499 -11.66 -39.41 -22.28
N ARG B 500 -12.86 -38.82 -22.16
CA ARG B 500 -13.74 -38.59 -23.30
C ARG B 500 -13.27 -37.42 -24.19
N PRO B 501 -13.09 -37.69 -25.51
CA PRO B 501 -12.55 -36.67 -26.41
C PRO B 501 -13.64 -35.74 -26.96
N SER B 502 -13.28 -34.51 -27.32
CA SER B 502 -14.21 -33.60 -27.96
C SER B 502 -14.03 -33.72 -29.47
N PRO B 503 -15.13 -33.54 -30.24
CA PRO B 503 -15.05 -33.63 -31.71
C PRO B 503 -14.04 -32.70 -32.37
N ILE B 504 -13.82 -31.49 -31.83
CA ILE B 504 -12.89 -30.55 -32.50
C ILE B 504 -11.51 -30.48 -31.88
N THR B 505 -11.46 -30.23 -30.57
CA THR B 505 -10.22 -30.10 -29.84
C THR B 505 -9.53 -31.45 -29.72
N GLY B 506 -10.31 -32.52 -29.59
CA GLY B 506 -9.76 -33.87 -29.59
C GLY B 506 -9.69 -34.54 -28.23
N ALA B 507 -8.55 -35.19 -27.98
CA ALA B 507 -8.35 -36.01 -26.79
C ALA B 507 -8.17 -35.12 -25.58
N SER B 508 -8.64 -35.58 -24.43
CA SER B 508 -8.53 -34.84 -23.17
C SER B 508 -7.11 -34.95 -22.62
N GLY B 509 -6.62 -36.20 -22.51
CA GLY B 509 -5.33 -36.50 -21.92
C GLY B 509 -5.48 -36.66 -20.41
N MET B 510 -6.72 -36.89 -20.00
CA MET B 510 -7.08 -36.99 -18.59
C MET B 510 -7.93 -38.23 -18.34
N LYS B 511 -8.18 -38.51 -17.06
CA LYS B 511 -8.96 -39.67 -16.68
C LYS B 511 -9.77 -39.39 -15.41
N MET B 512 -10.85 -40.15 -15.25
CA MET B 512 -11.78 -39.98 -14.16
C MET B 512 -12.38 -41.36 -13.87
N ASN B 513 -11.52 -42.25 -13.39
CA ASN B 513 -11.90 -43.63 -13.18
C ASN B 513 -12.16 -43.91 -11.71
N GLY B 514 -12.32 -42.86 -10.91
CA GLY B 514 -12.41 -43.01 -9.45
C GLY B 514 -11.05 -43.40 -8.90
N PRO B 515 -10.96 -43.74 -7.60
CA PRO B 515 -12.06 -43.85 -6.64
C PRO B 515 -12.59 -42.50 -6.12
N TYR B 516 -13.67 -42.55 -5.37
CA TYR B 516 -14.15 -41.40 -4.60
C TYR B 516 -14.47 -41.90 -3.19
N ASP B 517 -14.15 -43.17 -2.98
CA ASP B 517 -14.38 -43.81 -1.70
C ASP B 517 -13.19 -44.69 -1.33
N TYR B 518 -13.27 -45.36 -0.17
CA TYR B 518 -12.10 -46.01 0.41
C TYR B 518 -11.42 -47.01 -0.50
N VAL B 519 -10.13 -46.80 -0.69
CA VAL B 519 -9.21 -47.79 -1.23
C VAL B 519 -7.97 -47.77 -0.34
N PRO B 520 -7.23 -48.90 -0.24
CA PRO B 520 -5.98 -48.90 0.57
C PRO B 520 -4.83 -48.10 -0.09
N PRO B 521 -3.81 -47.71 0.69
CA PRO B 521 -2.73 -46.89 0.12
C PRO B 521 -2.08 -47.50 -1.13
N VAL B 522 -1.86 -48.82 -1.15
CA VAL B 522 -1.19 -49.47 -2.29
C VAL B 522 -1.98 -49.34 -3.61
N TYR B 523 -3.28 -49.10 -3.51
CA TYR B 523 -4.11 -48.86 -4.70
C TYR B 523 -3.47 -47.84 -5.64
N TRP B 524 -3.06 -46.72 -5.06
CA TRP B 524 -2.57 -45.56 -5.79
C TRP B 524 -1.32 -45.84 -6.62
N TYR B 525 -0.57 -46.88 -6.26
CA TYR B 525 0.69 -47.21 -6.95
C TYR B 525 0.52 -48.10 -8.20
N ASP B 526 -0.69 -48.58 -8.44
CA ASP B 526 -0.99 -49.45 -9.58
C ASP B 526 -0.91 -48.73 -10.91
N LYS B 527 -0.41 -49.43 -11.93
CA LYS B 527 -0.32 -48.90 -13.28
C LYS B 527 -0.83 -49.94 -14.28
N SER B 528 -1.29 -51.08 -13.75
CA SER B 528 -1.67 -52.22 -14.58
C SER B 528 -3.15 -52.20 -15.00
N GLN B 529 -3.99 -51.49 -14.25
CA GLN B 529 -5.42 -51.35 -14.57
C GLN B 529 -5.71 -50.04 -15.31
N LYS B 530 -5.81 -50.14 -16.63
CA LYS B 530 -6.05 -48.97 -17.49
C LYS B 530 -7.44 -48.35 -17.31
N ASP B 531 -8.27 -48.99 -16.50
CA ASP B 531 -9.63 -48.51 -16.23
C ASP B 531 -9.75 -47.94 -14.81
N ARG B 532 -8.63 -47.90 -14.09
CA ARG B 532 -8.64 -47.45 -12.69
C ARG B 532 -7.86 -46.15 -12.43
N GLY B 533 -7.71 -45.80 -11.15
CA GLY B 533 -7.23 -44.47 -10.78
C GLY B 533 -5.84 -44.38 -10.19
N GLY B 534 -4.96 -45.27 -10.61
CA GLY B 534 -3.55 -45.25 -10.22
C GLY B 534 -2.76 -44.07 -10.75
N ALA B 535 -1.60 -43.82 -10.14
CA ALA B 535 -0.66 -42.76 -10.51
C ALA B 535 -0.03 -42.93 -11.91
N TRP B 536 -0.80 -42.56 -12.92
CA TRP B 536 -0.38 -42.56 -14.32
C TRP B 536 -1.40 -41.71 -15.06
N SER B 537 -0.94 -40.94 -16.04
CA SER B 537 -1.79 -39.95 -16.72
C SER B 537 -2.20 -38.79 -15.76
N PHE B 538 -3.23 -38.04 -16.11
CA PHE B 538 -3.69 -36.89 -15.33
C PHE B 538 -4.95 -37.22 -14.52
N ASN B 539 -4.81 -37.30 -13.19
CA ASN B 539 -5.93 -37.59 -12.30
C ASN B 539 -6.70 -36.33 -11.92
N SER B 540 -7.77 -36.06 -12.67
CA SER B 540 -8.53 -34.80 -12.59
C SER B 540 -9.46 -34.66 -11.39
N ALA B 541 -9.85 -35.79 -10.79
CA ALA B 541 -10.72 -35.79 -9.59
C ALA B 541 -10.79 -37.15 -8.92
N THR B 542 -10.08 -37.29 -7.79
CA THR B 542 -10.02 -38.56 -7.08
C THR B 542 -9.56 -38.49 -5.61
N SER B 543 -10.04 -39.43 -4.80
CA SER B 543 -9.74 -39.48 -3.37
C SER B 543 -10.29 -40.78 -2.78
N ALA B 544 -9.96 -41.04 -1.51
CA ALA B 544 -10.43 -42.26 -0.85
C ALA B 544 -11.65 -41.97 0.00
N GLY B 545 -12.41 -40.94 -0.40
CA GLY B 545 -13.71 -40.66 0.18
C GLY B 545 -13.75 -39.94 1.51
N VAL B 546 -13.95 -40.68 2.58
CA VAL B 546 -14.32 -40.09 3.86
C VAL B 546 -13.14 -39.38 4.51
N ASP B 547 -13.38 -38.16 4.97
CA ASP B 547 -12.35 -37.37 5.64
C ASP B 547 -12.92 -36.79 6.94
N ILE B 548 -13.08 -37.63 7.95
CA ILE B 548 -13.59 -37.20 9.25
C ILE B 548 -12.78 -36.01 9.75
N PRO B 549 -13.46 -34.89 10.01
CA PRO B 549 -12.79 -33.69 10.56
C PRO B 549 -12.42 -33.79 12.05
N THR B 550 -11.72 -32.77 12.53
CA THR B 550 -11.23 -32.69 13.92
C THR B 550 -12.38 -32.71 14.90
N MET B 551 -12.09 -33.10 16.14
CA MET B 551 -13.14 -33.29 17.15
C MET B 551 -13.90 -31.99 17.37
N ASP B 552 -13.15 -30.90 17.45
CA ASP B 552 -13.71 -29.58 17.69
C ASP B 552 -14.72 -29.25 16.59
N THR B 553 -14.35 -29.51 15.34
CA THR B 553 -15.27 -29.30 14.21
C THR B 553 -16.48 -30.21 14.35
N LEU B 554 -16.21 -31.50 14.57
CA LEU B 554 -17.29 -32.48 14.78
C LEU B 554 -18.34 -32.03 15.80
N LYS B 555 -17.90 -31.51 16.95
CA LYS B 555 -18.82 -31.03 17.98
C LYS B 555 -19.62 -29.79 17.58
N ARG B 556 -19.25 -29.17 16.46
CA ARG B 556 -19.96 -27.99 15.96
C ARG B 556 -20.93 -28.32 14.83
N MET B 557 -20.73 -29.47 14.19
CA MET B 557 -21.52 -29.84 13.01
C MET B 557 -22.57 -30.91 13.27
N MET B 558 -22.46 -31.60 14.40
CA MET B 558 -23.31 -32.75 14.70
C MET B 558 -23.66 -32.83 16.18
N SER B 559 -24.82 -33.43 16.47
CA SER B 559 -25.30 -33.61 17.85
C SER B 559 -24.67 -34.86 18.46
N ALA B 560 -24.71 -34.95 19.79
CA ALA B 560 -24.12 -36.11 20.50
C ALA B 560 -24.63 -37.45 19.98
N SER B 561 -25.91 -37.53 19.60
CA SER B 561 -26.47 -38.80 19.09
C SER B 561 -26.11 -39.09 17.62
N GLU B 562 -25.94 -38.03 16.83
CA GLU B 562 -25.47 -38.16 15.45
C GLU B 562 -24.05 -38.71 15.41
N LEU B 563 -23.22 -38.26 16.35
CA LEU B 563 -21.83 -38.70 16.46
C LEU B 563 -21.71 -40.10 17.03
N ASP B 564 -22.58 -40.42 18.00
CA ASP B 564 -22.70 -41.75 18.60
C ASP B 564 -23.02 -42.79 17.50
N THR B 565 -24.11 -42.56 16.76
CA THR B 565 -24.50 -43.33 15.58
C THR B 565 -23.35 -43.55 14.60
N MET B 566 -22.54 -42.51 14.39
CA MET B 566 -21.46 -42.53 13.37
C MET B 566 -20.40 -43.60 13.61
N TRP B 567 -19.80 -43.57 14.80
CA TRP B 567 -18.78 -44.57 15.18
C TRP B 567 -19.36 -45.97 15.47
N LYS B 568 -20.53 -46.00 16.11
CA LYS B 568 -21.26 -47.24 16.39
C LYS B 568 -21.77 -47.93 15.13
N ASN B 569 -22.32 -47.15 14.21
CA ASN B 569 -22.87 -47.68 12.95
C ASN B 569 -22.53 -46.81 11.75
N PRO B 570 -21.32 -46.99 11.19
CA PRO B 570 -20.86 -46.22 10.03
C PRO B 570 -21.76 -46.35 8.80
N SER B 571 -22.56 -47.42 8.75
CA SER B 571 -23.43 -47.71 7.59
C SER B 571 -24.70 -46.86 7.59
N ALA B 572 -24.99 -46.21 8.72
CA ALA B 572 -26.13 -45.34 8.80
C ALA B 572 -25.92 -44.10 7.92
N LYS B 573 -27.01 -43.58 7.34
CA LYS B 573 -27.00 -42.33 6.58
C LYS B 573 -26.54 -41.19 7.46
N GLN B 574 -25.59 -40.41 6.93
CA GLN B 574 -25.12 -39.20 7.59
C GLN B 574 -25.47 -38.02 6.70
N TYR B 575 -26.22 -37.07 7.24
CA TYR B 575 -26.68 -35.91 6.47
C TYR B 575 -25.53 -35.01 6.01
N HIS B 576 -24.39 -35.11 6.70
CA HIS B 576 -23.23 -34.27 6.36
C HIS B 576 -22.15 -34.94 5.51
N ARG B 577 -22.45 -36.11 4.96
CA ARG B 577 -21.72 -36.58 3.80
C ARG B 577 -22.46 -36.09 2.54
N SER B 578 -23.14 -36.97 1.81
CA SER B 578 -23.69 -36.63 0.50
C SER B 578 -25.17 -36.94 0.33
N SER B 579 -25.83 -36.23 -0.59
CA SER B 579 -27.23 -36.49 -0.98
C SER B 579 -27.35 -37.63 -2.00
N SER B 580 -26.25 -37.96 -2.67
CA SER B 580 -26.16 -39.15 -3.51
C SER B 580 -26.28 -40.42 -2.65
N ASP B 581 -27.09 -41.39 -3.07
CA ASP B 581 -27.23 -42.65 -2.30
C ASP B 581 -25.90 -43.41 -2.23
N THR B 582 -25.23 -43.49 -3.39
CA THR B 582 -23.87 -44.01 -3.48
C THR B 582 -22.97 -43.52 -2.33
N PHE B 583 -23.10 -42.26 -1.93
CA PHE B 583 -22.21 -41.69 -0.93
C PHE B 583 -22.93 -41.23 0.34
N GLY B 584 -24.11 -41.79 0.60
CA GLY B 584 -24.92 -41.34 1.74
C GLY B 584 -24.42 -41.75 3.11
N ASN B 585 -23.44 -42.65 3.13
CA ASN B 585 -22.96 -43.28 4.38
C ASN B 585 -21.44 -43.54 4.40
N LEU B 586 -20.95 -44.01 5.55
CA LEU B 586 -19.53 -44.25 5.76
C LEU B 586 -19.21 -45.74 5.87
N LYS B 587 -19.92 -46.58 5.11
CA LYS B 587 -19.80 -48.02 5.27
C LYS B 587 -18.43 -48.56 4.85
N LEU B 588 -18.06 -48.33 3.60
CA LEU B 588 -16.76 -48.77 3.08
C LEU B 588 -15.60 -48.29 3.95
N PHE B 589 -15.75 -47.10 4.54
CA PHE B 589 -14.76 -46.51 5.44
C PHE B 589 -14.82 -47.21 6.80
N GLY B 590 -15.98 -47.22 7.43
CA GLY B 590 -16.22 -48.01 8.64
C GLY B 590 -15.59 -49.41 8.58
N ASP B 591 -16.00 -50.21 7.60
CA ASP B 591 -15.45 -51.57 7.41
C ASP B 591 -13.93 -51.61 7.29
N ALA B 592 -13.37 -50.78 6.40
CA ALA B 592 -11.92 -50.68 6.22
C ALA B 592 -11.20 -50.28 7.53
N LEU B 593 -11.80 -49.37 8.28
CA LEU B 593 -11.18 -48.87 9.50
C LEU B 593 -11.21 -49.93 10.60
N THR B 594 -12.35 -50.60 10.73
CA THR B 594 -12.54 -51.68 11.68
C THR B 594 -11.59 -52.84 11.32
N LYS B 595 -11.46 -53.15 10.02
CA LYS B 595 -10.54 -54.20 9.57
C LYS B 595 -9.07 -53.87 9.80
N ARG B 596 -8.65 -52.68 9.36
CA ARG B 596 -7.23 -52.37 9.31
C ARG B 596 -6.69 -51.84 10.63
N TYR B 597 -7.50 -51.10 11.37
CA TYR B 597 -7.06 -50.49 12.64
C TYR B 597 -7.70 -51.17 13.86
N GLY B 598 -8.63 -52.07 13.60
CA GLY B 598 -9.35 -52.76 14.67
C GLY B 598 -10.56 -51.99 15.17
N ALA B 599 -11.65 -52.72 15.42
CA ALA B 599 -12.89 -52.22 16.01
C ALA B 599 -12.72 -51.02 16.93
N SER B 600 -13.55 -49.99 16.72
CA SER B 600 -13.51 -48.76 17.53
C SER B 600 -14.19 -48.92 18.90
N ALA B 601 -13.42 -48.68 19.96
CA ALA B 601 -13.93 -48.76 21.34
C ALA B 601 -14.93 -47.65 21.69
N ASN B 602 -14.71 -46.45 21.14
CA ASN B 602 -15.61 -45.30 21.36
C ASN B 602 -15.37 -44.16 20.38
N LEU B 603 -15.94 -42.98 20.67
CA LEU B 603 -15.82 -41.83 19.79
C LEU B 603 -14.35 -41.46 19.65
N ASN B 604 -13.73 -41.07 20.77
CA ASN B 604 -12.30 -40.71 20.79
C ASN B 604 -11.44 -41.67 19.98
N ASP B 605 -11.79 -42.95 20.03
CA ASP B 605 -11.07 -44.01 19.32
C ASP B 605 -11.35 -44.01 17.81
N PHE B 606 -12.62 -43.82 17.44
CA PHE B 606 -13.02 -43.76 16.02
C PHE B 606 -12.32 -42.63 15.27
N VAL B 607 -12.30 -41.46 15.92
CA VAL B 607 -11.75 -40.24 15.35
C VAL B 607 -10.23 -40.32 15.20
N ARG B 608 -9.52 -40.67 16.28
CA ARG B 608 -8.06 -40.80 16.22
C ARG B 608 -7.59 -41.78 15.14
N LYS B 609 -8.36 -42.85 14.95
CA LYS B 609 -8.06 -43.88 13.96
C LYS B 609 -8.40 -43.42 12.55
N ALA B 610 -9.49 -42.68 12.44
CA ALA B 610 -9.91 -42.03 11.19
C ALA B 610 -8.83 -41.06 10.72
N GLN B 611 -8.27 -40.30 11.68
CA GLN B 611 -7.22 -39.34 11.37
C GLN B 611 -6.00 -40.01 10.74
N LEU B 612 -5.44 -40.99 11.43
CA LEU B 612 -4.34 -41.78 10.88
C LEU B 612 -4.63 -42.35 9.49
N SER B 613 -5.83 -42.88 9.30
CA SER B 613 -6.21 -43.53 8.03
C SER B 613 -6.31 -42.52 6.87
N GLN B 614 -6.83 -41.33 7.16
CA GLN B 614 -6.79 -40.23 6.19
C GLN B 614 -5.35 -39.80 5.91
N TYR B 615 -4.57 -39.62 6.98
CA TYR B 615 -3.15 -39.31 6.83
C TYR B 615 -2.50 -40.28 5.85
N GLU B 616 -2.46 -41.55 6.24
CA GLU B 616 -1.90 -42.64 5.46
C GLU B 616 -2.33 -42.63 3.99
N ASN B 617 -3.63 -42.44 3.76
CA ASN B 617 -4.16 -42.53 2.41
C ASN B 617 -3.82 -41.35 1.52
N VAL B 618 -4.05 -40.13 2.02
CA VAL B 618 -3.85 -38.90 1.23
C VAL B 618 -2.37 -38.73 0.93
N ARG B 619 -1.54 -39.04 1.92
CA ARG B 619 -0.10 -39.03 1.73
C ARG B 619 0.32 -39.96 0.58
N ALA B 620 -0.18 -41.20 0.59
CA ALA B 620 0.19 -42.19 -0.41
C ALA B 620 -0.29 -41.79 -1.81
N GLU B 621 -1.48 -41.20 -1.88
CA GLU B 621 -2.09 -40.81 -3.15
C GLU B 621 -1.21 -39.78 -3.84
N PHE B 622 -0.73 -38.81 -3.05
CA PHE B 622 0.10 -37.73 -3.56
C PHE B 622 1.52 -38.18 -3.84
N GLU B 623 2.11 -38.85 -2.85
CA GLU B 623 3.47 -39.37 -2.96
C GLU B 623 3.70 -40.28 -4.17
N SER B 624 2.69 -41.10 -4.49
CA SER B 624 2.71 -42.03 -5.61
C SER B 624 2.75 -41.32 -6.96
N HIS B 625 1.98 -40.24 -7.06
CA HIS B 625 1.92 -39.43 -8.28
C HIS B 625 3.21 -38.65 -8.48
N SER B 626 3.84 -38.23 -7.38
CA SER B 626 5.11 -37.54 -7.44
C SER B 626 6.21 -38.42 -8.01
N ARG B 627 6.27 -39.65 -7.51
CA ARG B 627 7.31 -40.59 -7.89
C ARG B 627 7.14 -40.94 -9.37
N ASN B 628 5.90 -41.24 -9.76
CA ASN B 628 5.62 -41.69 -11.11
C ASN B 628 5.63 -40.56 -12.14
N TYR B 629 5.72 -39.32 -11.68
CA TYR B 629 5.79 -38.15 -12.57
C TYR B 629 6.90 -38.31 -13.63
N THR B 630 8.04 -38.80 -13.19
CA THR B 630 9.23 -38.93 -14.05
C THR B 630 9.41 -40.30 -14.75
N ASP B 631 8.35 -41.10 -14.87
CA ASP B 631 8.42 -42.37 -15.63
C ASP B 631 8.49 -42.11 -17.14
N SER B 632 9.16 -42.99 -17.88
CA SER B 632 9.35 -42.79 -19.34
C SER B 632 8.11 -43.18 -20.12
N THR B 633 7.34 -44.09 -19.54
CA THR B 633 6.12 -44.61 -20.12
C THR B 633 5.04 -44.30 -19.10
N ASN B 634 3.87 -43.86 -19.59
CA ASN B 634 2.73 -43.59 -18.70
C ASN B 634 3.10 -42.88 -17.39
N PRO B 635 3.71 -41.68 -17.48
CA PRO B 635 3.96 -41.01 -16.21
C PRO B 635 2.66 -40.46 -15.65
N SER B 636 2.66 -40.08 -14.37
CA SER B 636 1.58 -39.26 -13.86
C SER B 636 1.90 -37.81 -14.23
N THR B 637 0.91 -37.06 -14.70
CA THR B 637 1.12 -35.68 -15.11
C THR B 637 0.36 -34.67 -14.25
N GLY B 638 -0.64 -35.15 -13.52
CA GLY B 638 -1.41 -34.29 -12.62
C GLY B 638 -2.28 -35.09 -11.68
N LEU B 639 -2.66 -34.44 -10.59
CA LEU B 639 -3.52 -35.03 -9.59
C LEU B 639 -4.31 -33.90 -8.91
N ILE B 640 -5.64 -34.03 -8.99
CA ILE B 640 -6.53 -33.14 -8.29
C ILE B 640 -7.24 -33.98 -7.24
N TYR B 641 -6.92 -33.73 -5.98
CA TYR B 641 -7.57 -34.43 -4.89
C TYR B 641 -9.06 -34.02 -4.74
N TRP B 642 -9.93 -35.01 -4.56
CA TRP B 642 -11.36 -34.76 -4.40
C TRP B 642 -11.80 -34.85 -2.93
N MET B 643 -11.91 -33.71 -2.23
CA MET B 643 -11.74 -32.36 -2.79
C MET B 643 -10.83 -31.60 -1.86
N LEU B 644 -10.34 -30.44 -2.32
CA LEU B 644 -9.52 -29.55 -1.51
C LEU B 644 -10.30 -29.11 -0.28
N ASN B 645 -11.57 -28.80 -0.50
CA ASN B 645 -12.44 -28.38 0.56
C ASN B 645 -13.91 -28.72 0.24
N SER B 646 -14.80 -28.35 1.16
CA SER B 646 -16.21 -28.72 1.10
C SER B 646 -17.07 -27.47 1.18
N PRO B 647 -18.25 -27.49 0.53
CA PRO B 647 -19.13 -26.31 0.56
C PRO B 647 -19.64 -25.99 1.96
N TRP B 648 -19.51 -26.93 2.88
CA TRP B 648 -20.05 -26.79 4.24
C TRP B 648 -19.34 -27.74 5.23
N THR B 649 -19.92 -27.90 6.41
CA THR B 649 -19.48 -28.90 7.38
C THR B 649 -19.74 -30.30 6.82
N SER B 650 -18.67 -31.07 6.67
CA SER B 650 -18.74 -32.32 5.94
C SER B 650 -17.90 -33.40 6.57
N LEU B 651 -18.28 -34.64 6.25
CA LEU B 651 -17.53 -35.85 6.62
C LEU B 651 -16.81 -36.52 5.43
N HIS B 652 -16.64 -35.80 4.31
CA HIS B 652 -15.85 -36.33 3.17
C HIS B 652 -15.17 -35.29 2.27
N TRP B 653 -14.34 -35.79 1.36
CA TRP B 653 -13.76 -35.02 0.26
C TRP B 653 -13.22 -33.64 0.64
N GLN B 654 -12.30 -33.60 1.60
CA GLN B 654 -11.74 -32.32 2.04
C GLN B 654 -10.36 -32.48 2.67
N LEU B 655 -9.52 -31.46 2.49
CA LEU B 655 -8.22 -31.38 3.16
C LEU B 655 -8.36 -30.50 4.39
N PHE B 656 -8.91 -29.31 4.19
CA PHE B 656 -9.33 -28.46 5.29
C PHE B 656 -10.85 -28.37 5.30
N ASP B 657 -11.42 -28.37 6.51
CA ASP B 657 -12.87 -28.34 6.67
C ASP B 657 -13.38 -26.90 6.65
N ALA B 658 -14.69 -26.75 6.73
CA ALA B 658 -15.37 -25.47 6.63
C ALA B 658 -14.89 -24.42 7.62
N TYR B 659 -14.28 -24.83 8.72
CA TYR B 659 -13.90 -23.85 9.75
C TYR B 659 -12.43 -23.49 9.63
N MET B 660 -11.80 -24.03 8.59
CA MET B 660 -10.38 -23.84 8.30
C MET B 660 -9.51 -24.75 9.16
N ASP B 661 -10.12 -25.70 9.86
CA ASP B 661 -9.33 -26.57 10.72
C ASP B 661 -8.59 -27.64 9.91
N GLN B 662 -7.53 -28.18 10.51
CA GLN B 662 -6.60 -29.08 9.83
C GLN B 662 -6.51 -30.42 10.54
N ASN B 663 -6.75 -31.48 9.77
CA ASN B 663 -6.85 -32.83 10.32
C ASN B 663 -5.85 -33.78 9.68
N GLY B 664 -6.05 -35.08 9.94
CA GLY B 664 -5.22 -36.14 9.36
C GLY B 664 -5.06 -36.07 7.85
N ALA B 665 -6.12 -35.70 7.15
CA ALA B 665 -6.03 -35.54 5.70
C ALA B 665 -5.20 -34.30 5.34
N TYR B 666 -5.39 -33.21 6.08
CA TYR B 666 -4.62 -31.98 5.86
C TYR B 666 -3.13 -32.24 6.05
N TYR B 667 -2.78 -32.86 7.17
CA TYR B 667 -1.38 -33.11 7.51
C TYR B 667 -0.72 -34.10 6.55
N GLY B 668 -1.47 -35.11 6.15
CA GLY B 668 -1.02 -36.11 5.18
C GLY B 668 -0.71 -35.56 3.80
N ALA B 669 -1.52 -34.61 3.33
CA ALA B 669 -1.28 -33.95 2.04
C ALA B 669 -0.08 -33.01 2.12
N LYS B 670 -0.01 -32.24 3.21
CA LYS B 670 1.09 -31.32 3.52
C LYS B 670 2.43 -32.05 3.62
N LYS B 671 2.40 -33.26 4.18
CA LYS B 671 3.61 -34.05 4.30
C LYS B 671 4.02 -34.49 2.89
N ALA B 672 3.09 -35.07 2.16
CA ALA B 672 3.36 -35.58 0.83
C ALA B 672 3.97 -34.55 -0.11
N ASN B 673 3.60 -33.28 0.08
CA ASN B 673 3.91 -32.22 -0.90
C ASN B 673 5.03 -31.26 -0.52
N GLU B 674 5.69 -31.54 0.60
CA GLU B 674 6.85 -30.79 1.06
C GLU B 674 7.84 -30.43 -0.06
N PRO B 675 8.42 -29.22 -0.01
CA PRO B 675 9.27 -28.82 -1.14
C PRO B 675 10.44 -29.80 -1.43
N LEU B 676 10.98 -30.38 -0.37
CA LEU B 676 12.10 -31.32 -0.48
C LEU B 676 11.78 -32.50 0.45
N HIS B 677 11.41 -33.62 -0.15
CA HIS B 677 10.63 -34.62 0.56
C HIS B 677 11.23 -36.02 0.48
N ILE B 678 11.18 -36.75 1.59
CA ILE B 678 11.54 -38.18 1.62
C ILE B 678 10.28 -39.02 1.84
N GLN B 679 10.10 -40.04 1.00
CA GLN B 679 8.89 -40.86 1.01
C GLN B 679 9.15 -42.38 0.89
N TYR B 680 8.10 -43.18 1.08
CA TYR B 680 8.20 -44.63 1.09
C TYR B 680 7.15 -45.24 0.19
N SER B 681 7.62 -45.97 -0.82
CA SER B 681 6.72 -46.61 -1.78
C SER B 681 5.99 -47.81 -1.16
N HIS B 682 4.65 -47.74 -1.10
CA HIS B 682 3.86 -48.80 -0.49
C HIS B 682 3.94 -50.10 -1.29
N ASP B 683 4.24 -49.99 -2.59
CA ASP B 683 4.24 -51.15 -3.49
C ASP B 683 5.55 -51.94 -3.44
N ASN B 684 6.64 -51.33 -3.88
CA ASN B 684 7.90 -52.04 -4.06
C ASN B 684 8.94 -51.67 -3.00
N ARG B 685 8.45 -51.12 -1.88
CA ARG B 685 9.27 -50.79 -0.69
C ARG B 685 10.45 -49.81 -0.89
N SER B 686 10.51 -49.12 -2.04
CA SER B 686 11.63 -48.18 -2.29
C SER B 686 11.48 -46.82 -1.58
N VAL B 687 12.59 -46.32 -1.03
CA VAL B 687 12.63 -45.03 -0.33
C VAL B 687 13.08 -43.95 -1.32
N VAL B 688 12.18 -43.00 -1.59
CA VAL B 688 12.41 -41.99 -2.63
C VAL B 688 12.52 -40.57 -2.07
N VAL B 689 13.38 -39.76 -2.67
CA VAL B 689 13.50 -38.33 -2.36
C VAL B 689 12.88 -37.55 -3.52
N ILE B 690 11.94 -36.67 -3.20
CA ILE B 690 11.35 -35.80 -4.21
C ILE B 690 11.77 -34.35 -3.98
N ASN B 691 12.13 -33.68 -5.07
CA ASN B 691 12.51 -32.27 -5.04
C ASN B 691 11.57 -31.43 -5.89
N GLN B 692 10.68 -30.70 -5.22
CA GLN B 692 9.69 -29.87 -5.90
C GLN B 692 10.21 -28.46 -6.22
N THR B 693 11.36 -28.09 -5.66
CA THR B 693 11.90 -26.73 -5.79
C THR B 693 12.52 -26.51 -7.17
N SER B 694 12.86 -25.26 -7.48
CA SER B 694 13.24 -24.88 -8.84
C SER B 694 14.74 -24.95 -9.15
N ASN B 695 15.50 -25.53 -8.23
CA ASN B 695 16.93 -25.81 -8.47
C ASN B 695 17.28 -27.22 -8.03
N ALA B 696 18.32 -27.80 -8.65
CA ALA B 696 18.83 -29.11 -8.27
C ALA B 696 19.51 -28.99 -6.91
N VAL B 697 19.61 -30.12 -6.21
CA VAL B 697 20.05 -30.13 -4.82
C VAL B 697 21.12 -31.22 -4.65
N SER B 698 22.15 -30.90 -3.89
CA SER B 698 23.28 -31.82 -3.67
C SER B 698 23.35 -32.31 -2.23
N GLY B 699 24.18 -33.33 -2.03
CA GLY B 699 24.72 -33.66 -0.71
C GLY B 699 23.71 -33.90 0.37
N LEU B 700 22.60 -34.49 -0.01
CA LEU B 700 21.57 -34.86 0.93
C LEU B 700 21.93 -36.20 1.53
N THR B 701 21.65 -36.34 2.82
CA THR B 701 21.67 -37.65 3.46
C THR B 701 20.24 -38.12 3.79
N ALA B 702 19.93 -39.34 3.34
CA ALA B 702 18.62 -39.96 3.55
C ALA B 702 18.77 -41.15 4.47
N THR B 703 18.04 -41.15 5.58
CA THR B 703 18.16 -42.23 6.54
C THR B 703 16.84 -42.95 6.74
N THR B 704 16.82 -44.25 6.47
CA THR B 704 15.63 -45.04 6.76
C THR B 704 15.89 -46.14 7.80
N LYS B 705 14.89 -46.40 8.63
CA LYS B 705 15.03 -47.26 9.80
C LYS B 705 13.69 -47.93 10.11
N LEU B 706 13.74 -49.24 10.38
CA LEU B 706 12.52 -49.98 10.74
C LEU B 706 12.46 -50.21 12.24
N TYR B 707 11.26 -50.15 12.81
CA TYR B 707 11.06 -50.29 14.25
C TYR B 707 9.88 -51.18 14.59
N ASN B 708 10.03 -51.99 15.65
CA ASN B 708 8.91 -52.73 16.25
C ASN B 708 8.23 -51.87 17.34
N LEU B 709 6.95 -52.13 17.59
CA LEU B 709 6.17 -51.32 18.51
C LEU B 709 6.64 -51.37 19.97
N ASP B 710 7.63 -52.21 20.27
CA ASP B 710 8.25 -52.21 21.62
C ASP B 710 9.46 -51.27 21.66
N GLY B 711 9.91 -50.83 20.48
CA GLY B 711 10.99 -49.85 20.37
C GLY B 711 12.20 -50.32 19.60
N THR B 712 12.25 -51.63 19.32
CA THR B 712 13.43 -52.28 18.75
C THR B 712 13.69 -51.86 17.32
N GLU B 713 14.86 -51.25 17.09
CA GLU B 713 15.36 -51.01 15.74
C GLU B 713 15.61 -52.36 15.06
N LYS B 714 15.10 -52.51 13.83
CA LYS B 714 15.14 -53.78 13.11
C LYS B 714 15.90 -53.70 11.80
N TYR B 715 16.08 -52.47 11.30
CA TYR B 715 16.83 -52.18 10.08
C TYR B 715 17.28 -50.73 10.12
N SER B 716 18.38 -50.44 9.42
CA SER B 716 18.87 -49.07 9.26
C SER B 716 19.68 -48.94 7.97
N ASN B 717 19.68 -47.72 7.42
CA ASN B 717 20.35 -47.42 6.16
C ASN B 717 20.59 -45.93 6.09
N THR B 718 21.85 -45.53 5.96
CA THR B 718 22.18 -44.14 5.71
C THR B 718 22.83 -44.04 4.34
N LYS B 719 22.13 -43.41 3.40
CA LYS B 719 22.71 -43.09 2.09
C LYS B 719 23.12 -41.63 2.12
N THR B 720 24.39 -41.39 1.79
CA THR B 720 24.90 -40.03 1.80
C THR B 720 25.22 -39.58 0.39
N GLY B 721 25.43 -38.27 0.23
CA GLY B 721 25.71 -37.67 -1.06
C GLY B 721 24.63 -37.93 -2.09
N LEU B 722 23.36 -37.83 -1.68
CA LEU B 722 22.24 -37.90 -2.62
C LEU B 722 22.00 -36.60 -3.37
N SER B 723 21.87 -36.71 -4.68
CA SER B 723 21.59 -35.59 -5.57
C SER B 723 20.30 -35.82 -6.32
N VAL B 724 19.48 -34.77 -6.39
CA VAL B 724 18.19 -34.87 -7.05
C VAL B 724 17.92 -33.60 -7.86
N GLY B 725 17.36 -33.78 -9.06
CA GLY B 725 17.03 -32.67 -9.96
C GLY B 725 15.89 -31.81 -9.46
N ALA B 726 15.52 -30.81 -10.25
CA ALA B 726 14.48 -29.86 -9.86
C ALA B 726 13.07 -30.23 -10.35
N LEU B 727 12.10 -29.49 -9.82
CA LEU B 727 10.69 -29.51 -10.25
C LEU B 727 10.02 -30.89 -10.34
N GLY B 728 10.27 -31.70 -9.32
CA GLY B 728 9.60 -33.00 -9.17
C GLY B 728 10.42 -34.17 -9.67
N ALA B 729 11.72 -33.95 -9.79
CA ALA B 729 12.66 -35.02 -10.11
C ALA B 729 12.91 -35.80 -8.84
N LYS B 730 13.24 -37.08 -8.99
CA LYS B 730 13.38 -37.98 -7.84
C LYS B 730 14.77 -38.63 -7.80
N ALA B 731 14.98 -39.46 -6.77
CA ALA B 731 16.14 -40.36 -6.66
C ALA B 731 15.87 -41.32 -5.52
N THR B 732 16.39 -42.54 -5.66
CA THR B 732 16.23 -43.58 -4.64
C THR B 732 17.42 -43.58 -3.65
N ALA B 733 17.10 -43.75 -2.36
CA ALA B 733 18.13 -43.86 -1.33
C ALA B 733 18.53 -45.32 -1.17
N VAL B 734 17.50 -46.17 -1.05
CA VAL B 734 17.64 -47.62 -0.85
C VAL B 734 16.26 -48.24 -1.08
N THR B 735 16.24 -49.52 -1.42
CA THR B 735 15.02 -50.29 -1.42
C THR B 735 15.08 -51.25 -0.24
N VAL B 736 14.34 -50.92 0.81
CA VAL B 736 14.26 -51.76 2.02
C VAL B 736 14.00 -53.21 1.64
N PRO B 737 14.88 -54.15 2.07
CA PRO B 737 14.66 -55.57 1.80
C PRO B 737 13.76 -56.18 2.86
N ALA B 738 13.25 -57.40 2.61
CA ALA B 738 12.39 -58.11 3.58
C ALA B 738 13.15 -58.26 4.87
N VAL B 739 12.59 -57.76 5.95
CA VAL B 739 13.34 -57.72 7.21
C VAL B 739 12.71 -58.69 8.18
N SER B 740 13.56 -59.53 8.77
CA SER B 740 13.12 -60.54 9.71
C SER B 740 12.83 -59.94 11.08
N GLY B 741 11.88 -60.53 11.80
CA GLY B 741 11.61 -60.13 13.16
C GLY B 741 10.66 -58.95 13.35
N LEU B 742 10.12 -58.44 12.25
CA LEU B 742 9.20 -57.29 12.31
C LEU B 742 7.91 -57.65 13.01
N SER B 743 7.41 -56.76 13.87
CA SER B 743 6.08 -56.94 14.48
C SER B 743 4.98 -56.78 13.42
N THR B 744 3.79 -57.29 13.70
CA THR B 744 2.69 -57.28 12.72
C THR B 744 2.40 -55.83 12.28
N THR B 745 2.21 -54.94 13.25
CA THR B 745 2.23 -53.51 12.95
C THR B 745 3.63 -53.00 13.31
N TYR B 746 4.29 -52.31 12.39
CA TYR B 746 5.62 -51.78 12.66
C TYR B 746 5.83 -50.37 12.05
N LEU B 747 6.82 -49.64 12.55
CA LEU B 747 7.10 -48.29 12.08
C LEU B 747 8.28 -48.23 11.11
N ALA B 748 8.15 -47.36 10.11
CA ALA B 748 9.25 -47.03 9.21
C ALA B 748 9.56 -45.55 9.42
N LYS B 749 10.85 -45.22 9.55
CA LYS B 749 11.28 -43.85 9.83
C LYS B 749 12.24 -43.23 8.79
N ASN B 750 11.69 -42.38 7.92
CA ASN B 750 12.47 -41.63 6.94
C ASN B 750 12.82 -40.23 7.47
N VAL B 751 14.10 -39.87 7.41
CA VAL B 751 14.59 -38.52 7.72
C VAL B 751 15.55 -38.04 6.63
N LEU B 752 15.46 -36.76 6.30
CA LEU B 752 16.29 -36.16 5.27
C LEU B 752 16.96 -34.87 5.78
N THR B 753 18.28 -34.78 5.60
CA THR B 753 19.06 -33.59 5.92
C THR B 753 19.77 -33.08 4.68
N ASP B 754 19.84 -31.75 4.51
CA ASP B 754 20.58 -31.13 3.39
C ASP B 754 22.09 -31.06 3.69
N SER B 755 22.84 -30.46 2.77
CA SER B 755 24.29 -30.34 2.92
C SER B 755 24.69 -29.53 4.18
N SER B 756 23.81 -28.63 4.61
CA SER B 756 24.03 -27.87 5.84
C SER B 756 23.59 -28.63 7.12
N GLY B 757 22.99 -29.80 6.93
CA GLY B 757 22.60 -30.68 8.04
C GLY B 757 21.31 -30.32 8.76
N LYS B 758 20.48 -29.52 8.10
CA LYS B 758 19.14 -29.21 8.59
C LYS B 758 18.20 -30.38 8.28
N GLU B 759 17.31 -30.71 9.21
CA GLU B 759 16.33 -31.74 8.94
C GLU B 759 15.24 -31.18 8.02
N VAL B 760 15.33 -31.49 6.73
CA VAL B 760 14.36 -30.98 5.73
C VAL B 760 13.08 -31.83 5.52
N SER B 761 13.15 -33.13 5.76
CA SER B 761 11.98 -34.00 5.68
C SER B 761 11.98 -35.12 6.71
N ARG B 762 10.87 -35.25 7.43
CA ARG B 762 10.70 -36.31 8.42
C ARG B 762 9.37 -36.98 8.12
N ASN B 763 9.41 -38.26 7.80
CA ASN B 763 8.23 -38.99 7.34
C ASN B 763 8.12 -40.37 7.99
N VAL B 764 7.14 -40.55 8.87
CA VAL B 764 6.98 -41.80 9.61
C VAL B 764 5.81 -42.63 9.07
N TYR B 765 6.05 -43.90 8.79
CA TYR B 765 4.97 -44.79 8.31
C TYR B 765 4.60 -45.87 9.34
N TRP B 766 3.31 -46.19 9.41
CA TRP B 766 2.88 -47.36 10.16
C TRP B 766 2.50 -48.44 9.16
N LEU B 767 3.28 -49.52 9.15
CA LEU B 767 3.17 -50.55 8.13
C LEU B 767 2.75 -51.90 8.70
N SER B 768 2.58 -52.88 7.80
CA SER B 768 2.10 -54.20 8.21
C SER B 768 2.77 -55.34 7.43
N THR B 769 3.19 -56.38 8.16
CA THR B 769 3.70 -57.63 7.53
C THR B 769 2.60 -58.28 6.71
N LYS B 770 1.36 -58.09 7.16
CA LYS B 770 0.15 -58.46 6.43
C LYS B 770 -0.19 -57.31 5.48
N ALA B 771 -0.24 -57.56 4.18
CA ALA B 771 -0.45 -56.49 3.19
C ALA B 771 -1.91 -56.06 2.93
N ASP B 772 -2.06 -54.98 2.18
CA ASP B 772 -3.30 -54.66 1.49
C ASP B 772 -3.18 -55.23 0.08
N THR B 773 -4.19 -55.98 -0.35
CA THR B 773 -4.28 -56.40 -1.75
C THR B 773 -5.64 -56.05 -2.29
N LEU B 774 -5.72 -55.86 -3.61
CA LEU B 774 -6.98 -55.43 -4.20
C LEU B 774 -7.69 -56.53 -4.96
N ASN B 775 -8.98 -56.67 -4.66
CA ASN B 775 -9.89 -57.47 -5.47
C ASN B 775 -10.33 -56.64 -6.68
N TRP B 776 -9.52 -56.66 -7.73
CA TRP B 776 -9.71 -55.78 -8.89
C TRP B 776 -11.01 -56.00 -9.67
N GLY B 777 -11.52 -57.24 -9.63
CA GLY B 777 -12.71 -57.64 -10.38
C GLY B 777 -14.01 -57.11 -9.78
N GLY B 778 -13.96 -56.71 -8.51
CA GLY B 778 -15.12 -56.14 -7.82
C GLY B 778 -15.31 -54.65 -8.06
N SER B 779 -14.33 -54.03 -8.72
CA SER B 779 -14.32 -52.58 -8.92
C SER B 779 -15.64 -52.04 -9.46
N ASP B 780 -16.09 -50.94 -8.87
CA ASP B 780 -17.18 -50.14 -9.41
C ASP B 780 -16.53 -48.87 -9.96
N TRP B 781 -17.33 -47.89 -10.37
CA TRP B 781 -16.80 -46.62 -10.88
C TRP B 781 -16.12 -45.76 -9.81
N TYR B 782 -16.49 -46.00 -8.54
CA TYR B 782 -16.09 -45.16 -7.40
C TYR B 782 -15.16 -45.81 -6.35
N TYR B 783 -14.85 -47.09 -6.51
CA TYR B 783 -13.90 -47.79 -5.61
C TYR B 783 -13.55 -49.19 -6.10
N THR B 784 -12.54 -49.78 -5.46
CA THR B 784 -12.17 -51.17 -5.66
C THR B 784 -12.19 -51.85 -4.29
N PRO B 785 -12.86 -53.02 -4.20
CA PRO B 785 -12.92 -53.69 -2.92
C PRO B 785 -11.62 -54.43 -2.63
N GLN B 786 -11.32 -54.64 -1.36
CA GLN B 786 -10.09 -55.33 -0.99
C GLN B 786 -10.25 -56.85 -0.96
N SER B 787 -9.20 -57.56 -1.35
CA SER B 787 -9.20 -59.01 -1.23
C SER B 787 -8.61 -59.41 0.14
N ALA B 788 -7.50 -58.79 0.53
CA ALA B 788 -7.00 -58.91 1.90
C ALA B 788 -6.67 -57.54 2.52
N PHE B 789 -6.96 -57.38 3.81
CA PHE B 789 -6.68 -56.17 4.62
C PHE B 789 -5.36 -56.22 5.41
N ALA B 790 -4.62 -55.11 5.41
CA ALA B 790 -3.40 -54.97 6.22
C ALA B 790 -3.72 -54.87 7.72
N ASP B 791 -2.75 -55.23 8.56
CA ASP B 791 -2.96 -55.21 10.01
C ASP B 791 -2.16 -54.15 10.76
N LEU B 792 -2.86 -53.08 11.13
CA LEU B 792 -2.26 -51.94 11.82
C LEU B 792 -2.76 -51.82 13.26
N SER B 793 -3.48 -52.86 13.72
CA SER B 793 -4.09 -52.86 15.06
C SER B 793 -3.09 -52.84 16.21
N GLY B 794 -1.85 -53.27 15.94
CA GLY B 794 -0.78 -53.15 16.92
C GLY B 794 -0.72 -51.77 17.56
N LEU B 795 -1.04 -50.73 16.77
CA LEU B 795 -1.08 -49.34 17.24
C LEU B 795 -1.92 -49.17 18.50
N ASN B 796 -2.95 -50.00 18.66
CA ASN B 796 -3.81 -49.96 19.84
C ASN B 796 -3.02 -50.14 21.15
N ASN B 797 -1.99 -50.96 21.08
CA ASN B 797 -1.23 -51.34 22.25
C ASN B 797 0.23 -50.86 22.17
N LEU B 798 0.42 -49.68 21.60
CA LEU B 798 1.70 -49.02 21.68
C LEU B 798 1.73 -48.33 23.05
N GLY B 799 2.76 -48.65 23.83
CA GLY B 799 2.88 -48.13 25.18
C GLY B 799 3.06 -46.63 25.24
N GLN B 800 2.92 -46.06 26.44
CA GLN B 800 3.04 -44.62 26.65
C GLN B 800 4.47 -44.11 26.46
N SER B 801 4.55 -42.88 25.96
CA SER B 801 5.79 -42.15 25.74
C SER B 801 5.53 -40.79 26.36
N ALA B 802 6.37 -39.79 26.05
CA ALA B 802 6.14 -38.43 26.57
C ALA B 802 6.73 -37.29 25.74
N VAL B 803 6.15 -36.10 25.91
CA VAL B 803 6.65 -34.81 25.41
C VAL B 803 6.09 -33.80 26.44
N GLY B 804 6.82 -32.77 26.88
CA GLY B 804 8.12 -32.37 26.42
C GLY B 804 7.95 -31.15 25.53
N ALA B 805 7.46 -30.03 26.09
CA ALA B 805 7.08 -28.86 25.25
C ALA B 805 7.18 -27.43 25.81
N THR B 806 7.77 -26.52 25.03
CA THR B 806 7.81 -25.07 25.36
C THR B 806 7.26 -24.23 24.20
N ALA B 807 6.54 -23.16 24.51
CA ALA B 807 6.00 -22.25 23.49
C ALA B 807 6.04 -20.76 23.84
N ASN B 808 6.56 -19.96 22.92
CA ASN B 808 6.53 -18.51 23.04
C ASN B 808 5.88 -17.89 21.80
N SER B 809 5.48 -16.62 21.89
CA SER B 809 4.79 -15.93 20.78
C SER B 809 5.28 -14.49 20.56
N VAL B 810 5.44 -14.12 19.29
CA VAL B 810 5.72 -12.71 18.93
C VAL B 810 4.54 -12.14 18.14
N ALA B 811 4.16 -10.91 18.46
CA ALA B 811 3.06 -10.24 17.76
C ALA B 811 3.59 -9.09 16.93
N GLY B 812 3.48 -9.24 15.61
CA GLY B 812 4.00 -8.25 14.65
C GLY B 812 3.05 -7.08 14.50
N ALA B 813 3.57 -5.96 14.04
CA ALA B 813 2.76 -4.76 13.82
C ALA B 813 1.95 -4.89 12.54
N ASP B 814 2.17 -5.97 11.80
CA ASP B 814 1.41 -6.25 10.58
C ASP B 814 0.12 -6.99 10.90
N GLY B 815 -0.06 -7.35 12.16
CA GLY B 815 -1.33 -7.91 12.62
C GLY B 815 -1.32 -9.41 12.85
N THR B 816 -0.20 -10.04 12.48
CA THR B 816 -0.04 -11.48 12.66
C THR B 816 0.75 -11.79 13.93
N THR B 817 0.41 -12.92 14.54
CA THR B 817 1.20 -13.50 15.64
C THR B 817 1.87 -14.77 15.12
N THR B 818 3.09 -14.99 15.59
CA THR B 818 3.85 -16.18 15.30
C THR B 818 4.18 -16.90 16.62
N THR B 819 3.75 -18.17 16.70
CA THR B 819 3.96 -19.01 17.86
C THR B 819 5.01 -20.10 17.59
N THR B 820 6.06 -20.11 18.42
CA THR B 820 7.18 -21.03 18.31
C THR B 820 7.09 -22.10 19.40
N VAL B 821 6.88 -23.35 18.98
CA VAL B 821 6.78 -24.47 19.91
C VAL B 821 7.90 -25.49 19.71
N THR B 822 8.60 -25.80 20.80
CA THR B 822 9.70 -26.76 20.78
C THR B 822 9.29 -28.02 21.54
N LEU B 823 9.47 -29.17 20.88
CA LEU B 823 9.06 -30.45 21.47
C LEU B 823 10.24 -31.44 21.62
N LYS B 824 10.28 -32.09 22.77
CA LYS B 824 11.23 -33.16 23.03
C LYS B 824 10.50 -34.40 23.50
N ASN B 825 10.97 -35.57 23.06
CA ASN B 825 10.55 -36.83 23.66
C ASN B 825 11.27 -36.97 25.02
N THR B 826 10.53 -36.84 26.11
CA THR B 826 11.14 -36.83 27.45
C THR B 826 11.25 -38.19 28.15
N SER B 827 10.69 -39.24 27.55
CA SER B 827 10.65 -40.57 28.18
C SER B 827 12.01 -41.27 28.27
N GLY B 828 12.15 -42.18 29.24
CA GLY B 828 13.37 -42.93 29.45
C GLY B 828 13.54 -44.12 28.52
N GLY B 829 12.43 -44.64 28.01
CA GLY B 829 12.42 -45.89 27.26
C GLY B 829 13.02 -45.83 25.86
N ARG B 830 12.56 -46.76 25.02
CA ARG B 830 12.92 -46.81 23.60
C ARG B 830 11.73 -46.38 22.75
N LEU B 831 10.61 -46.10 23.44
CA LEU B 831 9.34 -45.76 22.78
C LEU B 831 9.33 -44.38 22.11
N PRO B 832 8.97 -44.34 20.82
CA PRO B 832 8.77 -43.06 20.11
C PRO B 832 7.49 -42.32 20.56
N ALA B 833 7.53 -40.99 20.54
CA ALA B 833 6.33 -40.18 20.73
C ALA B 833 5.66 -40.06 19.36
N PHE B 834 4.50 -40.72 19.23
CA PHE B 834 3.90 -40.94 17.92
C PHE B 834 2.72 -40.03 17.58
N TYR B 835 2.69 -39.56 16.33
CA TYR B 835 1.62 -38.71 15.78
C TYR B 835 1.14 -37.63 16.76
N VAL B 836 2.06 -36.70 17.06
CA VAL B 836 1.85 -35.60 18.00
C VAL B 836 1.30 -34.40 17.23
N ASP B 837 0.16 -33.89 17.70
CA ASP B 837 -0.64 -32.86 17.03
C ASP B 837 -0.66 -31.61 17.89
N SER B 838 -0.11 -30.52 17.37
CA SER B 838 -0.09 -29.26 18.11
C SER B 838 -1.16 -28.32 17.54
N LYS B 839 -1.95 -27.71 18.43
CA LYS B 839 -3.02 -26.77 18.04
C LYS B 839 -2.93 -25.45 18.79
N VAL B 840 -2.87 -24.34 18.06
CA VAL B 840 -2.96 -23.03 18.71
C VAL B 840 -4.40 -22.85 19.16
N VAL B 841 -4.57 -22.73 20.48
CA VAL B 841 -5.86 -22.53 21.10
C VAL B 841 -5.91 -21.27 21.97
N ASP B 842 -7.12 -20.77 22.21
CA ASP B 842 -7.34 -19.66 23.12
C ASP B 842 -7.36 -20.21 24.54
N SER B 843 -7.70 -19.36 25.51
CA SER B 843 -7.73 -19.75 26.92
C SER B 843 -8.79 -20.79 27.27
N ALA B 844 -9.63 -21.15 26.31
CA ALA B 844 -10.72 -22.10 26.55
C ALA B 844 -10.59 -23.34 25.67
N GLY B 845 -9.39 -23.58 25.16
CA GLY B 845 -9.12 -24.75 24.35
C GLY B 845 -9.75 -24.71 22.96
N LYS B 846 -10.39 -23.58 22.64
CA LYS B 846 -10.98 -23.35 21.31
C LYS B 846 -9.84 -23.09 20.31
N PRO B 847 -9.75 -23.92 19.24
CA PRO B 847 -8.71 -23.74 18.22
C PRO B 847 -8.84 -22.43 17.48
N VAL B 848 -7.71 -21.75 17.34
CA VAL B 848 -7.60 -20.48 16.65
C VAL B 848 -7.42 -20.75 15.15
N LEU B 849 -8.33 -20.20 14.35
CA LEU B 849 -8.36 -20.47 12.91
C LEU B 849 -8.69 -19.22 12.10
N PRO B 850 -8.10 -19.07 10.88
CA PRO B 850 -7.19 -20.01 10.21
C PRO B 850 -5.75 -19.98 10.76
N VAL B 851 -4.99 -21.03 10.48
CA VAL B 851 -3.62 -21.16 11.00
C VAL B 851 -2.71 -21.80 9.97
N GLU B 852 -1.41 -21.56 10.10
CA GLU B 852 -0.41 -22.12 9.19
C GLU B 852 0.86 -22.50 9.92
N TRP B 853 1.13 -23.80 9.99
CA TRP B 853 2.32 -24.35 10.61
C TRP B 853 3.33 -24.67 9.51
N ASN B 854 4.60 -24.84 9.85
CA ASN B 854 5.60 -25.27 8.88
C ASN B 854 5.66 -26.79 8.76
N ASP B 855 4.98 -27.46 9.68
CA ASP B 855 5.06 -28.90 9.91
C ASP B 855 4.21 -29.12 11.16
N ASN B 856 3.64 -30.32 11.29
CA ASN B 856 2.86 -30.72 12.47
C ASN B 856 2.76 -32.24 12.44
N ALA B 857 1.93 -32.83 13.30
CA ALA B 857 1.79 -34.30 13.40
C ALA B 857 3.15 -35.02 13.39
N VAL B 858 4.04 -34.53 14.25
CA VAL B 858 5.42 -35.02 14.28
C VAL B 858 5.56 -36.34 15.03
N SER B 859 6.66 -37.04 14.79
CA SER B 859 6.98 -38.25 15.52
C SER B 859 8.46 -38.23 15.92
N LEU B 860 8.69 -38.32 17.23
CA LEU B 860 10.03 -38.14 17.77
C LEU B 860 10.41 -39.34 18.63
N TRP B 861 11.56 -39.94 18.31
CA TRP B 861 12.13 -41.00 19.13
C TRP B 861 12.81 -40.37 20.34
N PRO B 862 13.09 -41.17 21.40
CA PRO B 862 13.51 -40.56 22.68
C PRO B 862 14.74 -39.66 22.55
N GLY B 863 14.70 -38.47 23.14
CA GLY B 863 15.79 -37.52 23.02
C GLY B 863 15.64 -36.55 21.85
N GLU B 864 15.06 -37.01 20.74
CA GLU B 864 14.89 -36.16 19.54
C GLU B 864 14.00 -34.94 19.78
N THR B 865 14.23 -33.90 18.99
CA THR B 865 13.63 -32.59 19.21
C THR B 865 13.17 -31.91 17.90
N THR B 866 12.04 -31.20 17.93
CA THR B 866 11.66 -30.36 16.78
C THR B 866 11.05 -28.99 17.13
N THR B 867 11.40 -27.98 16.34
CA THR B 867 10.85 -26.65 16.55
C THR B 867 9.82 -26.28 15.48
N LEU B 868 8.56 -26.15 15.91
CA LEU B 868 7.45 -25.83 15.01
C LEU B 868 7.03 -24.35 15.09
N THR B 869 6.68 -23.79 13.95
CA THR B 869 6.26 -22.39 13.82
C THR B 869 4.82 -22.32 13.33
N ALA B 870 3.95 -21.69 14.11
CA ALA B 870 2.57 -21.43 13.68
C ALA B 870 2.31 -19.93 13.49
N LYS B 871 1.69 -19.59 12.37
CA LYS B 871 1.33 -18.19 12.06
C LYS B 871 -0.18 -18.05 11.83
N TYR B 872 -0.74 -16.98 12.39
CA TYR B 872 -2.18 -16.70 12.37
C TYR B 872 -2.42 -15.20 12.63
N ARG B 873 -3.67 -14.75 12.53
CA ARG B 873 -3.98 -13.34 12.81
C ARG B 873 -4.13 -13.14 14.31
N THR B 874 -3.48 -12.10 14.83
CA THR B 874 -3.61 -11.74 16.25
C THR B 874 -5.08 -11.54 16.64
N ALA B 875 -5.86 -11.02 15.71
CA ALA B 875 -7.28 -10.76 15.97
C ALA B 875 -8.12 -12.03 16.20
N ASP B 876 -7.69 -13.16 15.61
CA ASP B 876 -8.47 -14.40 15.72
C ASP B 876 -8.28 -15.05 17.10
N LEU B 877 -7.47 -14.40 17.93
CA LEU B 877 -7.38 -14.73 19.35
C LEU B 877 -8.57 -14.14 20.10
N LYS B 878 -9.22 -13.18 19.45
CA LYS B 878 -10.29 -12.40 20.07
C LYS B 878 -9.92 -12.05 21.52
N GLY B 879 -8.78 -11.39 21.68
CA GLY B 879 -8.33 -10.93 22.99
C GLY B 879 -7.73 -11.95 23.95
N SER B 880 -7.91 -13.24 23.67
CA SER B 880 -7.35 -14.28 24.53
C SER B 880 -5.84 -14.34 24.44
N LYS B 881 -5.20 -14.89 25.45
CA LYS B 881 -3.79 -15.22 25.35
C LYS B 881 -3.70 -16.49 24.54
N PRO B 882 -2.61 -16.66 23.76
CA PRO B 882 -2.40 -17.88 23.01
C PRO B 882 -1.84 -19.03 23.86
N SER B 883 -2.27 -20.25 23.56
CA SER B 883 -1.72 -21.45 24.18
C SER B 883 -1.54 -22.51 23.12
N VAL B 884 -0.94 -23.64 23.50
CA VAL B 884 -0.80 -24.77 22.57
C VAL B 884 -1.27 -26.08 23.19
N ARG B 885 -2.22 -26.71 22.52
CA ARG B 885 -2.74 -28.01 22.90
C ARG B 885 -2.02 -29.10 22.12
N ILE B 886 -1.29 -29.92 22.85
CA ILE B 886 -0.50 -30.98 22.26
C ILE B 886 -1.15 -32.31 22.56
N SER B 887 -1.55 -33.00 21.49
CA SER B 887 -2.17 -34.31 21.59
C SER B 887 -1.39 -35.30 20.79
N GLY B 888 -0.93 -36.37 21.45
CA GLY B 888 -0.30 -37.45 20.73
C GLY B 888 -1.07 -38.75 20.91
N TRP B 889 -0.80 -39.69 20.01
CA TRP B 889 -1.36 -41.03 20.10
C TRP B 889 -1.00 -41.70 21.42
N ASN B 890 0.28 -41.69 21.78
CA ASN B 890 0.77 -42.30 23.01
C ASN B 890 1.46 -41.28 23.92
N THR B 891 0.92 -40.07 23.99
CA THR B 891 1.48 -39.01 24.83
C THR B 891 0.41 -38.20 25.59
N GLY B 892 -0.85 -38.60 25.46
CA GLY B 892 -1.95 -37.86 26.09
C GLY B 892 -2.13 -36.44 25.57
N THR B 893 -2.82 -35.62 26.36
CA THR B 893 -3.11 -34.24 25.99
C THR B 893 -2.62 -33.32 27.09
N GLN B 894 -1.78 -32.37 26.71
CA GLN B 894 -1.38 -31.31 27.61
C GLN B 894 -1.48 -30.01 26.85
N THR B 895 -1.66 -28.91 27.56
CA THR B 895 -1.70 -27.63 26.90
C THR B 895 -0.74 -26.70 27.63
N VAL B 896 0.19 -26.11 26.89
CA VAL B 896 1.12 -25.16 27.48
C VAL B 896 0.76 -23.74 27.05
N PRO B 897 0.96 -22.76 27.95
CA PRO B 897 0.83 -21.33 27.60
C PRO B 897 1.92 -20.92 26.62
N ALA B 898 1.70 -19.86 25.85
CA ALA B 898 2.70 -19.39 24.87
C ALA B 898 3.09 -17.91 25.01
N ASP B 899 3.22 -17.35 26.10
#